data_8QL1
#
_entry.id   8QL1
#
_cell.length_a   237.160
_cell.length_b   69.818
_cell.length_c   103.183
_cell.angle_alpha   90.00
_cell.angle_beta   91.79
_cell.angle_gamma   90.00
#
_symmetry.space_group_name_H-M   'C 1 2 1'
#
loop_
_entity.id
_entity.type
_entity.pdbx_description
1 polymer NDE1
2 polymer 'Notchless protein homolog 1'
3 non-polymer 'MAGNESIUM ION'
4 water water
#
loop_
_entity_poly.entity_id
_entity_poly.type
_entity_poly.pdbx_seq_one_letter_code
_entity_poly.pdbx_strand_id
1 'polypeptide(L)'
;ELERQLEMWQPRESGNPEEEKVAAEMWQSYLILTAPLSQRLCEELRLILEGSGKPSKRQYQICLAIDDSSSMVDNHTKQL
AFESLAVIGNALTLLEVGQIAVCSFGESVKLLHPFHEQFSDYSGSQILRLCKFQQKKTKIAQFLESVANMFAAAQQLSQN
ISSETAQLLLVVSDGRGLFLEGKERVLAAVQAARNANIFVIFVVLDNPSSRDSILDIKVPIFKGPGEMPEIRSYMEEFPF
PYYIILRDVNALPETLSDALRQWFELVTASDHPHHHHHH
;
A,C,E,G
2 'polypeptide(L)'
;HHHHHHGSVARDVQRLLVQFQDEGGQLLGSPFDVPVDITPDRLQLVCNALLAQEDPLPLAFFVHDAEIVSSLGKTLESQA
VETEKVLDIIYQPQAIFRVRAVT
;
B,D,F,H
#
loop_
_chem_comp.id
_chem_comp.type
_chem_comp.name
_chem_comp.formula
MG non-polymer 'MAGNESIUM ION' 'Mg 2'
#
# COMPACT_ATOMS: atom_id res chain seq x y z
N PRO A 17 8.17 -16.22 -25.88
CA PRO A 17 7.78 -16.62 -24.53
C PRO A 17 9.00 -16.85 -23.65
N GLU A 18 10.01 -17.50 -24.23
CA GLU A 18 11.29 -17.68 -23.55
C GLU A 18 12.10 -16.40 -23.60
N GLU A 19 11.72 -15.46 -24.47
CA GLU A 19 12.39 -14.18 -24.60
C GLU A 19 12.13 -13.27 -23.40
N GLU A 20 11.85 -13.88 -22.24
CA GLU A 20 11.83 -13.17 -20.96
C GLU A 20 13.23 -12.68 -20.63
N LYS A 21 14.23 -13.29 -21.28
CA LYS A 21 15.62 -12.86 -21.19
C LYS A 21 15.78 -11.40 -21.56
N VAL A 22 15.07 -10.97 -22.60
CA VAL A 22 15.12 -9.57 -23.02
C VAL A 22 14.60 -8.66 -21.91
N ALA A 23 13.47 -9.05 -21.30
CA ALA A 23 12.92 -8.25 -20.22
C ALA A 23 13.82 -8.28 -18.99
N ALA A 24 14.36 -9.45 -18.65
CA ALA A 24 15.24 -9.55 -17.48
C ALA A 24 16.52 -8.74 -17.68
N GLU A 25 17.09 -8.79 -18.88
CA GLU A 25 18.28 -7.98 -19.16
C GLU A 25 17.98 -6.49 -19.06
N MET A 26 16.80 -6.08 -19.55
CA MET A 26 16.42 -4.68 -19.49
C MET A 26 16.22 -4.21 -18.06
N TRP A 27 15.55 -5.03 -17.24
CA TRP A 27 15.38 -4.67 -15.83
C TRP A 27 16.72 -4.58 -15.11
N GLN A 28 17.65 -5.49 -15.42
CA GLN A 28 18.97 -5.45 -14.79
C GLN A 28 19.71 -4.15 -15.12
N SER A 29 19.55 -3.65 -16.35
CA SER A 29 20.17 -2.39 -16.71
C SER A 29 19.55 -1.22 -15.96
N TYR A 30 18.25 -1.31 -15.64
CA TYR A 30 17.62 -0.28 -14.82
C TYR A 30 18.14 -0.32 -13.39
N LEU A 31 18.34 -1.52 -12.84
CA LEU A 31 18.85 -1.65 -11.47
C LEU A 31 20.25 -1.06 -11.34
N ILE A 32 21.05 -1.13 -12.40
CA ILE A 32 22.39 -0.55 -12.35
C ILE A 32 22.32 0.96 -12.18
N LEU A 33 21.40 1.61 -12.88
CA LEU A 33 21.29 3.07 -12.80
C LEU A 33 20.64 3.52 -11.50
N THR A 34 19.68 2.75 -10.99
CA THR A 34 18.82 3.20 -9.90
C THR A 34 19.22 2.65 -8.53
N ALA A 35 20.27 1.83 -8.45
CA ALA A 35 20.67 1.26 -7.17
C ALA A 35 21.01 2.32 -6.12
N PRO A 36 21.87 3.32 -6.39
CA PRO A 36 22.15 4.32 -5.35
C PRO A 36 20.92 5.13 -4.95
N LEU A 37 20.05 5.43 -5.91
CA LEU A 37 18.85 6.20 -5.61
C LEU A 37 17.92 5.42 -4.68
N SER A 38 17.79 4.10 -4.89
CA SER A 38 16.92 3.30 -4.05
C SER A 38 17.43 3.21 -2.62
N GLN A 39 18.74 3.20 -2.41
CA GLN A 39 19.27 3.22 -1.05
C GLN A 39 19.06 4.56 -0.39
N ARG A 40 19.26 5.67 -1.11
CA ARG A 40 19.00 6.98 -0.53
C ARG A 40 17.54 7.13 -0.14
N LEU A 41 16.62 6.58 -0.95
CA LEU A 41 15.21 6.65 -0.62
C LEU A 41 14.88 5.79 0.59
N CYS A 42 15.45 4.59 0.67
CA CYS A 42 15.26 3.73 1.84
C CYS A 42 15.71 4.42 3.12
N GLU A 43 16.90 5.01 3.11
CA GLU A 43 17.44 5.66 4.29
C GLU A 43 16.59 6.86 4.70
N GLU A 44 16.22 7.70 3.72
CA GLU A 44 15.44 8.89 4.05
C GLU A 44 14.06 8.51 4.58
N LEU A 45 13.46 7.44 4.05
CA LEU A 45 12.20 6.96 4.60
C LEU A 45 12.37 6.40 6.00
N ARG A 46 13.48 5.69 6.26
CA ARG A 46 13.70 5.15 7.60
C ARG A 46 13.82 6.27 8.63
N LEU A 47 14.55 7.33 8.29
CA LEU A 47 14.70 8.47 9.20
C LEU A 47 13.35 9.09 9.51
N ILE A 48 12.48 9.19 8.51
CA ILE A 48 11.17 9.81 8.70
C ILE A 48 10.27 8.87 9.50
N LEU A 49 10.40 7.56 9.30
CA LEU A 49 9.44 6.63 9.89
C LEU A 49 9.61 6.49 11.39
N GLU A 50 10.80 6.77 11.93
CA GLU A 50 10.99 6.80 13.37
C GLU A 50 10.95 8.27 13.78
N GLY A 51 9.77 8.72 14.23
CA GLY A 51 9.57 10.12 14.59
C GLY A 51 8.21 10.36 15.20
N LYS A 57 3.65 -1.49 15.37
CA LYS A 57 3.41 -2.89 15.07
C LYS A 57 2.54 -3.05 13.84
N ARG A 58 1.95 -1.94 13.39
CA ARG A 58 1.03 -1.98 12.27
C ARG A 58 1.75 -2.35 10.98
N GLN A 59 0.97 -2.84 10.01
CA GLN A 59 1.48 -3.31 8.73
C GLN A 59 1.03 -2.37 7.62
N TYR A 60 1.87 -2.26 6.59
CA TYR A 60 1.65 -1.35 5.48
C TYR A 60 1.36 -2.12 4.20
N GLN A 61 0.41 -1.60 3.42
CA GLN A 61 0.07 -2.16 2.11
C GLN A 61 0.18 -1.04 1.07
N ILE A 62 1.10 -1.20 0.13
CA ILE A 62 1.41 -0.17 -0.86
C ILE A 62 1.16 -0.74 -2.26
N CYS A 63 0.43 0.00 -3.09
CA CYS A 63 0.18 -0.36 -4.47
C CYS A 63 0.84 0.65 -5.39
N LEU A 64 1.61 0.16 -6.36
CA LEU A 64 2.19 0.99 -7.40
C LEU A 64 1.40 0.80 -8.68
N ALA A 65 0.89 1.90 -9.23
CA ALA A 65 0.04 1.88 -10.42
C ALA A 65 0.79 2.53 -11.58
N ILE A 66 0.97 1.79 -12.66
CA ILE A 66 1.69 2.27 -13.83
C ILE A 66 0.70 2.62 -14.93
N ASP A 67 0.84 3.82 -15.48
CA ASP A 67 0.02 4.28 -16.59
C ASP A 67 0.54 3.62 -17.87
N ASP A 68 -0.27 2.75 -18.47
CA ASP A 68 0.13 1.99 -19.65
C ASP A 68 -0.44 2.57 -20.93
N SER A 69 -0.86 3.84 -20.93
CA SER A 69 -1.47 4.45 -22.09
C SER A 69 -0.40 5.00 -23.04
N SER A 70 -0.78 5.17 -24.30
CA SER A 70 0.19 5.51 -25.34
C SER A 70 0.68 6.95 -25.25
N SER A 71 -0.01 7.82 -24.49
CA SER A 71 0.49 9.17 -24.28
C SER A 71 1.82 9.19 -23.54
N MET A 72 2.13 8.13 -22.78
CA MET A 72 3.43 8.04 -22.12
C MET A 72 4.55 8.04 -23.15
N VAL A 73 4.33 7.44 -24.33
CA VAL A 73 5.31 7.49 -25.39
C VAL A 73 5.35 8.87 -26.02
N ASP A 74 4.18 9.49 -26.24
CA ASP A 74 4.14 10.83 -26.81
C ASP A 74 4.84 11.83 -25.91
N ASN A 75 4.66 11.72 -24.60
CA ASN A 75 5.24 12.64 -23.65
C ASN A 75 6.62 12.22 -23.16
N HIS A 76 7.16 11.11 -23.67
CA HIS A 76 8.50 10.63 -23.33
C HIS A 76 8.65 10.44 -21.81
N THR A 77 7.65 9.82 -21.21
CA THR A 77 7.66 9.49 -19.78
C THR A 77 7.78 7.99 -19.54
N LYS A 78 8.15 7.23 -20.58
CA LYS A 78 8.29 5.79 -20.45
C LYS A 78 9.50 5.43 -19.57
N GLN A 79 10.64 6.09 -19.82
CA GLN A 79 11.84 5.81 -19.03
C GLN A 79 11.65 6.24 -17.58
N LEU A 80 11.06 7.43 -17.37
CA LEU A 80 10.77 7.90 -16.01
C LEU A 80 9.88 6.92 -15.26
N ALA A 81 8.94 6.29 -15.97
CA ALA A 81 8.02 5.35 -15.33
C ALA A 81 8.76 4.10 -14.85
N PHE A 82 9.62 3.53 -15.70
CA PHE A 82 10.35 2.33 -15.32
C PHE A 82 11.41 2.64 -14.27
N GLU A 83 12.12 3.76 -14.42
CA GLU A 83 13.09 4.17 -13.42
C GLU A 83 12.43 4.38 -12.06
N SER A 84 11.25 5.00 -12.05
CA SER A 84 10.56 5.23 -10.78
C SER A 84 10.13 3.92 -10.14
N LEU A 85 9.63 2.97 -10.94
CA LEU A 85 9.23 1.68 -10.39
C LEU A 85 10.42 0.95 -9.79
N ALA A 86 11.57 1.00 -10.44
CA ALA A 86 12.77 0.36 -9.91
C ALA A 86 13.22 1.01 -8.61
N VAL A 87 13.23 2.35 -8.58
CA VAL A 87 13.65 3.06 -7.37
C VAL A 87 12.69 2.78 -6.23
N ILE A 88 11.39 2.97 -6.47
CA ILE A 88 10.40 2.88 -5.39
C ILE A 88 10.24 1.44 -4.93
N GLY A 89 10.04 0.51 -5.88
CA GLY A 89 9.75 -0.87 -5.51
C GLY A 89 10.88 -1.52 -4.74
N ASN A 90 12.12 -1.20 -5.09
CA ASN A 90 13.26 -1.79 -4.40
C ASN A 90 13.53 -1.10 -3.07
N ALA A 91 13.29 0.21 -2.98
CA ALA A 91 13.47 0.91 -1.71
C ALA A 91 12.50 0.39 -0.66
N LEU A 92 11.24 0.15 -1.06
CA LEU A 92 10.27 -0.41 -0.12
C LEU A 92 10.64 -1.84 0.27
N THR A 93 11.26 -2.59 -0.64
CA THR A 93 11.72 -3.93 -0.31
C THR A 93 12.91 -3.88 0.63
N LEU A 94 13.86 -2.97 0.39
CA LEU A 94 14.98 -2.79 1.31
C LEU A 94 14.51 -2.37 2.69
N LEU A 95 13.49 -1.50 2.75
CA LEU A 95 13.01 -1.00 4.03
C LEU A 95 12.17 -2.01 4.80
N GLU A 96 11.72 -3.09 4.17
CA GLU A 96 10.94 -4.12 4.84
C GLU A 96 9.66 -3.52 5.45
N VAL A 97 9.00 -2.68 4.67
CA VAL A 97 7.78 -2.03 5.14
C VAL A 97 6.60 -2.98 5.09
N GLY A 98 6.47 -3.78 4.05
CA GLY A 98 5.28 -4.61 3.95
C GLY A 98 5.06 -5.14 2.55
N GLN A 99 3.78 -5.28 2.21
CA GLN A 99 3.34 -5.90 0.98
C GLN A 99 3.20 -4.86 -0.14
N ILE A 100 3.73 -5.19 -1.31
CA ILE A 100 3.72 -4.31 -2.47
C ILE A 100 2.91 -4.97 -3.57
N ALA A 101 1.94 -4.24 -4.11
CA ALA A 101 1.16 -4.67 -5.27
C ALA A 101 1.44 -3.73 -6.43
N VAL A 102 1.49 -4.28 -7.64
CA VAL A 102 1.69 -3.49 -8.85
C VAL A 102 0.49 -3.68 -9.77
N CYS A 103 -0.04 -2.57 -10.26
CA CYS A 103 -1.17 -2.56 -11.18
C CYS A 103 -0.83 -1.74 -12.40
N SER A 104 -1.45 -2.08 -13.52
CA SER A 104 -1.41 -1.26 -14.72
C SER A 104 -2.82 -0.86 -15.08
N PHE A 105 -2.97 0.34 -15.65
CA PHE A 105 -4.27 0.83 -16.04
C PHE A 105 -4.16 1.58 -17.36
N GLY A 106 -5.31 1.75 -18.00
CA GLY A 106 -5.40 2.41 -19.29
C GLY A 106 -6.74 2.14 -19.95
N GLU A 107 -6.81 1.05 -20.72
CA GLU A 107 -8.09 0.56 -21.22
C GLU A 107 -8.75 -0.43 -20.26
N SER A 108 -7.96 -1.06 -19.38
CA SER A 108 -8.47 -1.97 -18.37
C SER A 108 -7.45 -2.06 -17.25
N VAL A 109 -7.87 -2.64 -16.13
CA VAL A 109 -7.04 -2.79 -14.95
C VAL A 109 -6.44 -4.19 -14.93
N LYS A 110 -5.13 -4.28 -14.75
CA LYS A 110 -4.42 -5.55 -14.65
C LYS A 110 -3.65 -5.58 -13.33
N LEU A 111 -3.77 -6.68 -12.60
CA LEU A 111 -2.98 -6.92 -11.40
C LEU A 111 -1.73 -7.67 -11.81
N LEU A 112 -0.59 -6.97 -11.86
CA LEU A 112 0.65 -7.56 -12.30
C LEU A 112 1.45 -8.20 -11.17
N HIS A 113 1.22 -7.78 -9.93
CA HIS A 113 1.88 -8.41 -8.79
C HIS A 113 0.98 -8.35 -7.57
N PRO A 114 0.61 -9.49 -7.00
CA PRO A 114 -0.30 -9.49 -5.85
C PRO A 114 0.41 -9.12 -4.55
N PHE A 115 -0.42 -8.79 -3.55
CA PHE A 115 0.11 -8.40 -2.24
C PHE A 115 0.90 -9.55 -1.60
N HIS A 116 0.30 -10.73 -1.50
CA HIS A 116 0.89 -11.80 -0.71
C HIS A 116 2.16 -12.38 -1.33
N GLU A 117 2.40 -12.16 -2.61
CA GLU A 117 3.64 -12.63 -3.21
C GLU A 117 4.75 -11.62 -2.93
N GLN A 118 5.97 -12.12 -2.77
CA GLN A 118 7.09 -11.23 -2.49
C GLN A 118 7.61 -10.57 -3.76
N PHE A 119 7.95 -9.30 -3.64
CA PHE A 119 8.43 -8.49 -4.76
C PHE A 119 9.94 -8.68 -4.93
N SER A 120 10.34 -9.22 -6.08
CA SER A 120 11.73 -9.52 -6.37
C SER A 120 12.11 -8.94 -7.72
N ASP A 121 13.34 -9.22 -8.16
CA ASP A 121 13.80 -8.79 -9.47
C ASP A 121 12.99 -9.45 -10.58
N TYR A 122 12.59 -10.71 -10.38
CA TYR A 122 11.77 -11.39 -11.36
C TYR A 122 10.42 -10.71 -11.53
N SER A 123 9.89 -10.15 -10.44
CA SER A 123 8.65 -9.37 -10.53
C SER A 123 8.83 -8.15 -11.43
N GLY A 124 9.97 -7.47 -11.29
CA GLY A 124 10.20 -6.29 -12.11
C GLY A 124 10.36 -6.61 -13.58
N SER A 125 11.00 -7.75 -13.88
CA SER A 125 11.13 -8.17 -15.28
C SER A 125 9.75 -8.47 -15.88
N GLN A 126 8.85 -9.02 -15.07
CA GLN A 126 7.51 -9.36 -15.57
C GLN A 126 6.72 -8.11 -15.92
N ILE A 127 6.82 -7.07 -15.08
CA ILE A 127 6.13 -5.81 -15.33
C ILE A 127 6.70 -5.14 -16.58
N LEU A 128 8.02 -5.23 -16.76
CA LEU A 128 8.66 -4.64 -17.93
C LEU A 128 8.15 -5.27 -19.22
N ARG A 129 7.99 -6.59 -19.23
CA ARG A 129 7.54 -7.29 -20.43
C ARG A 129 6.10 -6.97 -20.78
N LEU A 130 5.25 -6.75 -19.77
CA LEU A 130 3.82 -6.62 -19.99
C LEU A 130 3.35 -5.18 -20.15
N CYS A 131 4.22 -4.20 -19.95
CA CYS A 131 3.87 -2.79 -20.10
C CYS A 131 4.54 -2.27 -21.37
N LYS A 132 3.78 -2.19 -22.45
CA LYS A 132 4.28 -1.70 -23.73
C LYS A 132 3.76 -0.33 -24.07
N PHE A 133 2.92 0.27 -23.21
CA PHE A 133 2.43 1.64 -23.38
C PHE A 133 1.76 1.85 -24.74
N GLN A 134 0.89 0.91 -25.09
CA GLN A 134 0.17 0.94 -26.35
C GLN A 134 -1.34 1.01 -26.18
N GLN A 135 -1.83 1.17 -24.95
CA GLN A 135 -3.26 1.23 -24.71
C GLN A 135 -3.82 2.59 -25.14
N LYS A 136 -5.06 2.56 -25.62
CA LYS A 136 -5.64 3.71 -26.31
C LYS A 136 -6.46 4.62 -25.39
N LYS A 137 -6.59 4.29 -24.11
CA LYS A 137 -7.31 5.09 -23.14
C LYS A 137 -6.50 5.24 -21.86
N THR A 138 -6.87 6.26 -21.08
CA THR A 138 -6.29 6.51 -19.76
C THR A 138 -7.47 6.61 -18.77
N LYS A 139 -8.10 5.47 -18.49
CA LYS A 139 -9.28 5.45 -17.62
C LYS A 139 -8.82 5.41 -16.17
N ILE A 140 -8.56 6.60 -15.62
CA ILE A 140 -8.09 6.68 -14.24
C ILE A 140 -9.25 6.48 -13.27
N ALA A 141 -10.46 6.90 -13.65
CA ALA A 141 -11.62 6.70 -12.78
C ALA A 141 -11.98 5.23 -12.67
N GLN A 142 -11.97 4.51 -13.79
CA GLN A 142 -12.18 3.06 -13.76
C GLN A 142 -11.14 2.38 -12.87
N PHE A 143 -9.89 2.84 -12.93
CA PHE A 143 -8.84 2.24 -12.12
C PHE A 143 -9.12 2.45 -10.63
N LEU A 144 -9.38 3.70 -10.23
CA LEU A 144 -9.58 4.01 -8.82
C LEU A 144 -10.77 3.26 -8.24
N GLU A 145 -11.86 3.15 -9.01
CA GLU A 145 -13.04 2.43 -8.54
C GLU A 145 -12.75 0.95 -8.34
N SER A 146 -11.83 0.38 -9.11
CA SER A 146 -11.54 -1.05 -8.99
C SER A 146 -10.58 -1.35 -7.84
N VAL A 147 -9.62 -0.47 -7.57
CA VAL A 147 -8.60 -0.76 -6.56
C VAL A 147 -9.20 -0.77 -5.17
N ALA A 148 -10.30 -0.04 -4.96
CA ALA A 148 -10.95 -0.02 -3.65
C ALA A 148 -11.38 -1.42 -3.24
N ASN A 149 -11.93 -2.20 -4.18
CA ASN A 149 -12.29 -3.58 -3.87
C ASN A 149 -11.04 -4.41 -3.57
N MET A 150 -9.95 -4.15 -4.29
CA MET A 150 -8.72 -4.91 -4.08
C MET A 150 -8.09 -4.55 -2.74
N PHE A 151 -8.05 -3.27 -2.39
CA PHE A 151 -7.56 -2.87 -1.07
C PHE A 151 -8.45 -3.39 0.05
N ALA A 152 -9.77 -3.25 -0.10
CA ALA A 152 -10.69 -3.64 0.96
C ALA A 152 -10.61 -5.14 1.25
N ALA A 153 -10.37 -5.96 0.22
CA ALA A 153 -10.26 -7.39 0.43
C ALA A 153 -8.99 -7.75 1.21
N ALA A 154 -7.94 -6.95 1.08
CA ALA A 154 -6.68 -7.25 1.75
C ALA A 154 -6.57 -6.59 3.11
N GLN A 155 -7.32 -5.52 3.36
CA GLN A 155 -7.40 -4.97 4.71
C GLN A 155 -7.97 -6.00 5.68
N GLN A 156 -8.95 -6.79 5.23
CA GLN A 156 -9.58 -7.79 6.08
C GLN A 156 -8.83 -9.11 6.11
N LEU A 157 -7.85 -9.31 5.22
CA LEU A 157 -7.05 -10.53 5.26
C LEU A 157 -6.08 -10.52 6.43
N SER A 158 -5.61 -9.34 6.84
CA SER A 158 -4.67 -9.23 7.94
C SER A 158 -5.39 -9.05 9.27
N THR A 165 -4.20 -1.67 9.37
CA THR A 165 -3.14 -1.52 8.38
C THR A 165 -3.29 -0.24 7.58
N ALA A 166 -2.16 0.37 7.23
CA ALA A 166 -2.14 1.61 6.45
C ALA A 166 -1.94 1.30 4.97
N GLN A 167 -2.81 1.86 4.14
CA GLN A 167 -2.84 1.59 2.70
C GLN A 167 -2.45 2.82 1.91
N LEU A 168 -1.57 2.62 0.92
CA LEU A 168 -0.99 3.71 0.15
C LEU A 168 -1.01 3.37 -1.34
N LEU A 169 -1.48 4.31 -2.16
CA LEU A 169 -1.52 4.16 -3.61
C LEU A 169 -0.62 5.21 -4.25
N LEU A 170 0.30 4.76 -5.10
CA LEU A 170 1.21 5.64 -5.84
C LEU A 170 0.92 5.50 -7.33
N VAL A 171 0.49 6.58 -7.96
CA VAL A 171 0.13 6.59 -9.37
C VAL A 171 1.29 7.19 -10.16
N VAL A 172 1.84 6.41 -11.08
CA VAL A 172 2.98 6.82 -11.90
C VAL A 172 2.44 7.06 -13.31
N SER A 173 2.27 8.33 -13.67
CA SER A 173 1.57 8.69 -14.91
C SER A 173 2.02 10.06 -15.36
N ASP A 174 1.79 10.35 -16.64
CA ASP A 174 2.03 11.70 -17.12
C ASP A 174 0.96 12.68 -16.68
N GLY A 175 -0.14 12.20 -16.10
CA GLY A 175 -1.16 13.10 -15.59
C GLY A 175 -1.84 13.95 -16.62
N ARG A 176 -1.86 13.54 -17.88
CA ARG A 176 -2.46 14.30 -18.96
C ARG A 176 -3.52 13.47 -19.65
N GLY A 177 -4.60 14.12 -20.07
CA GLY A 177 -5.72 13.45 -20.70
C GLY A 177 -6.52 12.59 -19.74
N LEU A 178 -6.83 13.13 -18.57
CA LEU A 178 -7.46 12.39 -17.50
C LEU A 178 -8.97 12.60 -17.41
N PHE A 179 -9.55 13.41 -18.29
CA PHE A 179 -10.94 13.84 -18.15
C PHE A 179 -11.84 13.28 -19.23
N LEU A 180 -11.39 12.29 -20.00
CA LEU A 180 -12.23 11.72 -21.04
C LEU A 180 -13.44 11.00 -20.46
N GLU A 181 -13.32 10.48 -19.24
CA GLU A 181 -14.46 9.86 -18.56
C GLU A 181 -15.41 10.88 -17.95
N GLY A 182 -15.06 12.15 -17.97
CA GLY A 182 -15.85 13.16 -17.30
C GLY A 182 -15.21 13.64 -16.01
N LYS A 183 -15.18 14.95 -15.80
CA LYS A 183 -14.52 15.50 -14.63
C LYS A 183 -15.26 15.10 -13.34
N GLU A 184 -16.60 15.15 -13.36
CA GLU A 184 -17.36 14.82 -12.16
C GLU A 184 -17.13 13.37 -11.74
N ARG A 185 -17.02 12.45 -12.69
CA ARG A 185 -16.77 11.06 -12.34
C ARG A 185 -15.36 10.87 -11.79
N VAL A 186 -14.36 11.52 -12.39
CA VAL A 186 -12.99 11.39 -11.93
C VAL A 186 -12.84 11.93 -10.50
N LEU A 187 -13.43 13.11 -10.25
CA LEU A 187 -13.33 13.70 -8.91
C LEU A 187 -13.98 12.81 -7.86
N ALA A 188 -15.12 12.20 -8.20
CA ALA A 188 -15.78 11.30 -7.26
C ALA A 188 -14.95 10.05 -6.99
N ALA A 189 -14.19 9.58 -7.99
CA ALA A 189 -13.39 8.38 -7.79
C ALA A 189 -12.22 8.64 -6.85
N VAL A 190 -11.62 9.83 -6.95
CA VAL A 190 -10.58 10.21 -5.99
C VAL A 190 -11.18 10.35 -4.60
N GLN A 191 -12.35 10.96 -4.50
CA GLN A 191 -13.00 11.13 -3.20
C GLN A 191 -13.38 9.78 -2.59
N ALA A 192 -13.76 8.82 -3.42
CA ALA A 192 -14.13 7.51 -2.91
C ALA A 192 -12.93 6.75 -2.35
N ALA A 193 -11.75 6.93 -2.94
CA ALA A 193 -10.54 6.30 -2.41
C ALA A 193 -10.20 6.86 -1.04
N ARG A 194 -10.32 8.17 -0.87
CA ARG A 194 -10.06 8.78 0.43
C ARG A 194 -11.06 8.28 1.47
N ASN A 195 -12.34 8.21 1.09
CA ASN A 195 -13.36 7.74 2.02
C ASN A 195 -13.10 6.30 2.44
N ALA A 196 -12.41 5.53 1.60
CA ALA A 196 -11.98 4.18 1.93
C ALA A 196 -10.67 4.14 2.70
N ASN A 197 -10.18 5.31 3.14
CA ASN A 197 -8.94 5.41 3.92
C ASN A 197 -7.71 4.96 3.14
N ILE A 198 -7.73 5.17 1.83
CA ILE A 198 -6.58 4.95 0.97
C ILE A 198 -5.91 6.29 0.71
N PHE A 199 -4.63 6.40 1.06
CA PHE A 199 -3.87 7.61 0.81
C PHE A 199 -3.26 7.53 -0.59
N VAL A 200 -3.53 8.55 -1.40
CA VAL A 200 -3.14 8.57 -2.81
C VAL A 200 -2.14 9.70 -3.02
N ILE A 201 -1.02 9.38 -3.65
CA ILE A 201 -0.04 10.37 -4.09
C ILE A 201 0.18 10.16 -5.58
N PHE A 202 -0.05 11.21 -6.36
CA PHE A 202 0.11 11.15 -7.81
C PHE A 202 1.53 11.60 -8.15
N VAL A 203 2.28 10.72 -8.81
CA VAL A 203 3.65 11.04 -9.23
C VAL A 203 3.54 11.51 -10.68
N VAL A 204 3.58 12.83 -10.86
CA VAL A 204 3.43 13.42 -12.19
C VAL A 204 4.79 13.40 -12.88
N LEU A 205 4.87 12.66 -13.99
CA LEU A 205 6.10 12.56 -14.77
C LEU A 205 6.10 13.68 -15.80
N ASP A 206 7.15 14.50 -15.78
CA ASP A 206 7.24 15.69 -16.63
C ASP A 206 8.63 15.74 -17.23
N ASN A 207 8.77 15.26 -18.46
CA ASN A 207 10.08 15.21 -19.10
C ASN A 207 10.51 16.62 -19.49
N PRO A 208 11.69 17.08 -19.08
CA PRO A 208 12.12 18.43 -19.48
C PRO A 208 12.34 18.58 -20.98
N SER A 209 12.65 17.50 -21.68
CA SER A 209 12.89 17.58 -23.12
C SER A 209 11.62 17.88 -23.90
N SER A 210 10.47 17.52 -23.35
CA SER A 210 9.21 17.70 -24.06
C SER A 210 8.95 19.17 -24.38
N ARG A 211 8.17 19.38 -25.44
CA ARG A 211 7.89 20.73 -25.91
C ARG A 211 7.15 21.55 -24.86
N ASP A 212 6.14 20.97 -24.24
CA ASP A 212 5.34 21.65 -23.23
C ASP A 212 5.40 20.90 -21.91
N SER A 213 5.62 21.64 -20.82
CA SER A 213 5.48 21.07 -19.50
C SER A 213 4.00 21.04 -19.10
N ILE A 214 3.66 20.10 -18.22
CA ILE A 214 2.29 20.03 -17.72
C ILE A 214 1.93 21.30 -16.97
N LEU A 215 2.93 22.06 -16.51
CA LEU A 215 2.68 23.34 -15.86
C LEU A 215 2.24 24.42 -16.85
N ASP A 216 2.48 24.21 -18.14
CA ASP A 216 2.14 25.20 -19.16
C ASP A 216 0.77 24.96 -19.79
N ILE A 217 0.17 23.79 -19.59
CA ILE A 217 -1.15 23.53 -20.14
C ILE A 217 -2.16 24.44 -19.44
N LYS A 218 -3.11 24.97 -20.20
CA LYS A 218 -4.06 25.94 -19.69
C LYS A 218 -5.48 25.43 -19.87
N VAL A 219 -6.41 26.09 -19.19
CA VAL A 219 -7.82 25.74 -19.28
C VAL A 219 -8.64 27.03 -19.26
N PRO A 220 -9.55 27.22 -20.22
CA PRO A 220 -10.37 28.44 -20.23
C PRO A 220 -11.62 28.30 -19.38
N ILE A 221 -11.99 29.39 -18.72
CA ILE A 221 -13.22 29.48 -17.95
C ILE A 221 -14.07 30.60 -18.56
N PHE A 222 -15.28 30.26 -18.99
CA PHE A 222 -16.17 31.20 -19.67
C PHE A 222 -17.24 31.71 -18.71
N LYS A 223 -17.67 32.95 -18.93
CA LYS A 223 -18.81 33.48 -18.20
C LYS A 223 -19.39 34.65 -18.97
N GLY A 224 -20.62 34.51 -19.45
CA GLY A 224 -21.29 35.54 -20.19
C GLY A 224 -21.13 35.40 -21.69
N PRO A 225 -22.13 35.86 -22.45
CA PRO A 225 -22.08 35.74 -23.91
C PRO A 225 -21.10 36.72 -24.53
N GLY A 226 -20.14 36.18 -25.29
CA GLY A 226 -19.14 36.98 -25.96
C GLY A 226 -18.10 37.62 -25.07
N GLU A 227 -18.14 37.39 -23.75
CA GLU A 227 -17.15 38.00 -22.87
C GLU A 227 -15.86 37.20 -22.90
N MET A 228 -14.76 37.89 -22.67
CA MET A 228 -13.46 37.25 -22.73
C MET A 228 -13.37 36.16 -21.66
N PRO A 229 -12.78 35.00 -21.98
CA PRO A 229 -12.67 33.94 -20.98
C PRO A 229 -11.46 34.13 -20.10
N GLU A 230 -11.54 33.57 -18.90
CA GLU A 230 -10.42 33.55 -17.97
C GLU A 230 -9.53 32.35 -18.27
N ILE A 231 -8.24 32.59 -18.41
CA ILE A 231 -7.27 31.56 -18.77
C ILE A 231 -6.51 31.14 -17.51
N ARG A 232 -6.83 29.96 -16.98
CA ARG A 232 -6.17 29.40 -15.82
C ARG A 232 -5.23 28.27 -16.23
N SER A 233 -4.45 27.79 -15.27
CA SER A 233 -3.56 26.68 -15.51
C SER A 233 -4.30 25.36 -15.36
N TYR A 234 -3.95 24.39 -16.21
CA TYR A 234 -4.60 23.08 -16.16
C TYR A 234 -4.41 22.41 -14.81
N MET A 235 -3.24 22.62 -14.18
CA MET A 235 -2.99 22.01 -12.88
C MET A 235 -3.90 22.57 -11.79
N GLU A 236 -4.56 23.71 -12.03
CA GLU A 236 -5.50 24.23 -11.03
C GLU A 236 -6.73 23.35 -10.88
N GLU A 237 -7.03 22.49 -11.86
CA GLU A 237 -8.14 21.55 -11.77
C GLU A 237 -7.64 20.11 -11.68
N PHE A 238 -6.38 19.90 -11.31
CA PHE A 238 -5.87 18.55 -11.16
C PHE A 238 -6.67 17.82 -10.09
N PRO A 239 -7.23 16.64 -10.41
CA PRO A 239 -8.18 16.00 -9.48
C PRO A 239 -7.54 15.34 -8.28
N PHE A 240 -6.22 15.38 -8.15
CA PHE A 240 -5.54 14.77 -7.02
C PHE A 240 -4.91 15.85 -6.14
N PRO A 241 -5.32 15.98 -4.88
CA PRO A 241 -4.72 17.02 -4.03
C PRO A 241 -3.30 16.72 -3.62
N TYR A 242 -2.91 15.45 -3.48
CA TYR A 242 -1.57 15.10 -3.02
C TYR A 242 -0.78 14.57 -4.22
N TYR A 243 0.27 15.29 -4.59
CA TYR A 243 1.06 14.93 -5.75
C TYR A 243 2.48 15.46 -5.60
N ILE A 244 3.38 14.88 -6.40
CA ILE A 244 4.70 15.44 -6.62
C ILE A 244 4.93 15.52 -8.12
N ILE A 245 5.82 16.43 -8.50
CA ILE A 245 6.23 16.60 -9.90
C ILE A 245 7.65 16.05 -10.01
N LEU A 246 7.85 15.11 -10.94
CA LEU A 246 9.13 14.46 -11.12
C LEU A 246 9.64 14.75 -12.53
N ARG A 247 10.69 15.56 -12.61
CA ARG A 247 11.39 15.79 -13.87
C ARG A 247 12.60 14.88 -14.03
N ASP A 248 13.29 14.57 -12.93
CA ASP A 248 14.54 13.83 -12.96
C ASP A 248 14.50 12.79 -11.85
N VAL A 249 14.82 11.53 -12.19
CA VAL A 249 14.74 10.45 -11.22
C VAL A 249 15.74 10.67 -10.08
N ASN A 250 16.81 11.42 -10.34
CA ASN A 250 17.76 11.76 -9.28
C ASN A 250 17.11 12.54 -8.15
N ALA A 251 16.01 13.24 -8.42
CA ALA A 251 15.29 13.98 -7.40
C ALA A 251 14.19 13.16 -6.72
N LEU A 252 13.93 11.94 -7.20
CA LEU A 252 12.85 11.15 -6.63
C LEU A 252 13.05 10.79 -5.15
N PRO A 253 14.23 10.37 -4.69
CA PRO A 253 14.35 10.05 -3.25
C PRO A 253 14.03 11.21 -2.33
N GLU A 254 14.56 12.40 -2.62
CA GLU A 254 14.33 13.55 -1.73
C GLU A 254 12.89 14.05 -1.82
N THR A 255 12.30 14.01 -3.02
CA THR A 255 10.95 14.55 -3.19
C THR A 255 9.88 13.60 -2.66
N LEU A 256 10.00 12.31 -2.96
CA LEU A 256 8.95 11.36 -2.55
C LEU A 256 8.99 11.10 -1.05
N SER A 257 10.18 11.01 -0.46
CA SER A 257 10.26 10.78 0.98
C SER A 257 9.69 11.96 1.76
N ASP A 258 9.91 13.19 1.27
CA ASP A 258 9.27 14.34 1.89
C ASP A 258 7.75 14.26 1.77
N ALA A 259 7.26 13.79 0.62
CA ALA A 259 5.81 13.69 0.41
C ALA A 259 5.18 12.63 1.30
N LEU A 260 5.90 11.55 1.59
CA LEU A 260 5.39 10.48 2.44
C LEU A 260 5.29 10.88 3.91
N ARG A 261 5.90 12.01 4.30
CA ARG A 261 5.70 12.51 5.67
C ARG A 261 4.23 12.68 5.99
N GLN A 262 3.46 13.19 5.03
CA GLN A 262 2.04 13.42 5.26
C GLN A 262 1.29 12.12 5.50
N TRP A 263 1.63 11.06 4.77
CA TRP A 263 0.98 9.77 4.99
C TRP A 263 1.29 9.23 6.37
N PHE A 264 2.56 9.27 6.79
CA PHE A 264 2.94 8.71 8.09
C PHE A 264 2.29 9.48 9.24
N GLU A 265 2.24 10.81 9.14
CA GLU A 265 1.66 11.61 10.21
C GLU A 265 0.16 11.38 10.32
N LEU A 266 -0.52 11.16 9.19
CA LEU A 266 -1.94 10.88 9.24
C LEU A 266 -2.21 9.53 9.86
N VAL A 267 -1.32 8.55 9.63
CA VAL A 267 -1.52 7.21 10.18
C VAL A 267 -1.41 7.22 11.70
N THR A 268 -0.57 8.09 12.25
CA THR A 268 -0.41 8.19 13.70
C THR A 268 -1.42 9.18 14.30
N ALA B 10 -17.78 19.38 -12.88
CA ALA B 10 -19.18 19.41 -12.46
C ALA B 10 -20.04 18.51 -13.36
N ARG B 11 -19.70 18.47 -14.65
CA ARG B 11 -20.38 17.63 -15.63
C ARG B 11 -19.53 16.40 -15.95
N ASP B 12 -20.16 15.42 -16.59
CA ASP B 12 -19.45 14.26 -17.12
C ASP B 12 -19.36 14.31 -18.63
N VAL B 13 -19.07 15.47 -19.19
CA VAL B 13 -18.82 15.59 -20.61
C VAL B 13 -17.35 15.31 -20.82
N GLN B 14 -16.99 14.88 -22.03
CA GLN B 14 -15.59 14.59 -22.31
C GLN B 14 -14.79 15.87 -22.36
N ARG B 15 -13.59 15.83 -21.76
CA ARG B 15 -12.61 16.89 -21.89
C ARG B 15 -11.35 16.29 -22.50
N LEU B 16 -10.61 17.11 -23.25
CA LEU B 16 -9.40 16.62 -23.90
C LEU B 16 -8.46 17.78 -24.16
N LEU B 17 -7.22 17.44 -24.49
CA LEU B 17 -6.20 18.44 -24.76
C LEU B 17 -6.26 18.86 -26.22
N VAL B 18 -6.10 20.16 -26.45
CA VAL B 18 -6.24 20.76 -27.77
C VAL B 18 -5.07 21.71 -28.00
N GLN B 19 -4.60 21.78 -29.25
CA GLN B 19 -3.50 22.67 -29.62
C GLN B 19 -3.89 23.47 -30.86
N PHE B 20 -3.86 24.79 -30.74
CA PHE B 20 -4.15 25.67 -31.86
C PHE B 20 -2.92 25.84 -32.74
N GLN B 21 -3.14 25.97 -34.05
CA GLN B 21 -2.03 26.17 -34.96
C GLN B 21 -2.53 26.79 -36.27
N ASP B 22 -1.57 27.36 -37.01
CA ASP B 22 -1.83 27.98 -38.30
C ASP B 22 -2.23 26.95 -39.35
N GLU B 23 -2.71 27.46 -40.49
CA GLU B 23 -2.81 26.62 -41.69
C GLU B 23 -1.43 26.19 -42.15
N GLY B 24 -0.42 27.00 -41.93
CA GLY B 24 0.95 26.69 -42.25
C GLY B 24 1.71 25.88 -41.22
N GLY B 25 1.06 25.57 -40.09
CA GLY B 25 1.63 24.69 -39.09
C GLY B 25 2.24 25.35 -37.88
N GLN B 26 2.22 26.68 -37.79
CA GLN B 26 2.80 27.37 -36.64
C GLN B 26 1.88 27.24 -35.44
N LEU B 27 2.38 26.67 -34.34
CA LEU B 27 1.58 26.48 -33.15
C LEU B 27 1.33 27.81 -32.44
N LEU B 28 0.14 27.94 -31.86
CA LEU B 28 -0.25 29.15 -31.14
C LEU B 28 -0.52 28.78 -29.69
N GLY B 29 0.31 29.31 -28.79
CA GLY B 29 0.17 29.01 -27.38
C GLY B 29 0.47 27.56 -27.06
N SER B 30 0.17 27.20 -25.82
CA SER B 30 0.34 25.86 -25.28
C SER B 30 -0.97 25.10 -25.36
N PRO B 31 -0.93 23.78 -25.17
CA PRO B 31 -2.17 23.00 -25.24
C PRO B 31 -3.20 23.46 -24.23
N PHE B 32 -4.47 23.19 -24.54
CA PHE B 32 -5.60 23.62 -23.73
C PHE B 32 -6.47 22.41 -23.39
N ASP B 33 -6.93 22.36 -22.14
CA ASP B 33 -7.96 21.40 -21.75
C ASP B 33 -9.33 22.04 -21.98
N VAL B 34 -10.18 21.35 -22.73
CA VAL B 34 -11.40 21.96 -23.26
C VAL B 34 -12.54 20.95 -23.24
N PRO B 35 -13.74 21.35 -22.83
CA PRO B 35 -14.89 20.45 -22.94
C PRO B 35 -15.24 20.19 -24.40
N VAL B 36 -15.72 18.97 -24.67
CA VAL B 36 -15.87 18.54 -26.05
C VAL B 36 -17.05 19.21 -26.74
N ASP B 37 -17.97 19.81 -25.98
CA ASP B 37 -19.09 20.54 -26.56
C ASP B 37 -18.78 22.01 -26.80
N ILE B 38 -17.50 22.40 -26.79
CA ILE B 38 -17.13 23.78 -27.02
C ILE B 38 -17.54 24.20 -28.42
N THR B 39 -18.01 25.43 -28.55
CA THR B 39 -18.53 25.97 -29.79
C THR B 39 -17.46 26.75 -30.55
N PRO B 40 -17.65 26.97 -31.85
CA PRO B 40 -16.72 27.85 -32.57
C PRO B 40 -16.68 29.26 -32.02
N ASP B 41 -17.79 29.74 -31.46
CA ASP B 41 -17.81 31.07 -30.85
C ASP B 41 -16.88 31.13 -29.65
N ARG B 42 -16.89 30.09 -28.81
CA ARG B 42 -15.99 30.04 -27.67
C ARG B 42 -14.54 29.80 -28.09
N LEU B 43 -14.33 29.03 -29.15
CA LEU B 43 -12.97 28.86 -29.68
C LEU B 43 -12.43 30.20 -30.17
N GLN B 44 -13.29 31.05 -30.71
CA GLN B 44 -12.86 32.37 -31.14
C GLN B 44 -12.39 33.21 -29.96
N LEU B 45 -13.10 33.14 -28.83
CA LEU B 45 -12.74 33.93 -27.64
C LEU B 45 -11.41 33.49 -27.05
N VAL B 46 -11.16 32.17 -26.99
CA VAL B 46 -9.86 31.69 -26.55
C VAL B 46 -8.78 32.15 -27.53
N CYS B 47 -9.07 32.10 -28.81
CA CYS B 47 -8.07 32.51 -29.79
C CYS B 47 -7.79 34.01 -29.73
N ASN B 48 -8.81 34.81 -29.41
CA ASN B 48 -8.61 36.24 -29.27
C ASN B 48 -7.64 36.53 -28.14
N ALA B 49 -7.75 35.76 -27.05
CA ALA B 49 -6.83 35.91 -25.93
C ALA B 49 -5.40 35.60 -26.34
N LEU B 50 -5.20 34.53 -27.11
CA LEU B 50 -3.84 34.12 -27.48
C LEU B 50 -3.20 35.09 -28.46
N LEU B 51 -4.00 35.69 -29.36
CA LEU B 51 -3.43 36.58 -30.36
C LEU B 51 -3.23 37.99 -29.82
N ALA B 52 -4.08 38.42 -28.89
CA ALA B 52 -3.97 39.72 -28.21
C ALA B 52 -3.78 40.87 -29.20
N GLN B 53 -4.75 41.00 -30.11
CA GLN B 53 -4.75 42.06 -31.10
C GLN B 53 -5.84 43.08 -30.77
N GLU B 54 -5.62 44.32 -31.21
CA GLU B 54 -6.56 45.40 -30.92
C GLU B 54 -7.98 45.06 -31.37
N ASP B 55 -8.11 44.55 -32.59
CA ASP B 55 -9.40 44.10 -33.11
C ASP B 55 -9.26 42.66 -33.61
N PRO B 56 -9.94 41.71 -32.94
CA PRO B 56 -9.80 40.30 -33.33
C PRO B 56 -10.44 40.01 -34.69
N LEU B 57 -9.70 39.29 -35.53
CA LEU B 57 -10.23 38.87 -36.82
C LEU B 57 -11.23 37.73 -36.64
N PRO B 58 -12.28 37.67 -37.46
CA PRO B 58 -13.16 36.50 -37.46
C PRO B 58 -12.42 35.28 -37.98
N LEU B 59 -12.66 34.13 -37.33
CA LEU B 59 -11.91 32.91 -37.58
C LEU B 59 -12.82 31.72 -37.83
N ALA B 60 -12.31 30.77 -38.62
CA ALA B 60 -12.94 29.47 -38.79
C ALA B 60 -11.99 28.39 -38.29
N PHE B 61 -12.56 27.28 -37.81
CA PHE B 61 -11.79 26.25 -37.12
C PHE B 61 -12.01 24.89 -37.76
N PHE B 62 -10.92 24.13 -37.90
CA PHE B 62 -10.91 22.85 -38.59
C PHE B 62 -10.15 21.82 -37.77
N VAL B 63 -10.69 20.60 -37.69
CA VAL B 63 -9.97 19.46 -37.13
C VAL B 63 -9.95 18.36 -38.19
N HIS B 64 -8.74 18.01 -38.64
CA HIS B 64 -8.54 17.01 -39.70
C HIS B 64 -9.33 17.36 -40.96
N ASP B 65 -9.20 18.62 -41.39
CA ASP B 65 -9.79 19.13 -42.62
C ASP B 65 -11.32 19.16 -42.61
N ALA B 66 -11.93 18.96 -41.44
CA ALA B 66 -13.38 19.09 -41.27
C ALA B 66 -13.65 20.30 -40.39
N GLU B 67 -14.50 21.21 -40.88
CA GLU B 67 -14.77 22.43 -40.13
C GLU B 67 -15.64 22.16 -38.91
N ILE B 68 -15.31 22.83 -37.81
CA ILE B 68 -16.14 22.81 -36.61
C ILE B 68 -17.22 23.87 -36.81
N VAL B 69 -18.47 23.43 -36.93
CA VAL B 69 -19.60 24.31 -37.28
C VAL B 69 -20.49 24.55 -36.06
N SER B 70 -20.90 23.48 -35.38
CA SER B 70 -21.72 23.58 -34.18
C SER B 70 -20.96 23.28 -32.91
N SER B 71 -20.19 22.19 -32.86
CA SER B 71 -19.39 21.88 -31.69
C SER B 71 -18.24 20.96 -32.07
N LEU B 72 -17.20 20.99 -31.23
CA LEU B 72 -16.07 20.08 -31.42
C LEU B 72 -16.51 18.63 -31.37
N GLY B 73 -17.35 18.28 -30.40
CA GLY B 73 -17.79 16.90 -30.28
C GLY B 73 -18.57 16.42 -31.49
N LYS B 74 -19.41 17.29 -32.05
CA LYS B 74 -20.18 16.92 -33.23
C LYS B 74 -19.27 16.58 -34.41
N THR B 75 -18.21 17.38 -34.61
CA THR B 75 -17.29 17.12 -35.71
C THR B 75 -16.51 15.82 -35.49
N LEU B 76 -16.11 15.55 -34.24
CA LEU B 76 -15.37 14.33 -33.93
C LEU B 76 -16.22 13.08 -34.08
N GLU B 77 -17.55 13.20 -33.97
CA GLU B 77 -18.41 12.03 -34.11
C GLU B 77 -18.28 11.39 -35.49
N SER B 78 -17.91 12.17 -36.50
CA SER B 78 -17.75 11.68 -37.86
C SER B 78 -16.32 11.26 -38.18
N GLN B 79 -15.45 11.18 -37.18
CA GLN B 79 -14.05 10.83 -37.39
C GLN B 79 -13.65 9.70 -36.45
N ALA B 80 -12.61 8.97 -36.85
CA ALA B 80 -12.00 7.94 -36.01
C ALA B 80 -10.69 8.52 -35.47
N VAL B 81 -10.76 9.18 -34.32
CA VAL B 81 -9.64 9.92 -33.76
C VAL B 81 -8.97 9.09 -32.68
N GLU B 82 -7.65 9.22 -32.58
CA GLU B 82 -6.87 8.59 -31.52
C GLU B 82 -6.92 9.53 -30.32
N THR B 83 -7.75 9.21 -29.33
CA THR B 83 -8.04 10.13 -28.24
C THR B 83 -6.83 10.40 -27.34
N GLU B 84 -5.82 9.53 -27.37
CA GLU B 84 -4.68 9.71 -26.48
C GLU B 84 -3.80 10.87 -26.93
N LYS B 85 -3.82 11.20 -28.22
CA LYS B 85 -2.99 12.28 -28.75
C LYS B 85 -3.64 13.64 -28.50
N VAL B 86 -2.80 14.68 -28.52
CA VAL B 86 -3.30 16.04 -28.45
C VAL B 86 -3.93 16.43 -29.77
N LEU B 87 -5.17 16.90 -29.72
CA LEU B 87 -5.93 17.21 -30.93
C LEU B 87 -5.50 18.56 -31.48
N ASP B 88 -5.04 18.58 -32.72
CA ASP B 88 -4.65 19.82 -33.38
C ASP B 88 -5.86 20.49 -34.00
N ILE B 89 -6.06 21.77 -33.68
CA ILE B 89 -7.14 22.58 -34.24
C ILE B 89 -6.53 23.67 -35.12
N ILE B 90 -6.88 23.66 -36.40
CA ILE B 90 -6.38 24.64 -37.36
C ILE B 90 -7.35 25.80 -37.44
N TYR B 91 -6.83 27.02 -37.37
CA TYR B 91 -7.64 28.22 -37.50
C TYR B 91 -7.22 29.00 -38.74
N GLN B 92 -8.18 29.67 -39.35
CA GLN B 92 -7.93 30.50 -40.52
C GLN B 92 -8.94 31.62 -40.52
N PRO B 93 -8.58 32.79 -41.04
CA PRO B 93 -9.54 33.89 -41.11
C PRO B 93 -10.68 33.59 -42.06
N GLN B 94 -11.87 34.06 -41.70
CA GLN B 94 -13.02 33.89 -42.56
C GLN B 94 -12.85 34.74 -43.82
N ALA B 95 -13.56 34.34 -44.88
CA ALA B 95 -13.40 35.01 -46.16
C ALA B 95 -14.07 36.37 -46.15
N ILE B 96 -13.56 37.27 -46.99
CA ILE B 96 -14.20 38.54 -47.32
C ILE B 96 -14.74 38.41 -48.74
N PHE B 97 -16.03 38.72 -48.91
CA PHE B 97 -16.67 38.52 -50.19
C PHE B 97 -16.57 39.76 -51.06
N ARG B 98 -16.81 39.57 -52.36
CA ARG B 98 -16.68 40.64 -53.34
C ARG B 98 -17.65 41.78 -53.05
N VAL B 99 -17.27 42.97 -53.52
CA VAL B 99 -18.10 44.18 -53.58
C VAL B 99 -19.28 44.23 -52.60
N ASN C 16 34.35 51.12 -2.36
CA ASN C 16 32.94 50.70 -2.36
C ASN C 16 32.29 50.62 -3.76
N PRO C 17 32.49 51.61 -4.63
CA PRO C 17 31.80 51.56 -5.94
C PRO C 17 32.16 50.33 -6.76
N GLU C 18 33.43 49.95 -6.78
CA GLU C 18 33.84 48.76 -7.53
C GLU C 18 33.47 47.47 -6.81
N GLU C 19 33.34 47.49 -5.48
CA GLU C 19 32.93 46.29 -4.77
C GLU C 19 31.45 45.99 -4.98
N GLU C 20 30.61 47.01 -5.17
CA GLU C 20 29.22 46.76 -5.52
C GLU C 20 29.07 46.22 -6.94
N LYS C 21 29.94 46.67 -7.86
CA LYS C 21 29.90 46.19 -9.23
C LYS C 21 30.29 44.72 -9.32
N VAL C 22 31.30 44.31 -8.54
CA VAL C 22 31.69 42.90 -8.50
C VAL C 22 30.54 42.06 -7.95
N ALA C 23 29.89 42.52 -6.88
CA ALA C 23 28.77 41.78 -6.30
C ALA C 23 27.59 41.73 -7.26
N ALA C 24 27.28 42.84 -7.90
CA ALA C 24 26.15 42.87 -8.84
C ALA C 24 26.42 41.96 -10.04
N GLU C 25 27.65 41.97 -10.56
CA GLU C 25 27.99 41.09 -11.67
C GLU C 25 27.87 39.62 -11.28
N MET C 26 28.31 39.27 -10.07
CA MET C 26 28.22 37.88 -9.62
C MET C 26 26.77 37.47 -9.40
N TRP C 27 25.97 38.34 -8.78
CA TRP C 27 24.55 38.03 -8.57
C TRP C 27 23.83 37.88 -9.91
N GLN C 28 24.16 38.71 -10.89
CA GLN C 28 23.51 38.61 -12.19
C GLN C 28 23.81 37.27 -12.85
N SER C 29 25.03 36.75 -12.67
CA SER C 29 25.37 35.45 -13.23
C SER C 29 24.58 34.33 -12.54
N TYR C 30 24.26 34.51 -11.25
CA TYR C 30 23.40 33.54 -10.57
C TYR C 30 21.98 33.59 -11.11
N LEU C 31 21.47 34.80 -11.36
CA LEU C 31 20.11 34.94 -11.88
C LEU C 31 19.98 34.29 -13.25
N ILE C 32 21.03 34.31 -14.05
CA ILE C 32 20.99 33.65 -15.37
C ILE C 32 20.78 32.16 -15.20
N LEU C 33 21.46 31.56 -14.21
CA LEU C 33 21.34 30.12 -13.98
C LEU C 33 20.00 29.76 -13.35
N THR C 34 19.49 30.61 -12.46
CA THR C 34 18.34 30.28 -11.62
C THR C 34 17.03 30.87 -12.12
N ALA C 35 17.04 31.62 -13.23
CA ALA C 35 15.79 32.21 -13.72
C ALA C 35 14.74 31.16 -14.05
N PRO C 36 15.02 30.08 -14.80
CA PRO C 36 13.97 29.08 -15.04
C PRO C 36 13.50 28.39 -13.78
N LEU C 37 14.40 28.14 -12.83
CA LEU C 37 14.02 27.47 -11.59
C LEU C 37 13.05 28.34 -10.78
N SER C 38 13.30 29.65 -10.75
CA SER C 38 12.42 30.54 -10.00
C SER C 38 11.03 30.61 -10.61
N GLN C 39 10.93 30.49 -11.94
CA GLN C 39 9.61 30.47 -12.58
C GLN C 39 8.85 29.18 -12.26
N ARG C 40 9.53 28.04 -12.32
CA ARG C 40 8.86 26.78 -11.99
C ARG C 40 8.41 26.76 -10.53
N LEU C 41 9.21 27.31 -9.62
CA LEU C 41 8.81 27.36 -8.22
C LEU C 41 7.64 28.30 -8.02
N CYS C 42 7.63 29.44 -8.70
CA CYS C 42 6.49 30.35 -8.64
C CYS C 42 5.21 29.66 -9.09
N GLU C 43 5.26 28.94 -10.22
CA GLU C 43 4.08 28.27 -10.73
C GLU C 43 3.58 27.20 -9.77
N GLU C 44 4.51 26.39 -9.25
CA GLU C 44 4.13 25.32 -8.31
C GLU C 44 3.63 25.90 -6.99
N LEU C 45 4.23 27.00 -6.54
CA LEU C 45 3.75 27.68 -5.33
C LEU C 45 2.39 28.31 -5.56
N ARG C 46 2.16 28.86 -6.76
CA ARG C 46 0.88 29.48 -7.07
C ARG C 46 -0.27 28.50 -6.92
N LEU C 47 -0.06 27.25 -7.35
CA LEU C 47 -1.11 26.23 -7.20
C LEU C 47 -1.50 26.05 -5.74
N ILE C 48 -0.52 26.09 -4.84
CA ILE C 48 -0.80 25.85 -3.43
C ILE C 48 -1.46 27.07 -2.78
N LEU C 49 -0.93 28.27 -3.05
CA LEU C 49 -1.36 29.47 -2.34
C LEU C 49 -2.59 30.15 -2.93
N GLU C 50 -2.86 29.98 -4.23
CA GLU C 50 -4.02 30.62 -4.85
C GLU C 50 -5.18 29.63 -5.00
N GLY C 51 -6.38 30.18 -4.87
CA GLY C 51 -7.59 29.37 -4.93
C GLY C 51 -8.65 29.93 -4.01
N SER C 52 -9.89 29.47 -4.17
CA SER C 52 -10.99 29.99 -3.37
C SER C 52 -10.82 29.62 -1.90
N GLY C 53 -11.07 30.60 -1.03
CA GLY C 53 -10.97 30.39 0.40
C GLY C 53 -9.55 30.38 0.96
N LYS C 54 -8.54 30.60 0.12
CA LYS C 54 -7.16 30.62 0.57
C LYS C 54 -6.86 31.93 1.32
N PRO C 55 -5.84 31.92 2.17
CA PRO C 55 -5.43 33.16 2.84
C PRO C 55 -4.88 34.17 1.85
N SER C 56 -4.84 35.42 2.29
CA SER C 56 -4.31 36.50 1.46
C SER C 56 -2.79 36.44 1.42
N LYS C 57 -2.23 36.89 0.29
CA LYS C 57 -0.78 36.91 0.13
C LYS C 57 -0.11 37.84 1.14
N ARG C 58 -0.83 38.85 1.64
CA ARG C 58 -0.28 39.79 2.60
C ARG C 58 -0.15 39.22 4.00
N GLN C 59 -0.62 37.99 4.24
CA GLN C 59 -0.66 37.42 5.57
C GLN C 59 0.53 36.52 5.88
N TYR C 60 1.55 36.49 5.02
CA TYR C 60 2.70 35.63 5.21
C TYR C 60 3.93 36.45 5.55
N GLN C 61 4.72 35.97 6.51
CA GLN C 61 6.01 36.55 6.87
C GLN C 61 7.04 35.43 6.77
N ILE C 62 7.97 35.58 5.82
CA ILE C 62 8.95 34.54 5.52
C ILE C 62 10.34 35.13 5.70
N CYS C 63 11.17 34.42 6.46
CA CYS C 63 12.56 34.78 6.66
C CYS C 63 13.46 33.70 6.09
N LEU C 64 14.42 34.09 5.26
CA LEU C 64 15.42 33.19 4.72
C LEU C 64 16.72 33.37 5.50
N ALA C 65 17.24 32.29 6.07
CA ALA C 65 18.44 32.33 6.90
C ALA C 65 19.56 31.57 6.23
N ILE C 66 20.68 32.26 5.98
CA ILE C 66 21.84 31.68 5.31
C ILE C 66 22.91 31.36 6.34
N ASP C 67 23.45 30.15 6.28
CA ASP C 67 24.53 29.72 7.16
C ASP C 67 25.84 30.33 6.66
N ASP C 68 26.42 31.23 7.45
CA ASP C 68 27.64 31.94 7.08
C ASP C 68 28.89 31.36 7.74
N SER C 69 28.83 30.11 8.19
CA SER C 69 29.96 29.50 8.87
C SER C 69 30.93 28.89 7.85
N SER C 70 32.18 28.73 8.29
CA SER C 70 33.24 28.31 7.38
C SER C 70 33.11 26.85 6.94
N SER C 71 32.29 26.06 7.63
CA SER C 71 32.04 24.68 7.18
C SER C 71 31.35 24.64 5.84
N MET C 72 30.64 25.71 5.46
CA MET C 72 30.02 25.77 4.14
C MET C 72 31.07 25.68 3.03
N VAL C 73 32.25 26.24 3.27
CA VAL C 73 33.33 26.12 2.30
C VAL C 73 33.91 24.71 2.32
N ASP C 74 34.08 24.13 3.51
CA ASP C 74 34.61 22.77 3.62
C ASP C 74 33.71 21.76 2.96
N ASN C 75 32.39 21.94 3.09
CA ASN C 75 31.42 20.99 2.54
C ASN C 75 30.99 21.32 1.12
N HIS C 76 31.56 22.38 0.52
CA HIS C 76 31.24 22.79 -0.85
C HIS C 76 29.74 23.00 -1.04
N THR C 77 29.13 23.69 -0.08
CA THR C 77 27.72 24.06 -0.15
C THR C 77 27.54 25.57 -0.30
N LYS C 78 28.60 26.29 -0.66
CA LYS C 78 28.52 27.73 -0.81
C LYS C 78 27.67 28.11 -2.02
N GLN C 79 27.89 27.47 -3.16
CA GLN C 79 27.10 27.78 -4.35
C GLN C 79 25.65 27.37 -4.18
N LEU C 80 25.39 26.19 -3.61
CA LEU C 80 24.03 25.77 -3.34
C LEU C 80 23.28 26.78 -2.48
N ALA C 81 23.99 27.39 -1.52
CA ALA C 81 23.35 28.36 -0.64
C ALA C 81 22.91 29.61 -1.40
N PHE C 82 23.81 30.15 -2.24
CA PHE C 82 23.48 31.34 -3.00
C PHE C 82 22.46 31.03 -4.11
N GLU C 83 22.62 29.89 -4.78
CA GLU C 83 21.63 29.49 -5.77
C GLU C 83 20.25 29.32 -5.16
N SER C 84 20.19 28.73 -3.96
CA SER C 84 18.90 28.55 -3.30
C SER C 84 18.27 29.88 -2.93
N LEU C 85 19.07 30.84 -2.45
CA LEU C 85 18.53 32.16 -2.11
C LEU C 85 17.98 32.86 -3.35
N ALA C 86 18.67 32.74 -4.48
CA ALA C 86 18.19 33.36 -5.71
C ALA C 86 16.88 32.73 -6.17
N VAL C 87 16.80 31.40 -6.14
CA VAL C 87 15.59 30.72 -6.56
C VAL C 87 14.42 31.08 -5.65
N ILE C 88 14.62 30.96 -4.34
CA ILE C 88 13.52 31.14 -3.39
C ILE C 88 13.09 32.59 -3.33
N GLY C 89 14.05 33.50 -3.19
CA GLY C 89 13.71 34.91 -3.03
C GLY C 89 13.00 35.49 -4.24
N ASN C 90 13.41 35.08 -5.45
CA ASN C 90 12.79 35.62 -6.66
C ASN C 90 11.44 34.97 -6.95
N ALA C 91 11.28 33.68 -6.62
CA ALA C 91 9.98 33.04 -6.83
C ALA C 91 8.90 33.68 -5.97
N LEU C 92 9.22 34.00 -4.72
CA LEU C 92 8.26 34.67 -3.86
C LEU C 92 7.96 36.08 -4.34
N THR C 93 8.95 36.75 -4.96
CA THR C 93 8.70 38.08 -5.50
C THR C 93 7.78 38.02 -6.71
N LEU C 94 8.00 37.05 -7.60
CA LEU C 94 7.08 36.83 -8.72
C LEU C 94 5.68 36.51 -8.22
N LEU C 95 5.60 35.76 -7.11
CA LEU C 95 4.32 35.40 -6.51
C LEU C 95 3.70 36.56 -5.76
N GLU C 96 4.44 37.65 -5.61
CA GLU C 96 4.02 38.87 -4.91
C GLU C 96 3.74 38.61 -3.44
N VAL C 97 4.54 37.74 -2.83
CA VAL C 97 4.61 37.62 -1.39
C VAL C 97 5.61 38.68 -0.93
N GLY C 98 5.13 39.75 -0.31
CA GLY C 98 5.94 40.92 -0.07
C GLY C 98 6.93 40.91 1.09
N GLN C 99 6.54 40.37 2.23
CA GLN C 99 7.37 40.49 3.43
C GLN C 99 8.35 39.32 3.47
N ILE C 100 9.56 39.58 2.99
CA ILE C 100 10.65 38.61 2.96
C ILE C 100 11.83 39.23 3.71
N ALA C 101 12.34 38.50 4.69
CA ALA C 101 13.55 38.90 5.40
C ALA C 101 14.66 37.89 5.15
N VAL C 102 15.88 38.38 5.07
CA VAL C 102 17.05 37.53 4.88
C VAL C 102 17.98 37.70 6.08
N CYS C 103 18.46 36.59 6.62
CA CYS C 103 19.33 36.58 7.78
C CYS C 103 20.58 35.77 7.48
N SER C 104 21.66 36.13 8.17
CA SER C 104 22.88 35.32 8.21
C SER C 104 23.18 34.97 9.66
N PHE C 105 23.71 33.76 9.87
CA PHE C 105 24.03 33.32 11.21
C PHE C 105 25.34 32.52 11.21
N GLY C 106 25.90 32.37 12.40
CA GLY C 106 27.15 31.66 12.60
C GLY C 106 27.73 31.97 13.97
N GLU C 107 28.53 33.03 14.04
CA GLU C 107 28.97 33.57 15.32
C GLU C 107 28.01 34.63 15.85
N SER C 108 27.22 35.24 14.97
CA SER C 108 26.21 36.22 15.38
C SER C 108 25.16 36.30 14.27
N VAL C 109 24.03 36.93 14.61
CA VAL C 109 22.91 37.07 13.69
C VAL C 109 22.96 38.46 13.09
N LYS C 110 22.90 38.54 11.76
CA LYS C 110 22.85 39.81 11.05
C LYS C 110 21.61 39.82 10.16
N LEU C 111 20.86 40.92 10.23
CA LEU C 111 19.67 41.10 9.39
C LEU C 111 20.12 41.80 8.10
N LEU C 112 20.16 41.04 7.01
CA LEU C 112 20.64 41.56 5.74
C LEU C 112 19.54 42.22 4.91
N HIS C 113 18.28 41.86 5.15
CA HIS C 113 17.18 42.49 4.44
C HIS C 113 15.93 42.51 5.32
N PRO C 114 15.37 43.68 5.61
CA PRO C 114 14.21 43.76 6.50
C PRO C 114 12.93 43.33 5.81
N PHE C 115 11.91 43.06 6.62
CA PHE C 115 10.61 42.62 6.10
C PHE C 115 9.98 43.67 5.19
N HIS C 116 9.82 44.90 5.69
CA HIS C 116 9.09 45.92 4.95
C HIS C 116 9.83 46.43 3.72
N GLU C 117 11.12 46.11 3.57
CA GLU C 117 11.86 46.54 2.40
C GLU C 117 11.55 45.64 1.21
N GLN C 118 11.62 46.23 0.02
CA GLN C 118 11.35 45.51 -1.22
C GLN C 118 12.54 44.63 -1.59
N PHE C 119 12.26 43.38 -1.97
CA PHE C 119 13.31 42.44 -2.36
C PHE C 119 13.55 42.57 -3.86
N SER C 120 14.74 43.02 -4.24
CA SER C 120 15.07 43.23 -5.65
C SER C 120 16.41 42.60 -5.98
N ASP C 121 16.89 42.81 -7.21
CA ASP C 121 18.23 42.35 -7.57
C ASP C 121 19.29 43.03 -6.74
N TYR C 122 19.09 44.30 -6.40
CA TYR C 122 20.05 45.00 -5.53
C TYR C 122 20.11 44.37 -4.16
N SER C 123 18.99 43.85 -3.66
CA SER C 123 18.99 43.15 -2.38
C SER C 123 19.89 41.93 -2.42
N GLY C 124 19.85 41.18 -3.52
CA GLY C 124 20.66 39.97 -3.63
C GLY C 124 22.15 40.27 -3.67
N SER C 125 22.53 41.36 -4.33
CA SER C 125 23.95 41.72 -4.39
C SER C 125 24.50 42.05 -3.01
N GLN C 126 23.69 42.68 -2.17
CA GLN C 126 24.15 43.04 -0.83
C GLN C 126 24.33 41.79 0.04
N ILE C 127 23.43 40.82 -0.09
CA ILE C 127 23.57 39.58 0.66
C ILE C 127 24.79 38.81 0.17
N LEU C 128 25.04 38.84 -1.14
CA LEU C 128 26.22 38.18 -1.70
C LEU C 128 27.49 38.82 -1.17
N ARG C 129 27.51 40.15 -1.09
CA ARG C 129 28.72 40.86 -0.66
C ARG C 129 29.02 40.63 0.82
N LEU C 130 28.01 40.45 1.65
CA LEU C 130 28.20 40.37 3.09
C LEU C 130 28.37 38.96 3.61
N CYS C 131 28.17 37.95 2.77
CA CYS C 131 28.29 36.54 3.17
C CYS C 131 29.56 35.97 2.53
N LYS C 132 30.64 35.92 3.31
CA LYS C 132 31.90 35.36 2.85
C LYS C 132 32.21 34.00 3.47
N PHE C 133 31.31 33.47 4.31
CA PHE C 133 31.45 32.12 4.87
C PHE C 133 32.77 31.95 5.60
N GLN C 134 33.09 32.91 6.46
CA GLN C 134 34.33 32.88 7.23
C GLN C 134 34.09 32.89 8.73
N GLN C 135 32.85 32.76 9.18
CA GLN C 135 32.59 32.74 10.61
C GLN C 135 32.98 31.37 11.20
N LYS C 136 33.46 31.40 12.43
CA LYS C 136 34.11 30.25 13.04
C LYS C 136 33.19 29.41 13.91
N LYS C 137 31.92 29.77 14.03
CA LYS C 137 30.96 29.01 14.84
C LYS C 137 29.67 28.82 14.06
N THR C 138 28.90 27.81 14.47
CA THR C 138 27.57 27.55 13.93
C THR C 138 26.57 27.45 15.09
N LYS C 139 26.30 28.59 15.73
CA LYS C 139 25.45 28.65 16.92
C LYS C 139 24.00 28.80 16.49
N ILE C 140 23.32 27.66 16.28
CA ILE C 140 21.94 27.73 15.84
C ILE C 140 21.00 28.10 16.99
N ALA C 141 21.36 27.76 18.24
CA ALA C 141 20.50 28.13 19.36
C ALA C 141 20.49 29.64 19.55
N GLN C 142 21.66 30.28 19.50
CA GLN C 142 21.71 31.74 19.50
C GLN C 142 20.93 32.28 18.31
N PHE C 143 21.03 31.61 17.17
CA PHE C 143 20.33 32.05 15.97
C PHE C 143 18.82 32.03 16.15
N LEU C 144 18.27 30.89 16.58
CA LEU C 144 16.81 30.76 16.69
C LEU C 144 16.25 31.77 17.68
N GLU C 145 16.92 31.97 18.81
CA GLU C 145 16.43 32.91 19.81
C GLU C 145 16.43 34.34 19.27
N SER C 146 17.31 34.66 18.32
CA SER C 146 17.31 36.01 17.78
C SER C 146 16.20 36.19 16.75
N VAL C 147 15.92 35.15 15.95
CA VAL C 147 14.90 35.28 14.91
C VAL C 147 13.52 35.38 15.54
N ALA C 148 13.32 34.76 16.71
CA ALA C 148 12.04 34.89 17.39
C ALA C 148 11.75 36.33 17.77
N ASN C 149 12.77 37.04 18.28
CA ASN C 149 12.61 38.45 18.60
C ASN C 149 12.37 39.27 17.34
N MET C 150 13.03 38.90 16.24
CA MET C 150 12.87 39.64 14.99
C MET C 150 11.46 39.49 14.45
N PHE C 151 10.89 38.29 14.51
CA PHE C 151 9.49 38.11 14.12
C PHE C 151 8.57 38.89 15.06
N ALA C 152 8.82 38.79 16.36
CA ALA C 152 7.97 39.48 17.34
C ALA C 152 8.07 40.99 17.18
N ALA C 153 9.24 41.50 16.77
CA ALA C 153 9.38 42.93 16.57
C ALA C 153 8.54 43.42 15.40
N ALA C 154 8.26 42.55 14.43
CA ALA C 154 7.48 42.91 13.26
C ALA C 154 6.00 42.59 13.44
N GLN C 155 5.65 41.76 14.40
CA GLN C 155 4.27 41.35 14.64
C GLN C 155 3.67 42.13 15.81
N GLU C 164 -4.89 37.20 11.35
CA GLU C 164 -3.69 36.48 11.75
C GLU C 164 -2.64 36.46 10.63
N THR C 165 -1.40 36.19 11.02
CA THR C 165 -0.30 36.09 10.07
C THR C 165 0.40 34.75 10.25
N ALA C 166 0.84 34.17 9.14
CA ALA C 166 1.59 32.92 9.16
C ALA C 166 3.08 33.24 9.04
N GLN C 167 3.86 32.71 9.97
CA GLN C 167 5.29 33.00 10.04
C GLN C 167 6.07 31.75 9.67
N LEU C 168 7.04 31.91 8.77
CA LEU C 168 7.76 30.78 8.19
C LEU C 168 9.25 31.10 8.15
N LEU C 169 10.06 30.18 8.64
CA LEU C 169 11.52 30.32 8.63
C LEU C 169 12.12 29.21 7.77
N LEU C 170 12.95 29.59 6.81
CA LEU C 170 13.63 28.65 5.93
C LEU C 170 15.13 28.76 6.18
N VAL C 171 15.74 27.67 6.65
CA VAL C 171 17.15 27.64 7.03
C VAL C 171 17.95 26.99 5.92
N VAL C 172 18.93 27.73 5.37
CA VAL C 172 19.78 27.25 4.30
C VAL C 172 21.15 26.98 4.91
N SER C 173 21.47 25.71 5.13
CA SER C 173 22.67 25.34 5.87
C SER C 173 23.09 23.92 5.48
N ASP C 174 24.36 23.61 5.75
CA ASP C 174 24.84 22.25 5.55
C ASP C 174 24.35 21.28 6.62
N GLY C 175 23.76 21.79 7.70
CA GLY C 175 23.21 20.94 8.74
C GLY C 175 24.23 20.10 9.48
N ARG C 176 25.49 20.51 9.51
CA ARG C 176 26.56 19.75 10.15
C ARG C 176 27.26 20.61 11.18
N GLY C 177 27.64 19.99 12.30
CA GLY C 177 28.30 20.71 13.38
C GLY C 177 27.39 21.69 14.09
N LEU C 178 26.19 21.24 14.46
CA LEU C 178 25.16 22.10 15.02
C LEU C 178 25.06 22.03 16.54
N PHE C 179 25.93 21.26 17.20
CA PHE C 179 25.77 20.93 18.62
C PHE C 179 26.84 21.53 19.51
N LEU C 180 27.57 22.54 19.05
CA LEU C 180 28.61 23.14 19.88
C LEU C 180 28.04 23.77 21.14
N GLU C 181 26.79 24.23 21.09
CA GLU C 181 26.11 24.79 22.26
C GLU C 181 25.55 23.74 23.20
N GLY C 182 25.58 22.47 22.84
CA GLY C 182 24.92 21.44 23.63
C GLY C 182 23.66 20.98 22.92
N LYS C 183 23.46 19.66 22.91
CA LYS C 183 22.35 19.08 22.14
C LYS C 183 21.00 19.49 22.71
N GLU C 184 20.81 19.34 24.03
CA GLU C 184 19.53 19.72 24.62
C GLU C 184 19.27 21.21 24.51
N ARG C 185 20.33 22.02 24.60
CA ARG C 185 20.14 23.46 24.45
C ARG C 185 19.64 23.78 23.05
N VAL C 186 20.17 23.10 22.04
CA VAL C 186 19.69 23.29 20.67
C VAL C 186 18.23 22.86 20.54
N LEU C 187 17.89 21.69 21.11
CA LEU C 187 16.52 21.21 21.05
C LEU C 187 15.54 22.15 21.74
N ALA C 188 15.95 22.71 22.88
CA ALA C 188 15.07 23.65 23.58
C ALA C 188 14.83 24.90 22.76
N ALA C 189 15.83 25.34 21.99
CA ALA C 189 15.66 26.54 21.17
C ALA C 189 14.74 26.26 19.98
N VAL C 190 14.81 25.06 19.41
CA VAL C 190 13.86 24.67 18.37
C VAL C 190 12.45 24.62 18.94
N GLN C 191 12.30 24.05 20.13
CA GLN C 191 10.98 23.99 20.76
C GLN C 191 10.45 25.38 21.09
N ALA C 192 11.34 26.31 21.45
CA ALA C 192 10.91 27.67 21.73
C ALA C 192 10.42 28.37 20.47
N ALA C 193 11.02 28.07 19.32
CA ALA C 193 10.55 28.64 18.07
C ALA C 193 9.15 28.15 17.73
N ARG C 194 8.89 26.85 17.91
CA ARG C 194 7.55 26.32 17.68
C ARG C 194 6.53 26.94 18.63
N ASN C 195 6.88 27.08 19.91
CA ASN C 195 5.96 27.66 20.87
C ASN C 195 5.61 29.11 20.53
N ALA C 196 6.50 29.82 19.83
CA ALA C 196 6.22 31.16 19.36
C ALA C 196 5.47 31.17 18.03
N ASN C 197 5.02 29.99 17.56
CA ASN C 197 4.26 29.84 16.32
C ASN C 197 5.06 30.22 15.08
N ILE C 198 6.37 29.97 15.10
CA ILE C 198 7.21 30.10 13.91
C ILE C 198 7.41 28.70 13.34
N PHE C 199 7.00 28.51 12.09
CA PHE C 199 7.19 27.23 11.42
C PHE C 199 8.56 27.21 10.74
N VAL C 200 9.34 26.17 11.02
CA VAL C 200 10.72 26.06 10.55
C VAL C 200 10.82 24.88 9.59
N ILE C 201 11.42 25.12 8.42
CA ILE C 201 11.79 24.07 7.48
C ILE C 201 13.28 24.23 7.20
N PHE C 202 14.05 23.16 7.47
CA PHE C 202 15.49 23.19 7.29
C PHE C 202 15.83 22.65 5.90
N VAL C 203 16.54 23.45 5.11
CA VAL C 203 16.99 23.05 3.79
C VAL C 203 18.42 22.56 3.94
N VAL C 204 18.59 21.24 3.99
CA VAL C 204 19.91 20.63 4.18
C VAL C 204 20.62 20.55 2.83
N LEU C 205 21.75 21.25 2.72
CA LEU C 205 22.55 21.24 1.51
C LEU C 205 23.57 20.10 1.58
N ASP C 206 23.56 19.23 0.57
CA ASP C 206 24.40 18.03 0.56
C ASP C 206 25.02 17.90 -0.84
N ASN C 207 26.26 18.35 -0.97
CA ASN C 207 26.93 18.32 -2.27
C ASN C 207 27.31 16.89 -2.63
N PRO C 208 26.92 16.38 -3.80
CA PRO C 208 27.30 15.02 -4.17
C PRO C 208 28.80 14.83 -4.37
N SER C 209 29.54 15.89 -4.69
CA SER C 209 30.97 15.77 -4.91
C SER C 209 31.73 15.46 -3.63
N SER C 210 31.22 15.89 -2.47
CA SER C 210 31.93 15.66 -1.22
C SER C 210 32.09 14.17 -0.94
N ARG C 211 33.14 13.83 -0.19
CA ARG C 211 33.43 12.41 0.06
C ARG C 211 32.31 11.73 0.83
N ASP C 212 31.76 12.41 1.84
CA ASP C 212 30.72 11.84 2.69
C ASP C 212 29.44 12.65 2.59
N SER C 213 28.32 11.96 2.43
CA SER C 213 27.01 12.56 2.53
C SER C 213 26.59 12.68 3.99
N ILE C 214 25.72 13.65 4.27
CA ILE C 214 25.19 13.81 5.62
C ILE C 214 24.41 12.58 6.07
N LEU C 215 23.94 11.76 5.13
CA LEU C 215 23.25 10.52 5.47
C LEU C 215 24.19 9.45 5.99
N ASP C 216 25.50 9.58 5.76
CA ASP C 216 26.48 8.59 6.20
C ASP C 216 27.12 8.91 7.55
N ILE C 217 26.95 10.12 8.06
CA ILE C 217 27.53 10.46 9.36
C ILE C 217 26.84 9.65 10.45
N LYS C 218 27.62 9.21 11.44
CA LYS C 218 27.12 8.31 12.47
C LYS C 218 27.28 8.93 13.85
N VAL C 219 26.58 8.33 14.81
CA VAL C 219 26.64 8.74 16.22
C VAL C 219 26.59 7.48 17.08
N PRO C 220 27.52 7.30 18.00
CA PRO C 220 27.49 6.11 18.86
C PRO C 220 26.60 6.31 20.08
N ILE C 221 25.90 5.23 20.45
CA ILE C 221 25.08 5.20 21.67
C ILE C 221 25.64 4.11 22.56
N PHE C 222 26.02 4.48 23.79
CA PHE C 222 26.65 3.58 24.73
C PHE C 222 25.65 3.09 25.78
N LYS C 223 25.88 1.87 26.27
CA LYS C 223 25.07 1.35 27.36
C LYS C 223 25.87 0.27 28.07
N GLY C 224 26.22 0.50 29.33
CA GLY C 224 26.95 -0.46 30.11
C GLY C 224 28.46 -0.25 30.05
N PRO C 225 29.15 -0.63 31.12
CA PRO C 225 30.61 -0.45 31.16
C PRO C 225 31.31 -1.47 30.26
N GLY C 226 32.11 -0.97 29.32
CA GLY C 226 32.84 -1.81 28.40
C GLY C 226 32.03 -2.51 27.32
N GLU C 227 30.72 -2.26 27.26
CA GLU C 227 29.88 -2.93 26.27
C GLU C 227 30.00 -2.23 24.91
N MET C 228 29.84 -3.01 23.84
CA MET C 228 29.93 -2.46 22.50
C MET C 228 28.80 -1.46 22.28
N PRO C 229 29.07 -0.34 21.60
CA PRO C 229 28.03 0.67 21.38
C PRO C 229 27.18 0.38 20.16
N GLU C 230 25.98 0.96 20.18
CA GLU C 230 25.11 0.89 19.01
C GLU C 230 25.48 2.02 18.05
N ILE C 231 25.63 1.69 16.76
CA ILE C 231 26.03 2.68 15.77
C ILE C 231 24.78 3.10 15.01
N ARG C 232 24.30 4.31 15.29
CA ARG C 232 23.15 4.88 14.64
C ARG C 232 23.59 5.97 13.66
N SER C 233 22.63 6.43 12.86
CA SER C 233 22.88 7.49 11.90
C SER C 233 22.76 8.86 12.57
N TYR C 234 23.62 9.79 12.14
CA TYR C 234 23.60 11.14 12.71
C TYR C 234 22.26 11.83 12.47
N MET C 235 21.64 11.58 11.32
CA MET C 235 20.36 12.21 11.01
C MET C 235 19.24 11.77 11.94
N GLU C 236 19.44 10.67 12.69
CA GLU C 236 18.43 10.25 13.65
C GLU C 236 18.30 11.21 14.82
N GLU C 237 19.30 12.06 15.06
CA GLU C 237 19.26 13.06 16.12
C GLU C 237 19.20 14.48 15.56
N PHE C 238 18.81 14.65 14.30
CA PHE C 238 18.71 15.99 13.73
C PHE C 238 17.66 16.79 14.50
N PRO C 239 18.01 17.97 15.00
CA PRO C 239 17.12 18.69 15.92
C PRO C 239 15.93 19.38 15.27
N PHE C 240 15.78 19.31 13.95
CA PHE C 240 14.67 19.95 13.26
C PHE C 240 13.73 18.88 12.72
N PRO C 241 12.46 18.86 13.12
CA PRO C 241 11.55 17.82 12.63
C PRO C 241 11.21 17.94 11.15
N TYR C 242 11.15 19.15 10.61
CA TYR C 242 10.81 19.37 9.20
C TYR C 242 12.06 19.82 8.43
N TYR C 243 12.46 19.03 7.46
CA TYR C 243 13.62 19.35 6.64
C TYR C 243 13.45 18.74 5.25
N ILE C 244 14.21 19.27 4.30
CA ILE C 244 14.40 18.64 3.00
C ILE C 244 15.89 18.56 2.74
N ILE C 245 16.26 17.62 1.87
CA ILE C 245 17.65 17.44 1.45
C ILE C 245 17.78 17.91 0.00
N LEU C 246 18.73 18.79 -0.25
CA LEU C 246 18.96 19.37 -1.57
C LEU C 246 20.37 19.00 -2.03
N ARG C 247 20.45 18.14 -3.05
CA ARG C 247 21.72 17.81 -3.68
C ARG C 247 22.01 18.69 -4.89
N ASP C 248 20.97 19.03 -5.65
CA ASP C 248 21.09 19.76 -6.90
C ASP C 248 20.01 20.83 -6.93
N VAL C 249 20.39 22.07 -7.23
CA VAL C 249 19.44 23.18 -7.21
C VAL C 249 18.32 22.97 -8.23
N ASN C 250 18.59 22.19 -9.30
CA ASN C 250 17.54 21.89 -10.26
C ASN C 250 16.36 21.16 -9.64
N ALA C 251 16.57 20.48 -8.50
CA ALA C 251 15.51 19.79 -7.79
C ALA C 251 14.82 20.67 -6.75
N LEU C 252 15.33 21.88 -6.51
CA LEU C 252 14.76 22.72 -5.47
C LEU C 252 13.31 23.10 -5.70
N PRO C 253 12.86 23.47 -6.91
CA PRO C 253 11.44 23.82 -7.06
C PRO C 253 10.49 22.68 -6.70
N GLU C 254 10.78 21.46 -7.18
CA GLU C 254 9.87 20.34 -6.92
C GLU C 254 9.93 19.89 -5.46
N THR C 255 11.12 19.94 -4.86
CA THR C 255 11.26 19.45 -3.49
C THR C 255 10.70 20.46 -2.48
N LEU C 256 11.02 21.74 -2.66
CA LEU C 256 10.57 22.75 -1.69
C LEU C 256 9.07 23.00 -1.81
N SER C 257 8.53 22.99 -3.02
CA SER C 257 7.09 23.20 -3.17
C SER C 257 6.29 22.06 -2.54
N ASP C 258 6.80 20.83 -2.60
CA ASP C 258 6.14 19.74 -1.90
C ASP C 258 6.13 19.98 -0.39
N ALA C 259 7.24 20.51 0.15
CA ALA C 259 7.29 20.77 1.58
C ALA C 259 6.39 21.92 1.96
N LEU C 260 6.27 22.94 1.11
CA LEU C 260 5.40 24.06 1.43
C LEU C 260 3.93 23.70 1.25
N ARG C 261 3.60 22.69 0.44
CA ARG C 261 2.22 22.21 0.38
C ARG C 261 1.79 21.64 1.73
N GLN C 262 2.65 20.81 2.33
CA GLN C 262 2.35 20.23 3.64
C GLN C 262 2.33 21.32 4.71
N TRP C 263 3.22 22.32 4.57
CA TRP C 263 3.18 23.48 5.47
C TRP C 263 1.86 24.21 5.39
N PHE C 264 1.37 24.45 4.16
CA PHE C 264 0.13 25.21 3.99
C PHE C 264 -1.06 24.47 4.58
N GLU C 265 -1.12 23.16 4.38
CA GLU C 265 -2.22 22.37 4.92
C GLU C 265 -2.21 22.33 6.44
N LEU C 266 -1.01 22.28 7.04
CA LEU C 266 -0.93 22.26 8.50
C LEU C 266 -1.32 23.61 9.10
N VAL C 267 -0.88 24.70 8.49
CA VAL C 267 -1.16 26.02 9.05
C VAL C 267 -2.63 26.38 8.91
N THR C 268 -3.27 25.95 7.81
CA THR C 268 -4.69 26.21 7.62
C THR C 268 -5.51 25.06 8.22
N ARG D 11 24.34 17.68 32.06
CA ARG D 11 25.49 17.11 31.37
C ARG D 11 25.43 17.40 29.86
N ASP D 12 24.87 18.56 29.51
CA ASP D 12 24.75 18.99 28.12
C ASP D 12 26.07 19.60 27.66
N VAL D 13 27.03 18.71 27.39
CA VAL D 13 28.35 19.11 26.90
C VAL D 13 28.31 19.34 25.39
N GLN D 14 29.33 20.04 24.91
CA GLN D 14 29.47 20.31 23.48
C GLN D 14 29.71 19.02 22.71
N ARG D 15 29.13 18.93 21.51
CA ARG D 15 29.36 17.83 20.59
C ARG D 15 29.99 18.37 19.31
N LEU D 16 30.77 17.51 18.64
CA LEU D 16 31.44 17.90 17.41
C LEU D 16 31.73 16.65 16.58
N LEU D 17 32.04 16.88 15.30
CA LEU D 17 32.31 15.81 14.35
C LEU D 17 33.79 15.45 14.35
N VAL D 18 34.06 14.14 14.27
CA VAL D 18 35.42 13.61 14.34
C VAL D 18 35.58 12.56 13.25
N GLN D 19 36.81 12.45 12.73
CA GLN D 19 37.14 11.49 11.69
C GLN D 19 38.37 10.71 12.11
N PHE D 20 38.26 9.38 12.17
CA PHE D 20 39.39 8.53 12.51
C PHE D 20 40.25 8.28 11.28
N GLN D 21 41.56 8.17 11.51
CA GLN D 21 42.47 7.89 10.41
C GLN D 21 43.74 7.28 10.94
N ASP D 22 44.48 6.62 10.03
CA ASP D 22 45.75 6.01 10.36
C ASP D 22 46.81 7.07 10.62
N GLU D 23 47.95 6.62 11.15
CA GLU D 23 49.13 7.45 11.17
C GLU D 23 49.63 7.73 9.76
N GLY D 24 49.39 6.81 8.83
CA GLY D 24 49.75 6.98 7.44
C GLY D 24 48.75 7.75 6.60
N GLY D 25 47.62 8.16 7.19
CA GLY D 25 46.66 9.01 6.52
C GLY D 25 45.42 8.31 5.98
N GLN D 26 45.31 7.00 6.13
CA GLN D 26 44.16 6.27 5.65
C GLN D 26 42.97 6.50 6.58
N LEU D 27 41.90 7.06 6.03
CA LEU D 27 40.72 7.35 6.82
C LEU D 27 39.98 6.06 7.17
N LEU D 28 39.39 6.04 8.37
CA LEU D 28 38.66 4.87 8.86
C LEU D 28 37.21 5.26 9.09
N GLY D 29 36.31 4.67 8.31
CA GLY D 29 34.90 4.95 8.45
C GLY D 29 34.53 6.37 8.06
N SER D 30 33.29 6.70 8.36
CA SER D 30 32.72 8.02 8.11
C SER D 30 32.77 8.85 9.39
N PRO D 31 32.56 10.17 9.28
CA PRO D 31 32.61 11.02 10.48
C PRO D 31 31.59 10.61 11.53
N PHE D 32 31.89 10.98 12.78
CA PHE D 32 31.10 10.63 13.94
C PHE D 32 30.76 11.88 14.73
N ASP D 33 29.52 11.96 15.22
CA ASP D 33 29.14 12.99 16.17
C ASP D 33 29.41 12.47 17.58
N VAL D 34 30.17 13.23 18.35
CA VAL D 34 30.75 12.72 19.59
C VAL D 34 30.73 13.81 20.66
N PRO D 35 30.31 13.50 21.89
CA PRO D 35 30.44 14.47 22.98
C PRO D 35 31.90 14.72 23.31
N VAL D 36 32.19 15.96 23.71
CA VAL D 36 33.59 16.39 23.83
C VAL D 36 34.30 15.77 25.01
N ASP D 37 33.55 15.21 25.97
CA ASP D 37 34.13 14.53 27.12
C ASP D 37 34.36 13.04 26.90
N ILE D 38 34.32 12.58 25.64
CA ILE D 38 34.52 11.16 25.36
C ILE D 38 35.91 10.73 25.82
N THR D 39 35.99 9.52 26.37
CA THR D 39 37.21 8.99 26.94
C THR D 39 37.98 8.15 25.93
N PRO D 40 39.27 7.93 26.14
CA PRO D 40 40.01 7.02 25.24
C PRO D 40 39.44 5.62 25.22
N ASP D 41 38.89 5.15 26.33
CA ASP D 41 38.26 3.83 26.34
C ASP D 41 37.04 3.78 25.43
N ARG D 42 36.22 4.84 25.45
CA ARG D 42 35.06 4.87 24.55
C ARG D 42 35.49 5.07 23.11
N LEU D 43 36.57 5.80 22.87
CA LEU D 43 37.10 5.91 21.51
C LEU D 43 37.57 4.56 21.00
N GLN D 44 38.11 3.71 21.89
CA GLN D 44 38.53 2.38 21.51
C GLN D 44 37.34 1.51 21.12
N LEU D 45 36.23 1.63 21.84
CA LEU D 45 35.05 0.82 21.52
C LEU D 45 34.50 1.18 20.15
N VAL D 46 34.51 2.47 19.80
CA VAL D 46 34.06 2.88 18.48
C VAL D 46 34.98 2.33 17.39
N CYS D 47 36.29 2.37 17.62
CA CYS D 47 37.25 1.87 16.63
C CYS D 47 37.13 0.36 16.46
N ASN D 48 36.84 -0.36 17.55
CA ASN D 48 36.66 -1.80 17.45
C ASN D 48 35.51 -2.15 16.51
N ALA D 49 34.43 -1.37 16.56
CA ALA D 49 33.32 -1.58 15.64
C ALA D 49 33.76 -1.38 14.19
N LEU D 50 34.53 -0.32 13.93
CA LEU D 50 34.92 -0.01 12.55
C LEU D 50 35.97 -0.98 12.03
N LEU D 51 36.87 -1.46 12.88
CA LEU D 51 37.94 -2.34 12.40
C LEU D 51 37.51 -3.79 12.32
N ALA D 52 36.55 -4.18 13.15
CA ALA D 52 36.12 -5.59 13.15
C ALA D 52 37.35 -6.49 13.08
N GLN D 53 38.10 -6.59 14.16
CA GLN D 53 39.31 -7.44 14.21
C GLN D 53 39.22 -8.33 15.45
N GLU D 54 39.54 -9.62 15.30
CA GLU D 54 39.55 -10.54 16.45
C GLU D 54 40.68 -10.11 17.40
N ASP D 55 40.44 -10.15 18.70
CA ASP D 55 41.48 -9.80 19.70
C ASP D 55 41.96 -8.37 19.44
N PRO D 56 41.09 -7.36 19.61
CA PRO D 56 41.47 -6.00 19.30
C PRO D 56 42.74 -5.58 20.05
N LEU D 57 43.66 -4.90 19.37
CA LEU D 57 44.86 -4.42 20.01
C LEU D 57 44.58 -3.11 20.75
N PRO D 58 45.24 -2.87 21.86
CA PRO D 58 45.11 -1.57 22.53
C PRO D 58 45.64 -0.45 21.65
N LEU D 59 44.94 0.69 21.68
CA LEU D 59 45.21 1.81 20.80
C LEU D 59 45.38 3.08 21.61
N ALA D 60 46.19 3.98 21.07
CA ALA D 60 46.32 5.34 21.58
C ALA D 60 45.81 6.30 20.51
N PHE D 61 45.31 7.45 20.95
CA PHE D 61 44.62 8.39 20.07
C PHE D 61 45.29 9.75 20.16
N PHE D 62 45.42 10.42 19.01
CA PHE D 62 46.13 11.67 18.90
C PHE D 62 45.31 12.68 18.12
N VAL D 63 45.24 13.91 18.63
CA VAL D 63 44.67 15.03 17.90
C VAL D 63 45.73 16.12 17.85
N HIS D 64 46.16 16.47 16.64
CA HIS D 64 47.23 17.45 16.41
C HIS D 64 48.49 17.07 17.18
N ASP D 65 48.86 15.79 17.06
CA ASP D 65 50.09 15.23 17.64
C ASP D 65 50.09 15.23 19.16
N ALA D 66 48.95 15.47 19.80
CA ALA D 66 48.83 15.41 21.25
C ALA D 66 48.00 14.20 21.63
N GLU D 67 48.54 13.37 22.52
CA GLU D 67 47.88 12.13 22.92
C GLU D 67 46.71 12.44 23.85
N ILE D 68 45.59 11.76 23.62
CA ILE D 68 44.42 11.87 24.49
C ILE D 68 44.58 10.90 25.66
N VAL D 69 44.65 11.46 26.87
CA VAL D 69 44.94 10.70 28.07
C VAL D 69 43.69 10.53 28.93
N SER D 70 42.99 11.62 29.21
CA SER D 70 41.77 11.57 30.01
C SER D 70 40.50 11.78 29.20
N SER D 71 40.46 12.81 28.35
CA SER D 71 39.30 13.05 27.51
C SER D 71 39.70 13.90 26.32
N LEU D 72 38.89 13.82 25.26
CA LEU D 72 39.12 14.67 24.09
C LEU D 72 39.07 16.15 24.45
N GLY D 73 38.08 16.55 25.25
CA GLY D 73 37.96 17.95 25.63
C GLY D 73 39.18 18.46 26.39
N LYS D 74 39.72 17.63 27.28
CA LYS D 74 40.92 18.02 28.03
C LYS D 74 42.08 18.31 27.10
N THR D 75 42.28 17.47 26.07
CA THR D 75 43.38 17.68 25.14
C THR D 75 43.16 18.94 24.31
N LEU D 76 41.92 19.21 23.90
CA LEU D 76 41.63 20.38 23.09
C LEU D 76 41.81 21.68 23.85
N GLU D 77 41.68 21.66 25.18
CA GLU D 77 41.80 22.88 25.98
C GLU D 77 43.18 23.52 25.85
N SER D 78 44.22 22.72 25.59
CA SER D 78 45.57 23.24 25.47
C SER D 78 45.94 23.58 24.04
N GLN D 79 44.97 23.60 23.13
CA GLN D 79 45.18 23.88 21.73
C GLN D 79 44.22 24.97 21.27
N ALA D 80 44.58 25.62 20.16
CA ALA D 80 43.70 26.58 19.50
C ALA D 80 43.10 25.83 18.31
N VAL D 81 41.96 25.19 18.55
CA VAL D 81 41.36 24.26 17.60
C VAL D 81 40.24 24.95 16.84
N GLU D 82 40.12 24.62 15.56
CA GLU D 82 39.05 25.12 14.69
C GLU D 82 37.85 24.20 14.83
N THR D 83 36.84 24.64 15.58
CA THR D 83 35.69 23.79 15.84
C THR D 83 34.85 23.54 14.59
N GLU D 84 34.97 24.42 13.58
CA GLU D 84 34.15 24.29 12.39
C GLU D 84 34.59 23.12 11.50
N LYS D 85 35.87 22.77 11.54
CA LYS D 85 36.36 21.66 10.73
C LYS D 85 36.08 20.34 11.43
N VAL D 86 36.05 19.27 10.63
CA VAL D 86 35.97 17.93 11.19
C VAL D 86 37.31 17.58 11.83
N LEU D 87 37.27 17.19 13.10
CA LEU D 87 38.50 16.95 13.84
C LEU D 87 39.06 15.58 13.50
N ASP D 88 40.31 15.56 13.03
CA ASP D 88 40.98 14.31 12.72
C ASP D 88 41.58 13.72 13.99
N ILE D 89 41.23 12.47 14.27
CA ILE D 89 41.77 11.74 15.41
C ILE D 89 42.62 10.60 14.87
N ILE D 90 43.91 10.63 15.19
CA ILE D 90 44.86 9.61 14.73
C ILE D 90 44.97 8.53 15.81
N TYR D 91 44.86 7.27 15.38
CA TYR D 91 45.01 6.14 16.28
C TYR D 91 46.21 5.31 15.89
N GLN D 92 46.88 4.75 16.89
CA GLN D 92 48.02 3.86 16.68
C GLN D 92 48.11 2.92 17.88
N PRO D 93 48.65 1.72 17.70
CA PRO D 93 48.83 0.82 18.85
C PRO D 93 49.82 1.41 19.83
N GLN D 94 49.57 1.14 21.12
CA GLN D 94 50.43 1.62 22.19
C GLN D 94 51.81 0.96 22.13
N ASN E 16 21.76 -6.71 6.63
CA ASN E 16 20.41 -7.17 6.92
C ASN E 16 19.50 -7.21 5.68
N PRO E 17 19.46 -6.13 4.87
CA PRO E 17 18.70 -6.22 3.61
C PRO E 17 19.20 -7.31 2.69
N GLU E 18 20.52 -7.55 2.65
CA GLU E 18 21.05 -8.59 1.77
C GLU E 18 20.73 -9.99 2.27
N GLU E 19 20.54 -10.16 3.58
CA GLU E 19 20.12 -11.48 4.08
C GLU E 19 18.66 -11.76 3.75
N GLU E 20 17.83 -10.72 3.72
CA GLU E 20 16.42 -10.91 3.37
C GLU E 20 16.24 -11.25 1.90
N LYS E 21 17.07 -10.65 1.03
CA LYS E 21 16.95 -10.98 -0.39
C LYS E 21 17.45 -12.39 -0.66
N VAL E 22 18.53 -12.81 0.00
CA VAL E 22 19.02 -14.19 -0.12
C VAL E 22 17.98 -15.15 0.43
N ALA E 23 17.40 -14.83 1.59
CA ALA E 23 16.39 -15.70 2.17
C ALA E 23 15.15 -15.75 1.29
N ALA E 24 14.75 -14.60 0.74
CA ALA E 24 13.57 -14.56 -0.12
C ALA E 24 13.76 -15.38 -1.38
N GLU E 25 14.93 -15.27 -2.01
CA GLU E 25 15.21 -16.07 -3.20
C GLU E 25 15.23 -17.55 -2.88
N MET E 26 15.81 -17.91 -1.72
CA MET E 26 15.85 -19.32 -1.34
C MET E 26 14.46 -19.86 -1.05
N TRP E 27 13.63 -19.07 -0.34
CA TRP E 27 12.26 -19.49 -0.08
C TRP E 27 11.47 -19.67 -1.36
N GLN E 28 11.70 -18.81 -2.35
CA GLN E 28 10.99 -18.93 -3.61
C GLN E 28 11.28 -20.26 -4.30
N SER E 29 12.52 -20.74 -4.19
CA SER E 29 12.87 -22.03 -4.78
C SER E 29 12.17 -23.18 -4.04
N TYR E 30 11.92 -23.03 -2.74
CA TYR E 30 11.15 -24.03 -2.02
C TYR E 30 9.70 -24.03 -2.46
N LEU E 31 9.12 -22.84 -2.68
CA LEU E 31 7.72 -22.77 -3.10
C LEU E 31 7.51 -23.42 -4.45
N ILE E 32 8.48 -23.30 -5.36
CA ILE E 32 8.37 -23.94 -6.68
C ILE E 32 8.38 -25.45 -6.54
N LEU E 33 9.21 -25.99 -5.64
CA LEU E 33 9.32 -27.43 -5.49
C LEU E 33 8.08 -28.03 -4.83
N THR E 34 7.50 -27.32 -3.86
CA THR E 34 6.44 -27.85 -3.03
C THR E 34 5.05 -27.40 -3.46
N ALA E 35 4.94 -26.60 -4.53
CA ALA E 35 3.64 -26.10 -4.96
C ALA E 35 2.63 -27.21 -5.26
N PRO E 36 2.94 -28.25 -6.05
CA PRO E 36 1.94 -29.30 -6.25
C PRO E 36 1.58 -30.05 -4.97
N LEU E 37 2.55 -30.26 -4.08
CA LEU E 37 2.26 -30.97 -2.83
C LEU E 37 1.32 -30.17 -1.94
N SER E 38 1.53 -28.86 -1.85
CA SER E 38 0.65 -28.02 -1.04
C SER E 38 -0.77 -28.01 -1.62
N GLN E 39 -0.89 -28.11 -2.94
CA GLN E 39 -2.20 -28.19 -3.57
C GLN E 39 -2.89 -29.50 -3.23
N ARG E 40 -2.16 -30.62 -3.35
CA ARG E 40 -2.75 -31.92 -3.03
C ARG E 40 -3.14 -32.01 -1.56
N LEU E 41 -2.31 -31.46 -0.66
CA LEU E 41 -2.65 -31.51 0.75
C LEU E 41 -3.89 -30.67 1.06
N CYS E 42 -4.01 -29.50 0.43
CA CYS E 42 -5.22 -28.69 0.59
C CYS E 42 -6.46 -29.48 0.19
N GLU E 43 -6.39 -30.19 -0.94
CA GLU E 43 -7.55 -30.94 -1.42
C GLU E 43 -7.93 -32.05 -0.44
N GLU E 44 -6.94 -32.80 0.04
CA GLU E 44 -7.23 -33.89 0.96
C GLU E 44 -7.71 -33.36 2.32
N LEU E 45 -7.13 -32.25 2.77
CA LEU E 45 -7.60 -31.60 4.00
C LEU E 45 -9.00 -31.02 3.82
N ARG E 46 -9.28 -30.48 2.63
CA ARG E 46 -10.60 -29.93 2.36
C ARG E 46 -11.69 -30.97 2.53
N LEU E 47 -11.43 -32.21 2.09
CA LEU E 47 -12.39 -33.29 2.28
C LEU E 47 -12.69 -33.53 3.75
N ILE E 48 -11.67 -33.44 4.60
CA ILE E 48 -11.86 -33.71 6.02
C ILE E 48 -12.55 -32.55 6.73
N LEU E 49 -12.10 -31.33 6.46
CA LEU E 49 -12.55 -30.17 7.21
C LEU E 49 -13.85 -29.55 6.69
N GLU E 50 -14.17 -29.72 5.42
CA GLU E 50 -15.38 -29.12 4.86
C GLU E 50 -16.52 -30.12 4.76
N GLY E 51 -17.72 -29.62 4.94
CA GLY E 51 -18.93 -30.43 4.95
C GLY E 51 -19.95 -29.86 5.90
N SER E 52 -21.14 -30.45 5.85
CA SER E 52 -22.23 -29.97 6.68
C SER E 52 -22.10 -30.49 8.11
N GLY E 53 -22.29 -29.60 9.08
CA GLY E 53 -22.20 -29.95 10.48
C GLY E 53 -20.81 -29.93 11.07
N LYS E 54 -19.82 -29.42 10.35
CA LYS E 54 -18.44 -29.42 10.78
C LYS E 54 -18.06 -28.06 11.37
N PRO E 55 -16.98 -27.99 12.16
CA PRO E 55 -16.61 -26.72 12.78
C PRO E 55 -16.25 -25.66 11.75
N SER E 56 -16.23 -24.42 12.22
CA SER E 56 -15.77 -23.31 11.39
C SER E 56 -14.25 -23.35 11.27
N LYS E 57 -13.75 -22.95 10.10
CA LYS E 57 -12.31 -22.86 9.91
C LYS E 57 -11.68 -21.87 10.88
N ARG E 58 -12.45 -20.90 11.37
CA ARG E 58 -11.96 -19.92 12.32
C ARG E 58 -11.74 -20.50 13.72
N GLN E 59 -12.15 -21.75 13.96
CA GLN E 59 -12.07 -22.35 15.29
C GLN E 59 -10.81 -23.17 15.51
N TYR E 60 -9.85 -23.12 14.60
CA TYR E 60 -8.64 -23.93 14.70
C TYR E 60 -7.45 -23.04 15.00
N GLN E 61 -6.58 -23.51 15.91
CA GLN E 61 -5.32 -22.87 16.22
C GLN E 61 -4.22 -23.92 16.01
N ILE E 62 -3.34 -23.68 15.05
CA ILE E 62 -2.32 -24.64 14.65
C ILE E 62 -0.96 -23.97 14.82
N CYS E 63 -0.04 -24.65 15.50
CA CYS E 63 1.33 -24.21 15.68
C CYS E 63 2.27 -25.19 15.00
N LEU E 64 3.17 -24.66 14.18
CA LEU E 64 4.23 -25.46 13.57
C LEU E 64 5.54 -25.20 14.31
N ALA E 65 6.14 -26.27 14.82
CA ALA E 65 7.35 -26.21 15.62
C ALA E 65 8.50 -26.86 14.85
N ILE E 66 9.54 -26.08 14.57
CA ILE E 66 10.69 -26.56 13.81
C ILE E 66 11.87 -26.79 14.74
N ASP E 67 12.49 -27.96 14.62
CA ASP E 67 13.69 -28.31 15.37
C ASP E 67 14.87 -27.58 14.74
N ASP E 68 15.45 -26.63 15.48
CA ASP E 68 16.54 -25.82 14.97
C ASP E 68 17.91 -26.28 15.49
N SER E 69 18.00 -27.52 15.96
CA SER E 69 19.25 -28.03 16.52
C SER E 69 20.15 -28.60 15.42
N SER E 70 21.44 -28.68 15.73
CA SER E 70 22.44 -29.00 14.72
C SER E 70 22.41 -30.47 14.29
N SER E 71 21.74 -31.35 15.03
CA SER E 71 21.58 -32.72 14.59
C SER E 71 20.76 -32.82 13.31
N MET E 72 19.93 -31.82 13.02
CA MET E 72 19.19 -31.80 11.77
C MET E 72 20.14 -31.78 10.58
N VAL E 73 21.30 -31.13 10.72
CA VAL E 73 22.31 -31.17 9.68
C VAL E 73 23.00 -32.53 9.64
N ASP E 74 23.30 -33.09 10.82
CA ASP E 74 23.96 -34.39 10.88
C ASP E 74 23.09 -35.48 10.26
N ASN E 75 21.79 -35.44 10.50
CA ASN E 75 20.87 -36.45 10.00
C ASN E 75 20.30 -36.10 8.63
N HIS E 76 20.75 -35.00 8.03
CA HIS E 76 20.30 -34.57 6.70
C HIS E 76 18.78 -34.41 6.65
N THR E 77 18.22 -33.79 7.68
CA THR E 77 16.80 -33.48 7.74
C THR E 77 16.53 -31.99 7.66
N LYS E 78 17.52 -31.19 7.25
CA LYS E 78 17.32 -29.75 7.14
C LYS E 78 16.37 -29.41 6.01
N GLN E 79 16.57 -30.00 4.83
CA GLN E 79 15.70 -29.71 3.70
C GLN E 79 14.30 -30.23 3.93
N LEU E 80 14.16 -31.44 4.50
CA LEU E 80 12.83 -31.97 4.80
C LEU E 80 12.05 -31.03 5.71
N ALA E 81 12.73 -30.38 6.65
CA ALA E 81 12.05 -29.48 7.57
C ALA E 81 11.48 -28.27 6.83
N PHE E 82 12.29 -27.65 5.97
CA PHE E 82 11.82 -26.49 5.23
C PHE E 82 10.77 -26.86 4.20
N GLU E 83 10.98 -27.99 3.50
CA GLU E 83 9.97 -28.47 2.57
C GLU E 83 8.65 -28.76 3.26
N SER E 84 8.71 -29.35 4.46
CA SER E 84 7.48 -29.64 5.20
C SER E 84 6.79 -28.36 5.63
N LEU E 85 7.56 -27.35 6.05
CA LEU E 85 6.96 -26.08 6.44
C LEU E 85 6.26 -25.41 5.26
N ALA E 86 6.88 -25.47 4.08
CA ALA E 86 6.26 -24.87 2.89
C ALA E 86 4.97 -25.60 2.53
N VAL E 87 4.99 -26.92 2.55
CA VAL E 87 3.78 -27.69 2.20
C VAL E 87 2.66 -27.40 3.19
N ILE E 88 2.95 -27.50 4.49
CA ILE E 88 1.90 -27.38 5.49
C ILE E 88 1.39 -25.95 5.57
N GLY E 89 2.31 -24.98 5.66
CA GLY E 89 1.90 -23.61 5.85
C GLY E 89 1.09 -23.06 4.69
N ASN E 90 1.46 -23.44 3.46
CA ASN E 90 0.74 -22.95 2.29
C ASN E 90 -0.58 -23.69 2.07
N ALA E 91 -0.63 -24.98 2.38
CA ALA E 91 -1.88 -25.72 2.24
C ALA E 91 -2.94 -25.19 3.19
N LEU E 92 -2.55 -24.88 4.43
CA LEU E 92 -3.50 -24.34 5.39
C LEU E 92 -3.94 -22.92 5.01
N THR E 93 -3.05 -22.14 4.39
CA THR E 93 -3.44 -20.81 3.94
C THR E 93 -4.40 -20.88 2.76
N LEU E 94 -4.14 -21.78 1.81
CA LEU E 94 -5.06 -21.99 0.70
C LEU E 94 -6.44 -22.42 1.21
N LEU E 95 -6.45 -23.22 2.28
CA LEU E 95 -7.67 -23.71 2.91
C LEU E 95 -8.35 -22.63 3.74
N GLU E 96 -7.69 -21.48 3.90
CA GLU E 96 -8.19 -20.34 4.69
C GLU E 96 -8.33 -20.69 6.17
N VAL E 97 -7.39 -21.49 6.67
CA VAL E 97 -7.22 -21.66 8.11
C VAL E 97 -6.32 -20.51 8.55
N GLY E 98 -6.90 -19.53 9.26
CA GLY E 98 -6.20 -18.29 9.52
C GLY E 98 -5.16 -18.32 10.62
N GLN E 99 -5.39 -19.10 11.68
CA GLN E 99 -4.53 -19.03 12.85
C GLN E 99 -3.38 -20.04 12.73
N ILE E 100 -2.24 -19.57 12.23
CA ILE E 100 -1.04 -20.38 12.08
C ILE E 100 0.10 -19.68 12.80
N ALA E 101 0.75 -20.39 13.72
CA ALA E 101 1.95 -19.90 14.38
C ALA E 101 3.12 -20.83 14.03
N VAL E 102 4.30 -20.25 13.87
CA VAL E 102 5.52 -21.00 13.60
C VAL E 102 6.51 -20.74 14.72
N CYS E 103 7.10 -21.81 15.25
CA CYS E 103 8.06 -21.72 16.33
C CYS E 103 9.32 -22.50 15.98
N SER E 104 10.44 -22.07 16.55
CA SER E 104 11.69 -22.82 16.52
C SER E 104 12.12 -23.11 17.96
N PHE E 105 12.75 -24.27 18.15
CA PHE E 105 13.22 -24.66 19.47
C PHE E 105 14.58 -25.33 19.33
N GLY E 106 15.27 -25.41 20.47
CA GLY E 106 16.61 -25.98 20.53
C GLY E 106 17.31 -25.60 21.81
N GLU E 107 18.01 -24.46 21.81
CA GLU E 107 18.54 -23.88 23.03
C GLU E 107 17.55 -22.94 23.71
N SER E 108 16.60 -22.40 22.96
CA SER E 108 15.55 -21.55 23.49
C SER E 108 14.40 -21.56 22.50
N VAL E 109 13.26 -21.03 22.95
CA VAL E 109 12.05 -20.99 22.14
C VAL E 109 11.93 -19.62 21.49
N LYS E 110 11.72 -19.60 20.18
CA LYS E 110 11.52 -18.36 19.43
C LYS E 110 10.18 -18.44 18.71
N LEU E 111 9.39 -17.38 18.82
CA LEU E 111 8.15 -17.26 18.08
C LEU E 111 8.45 -16.55 16.76
N LEU E 112 8.49 -17.31 15.67
CA LEU E 112 8.87 -16.76 14.38
C LEU E 112 7.70 -16.19 13.59
N HIS E 113 6.48 -16.64 13.87
CA HIS E 113 5.30 -16.09 13.23
C HIS E 113 4.11 -16.18 14.18
N PRO E 114 3.49 -15.06 14.53
CA PRO E 114 2.38 -15.08 15.49
C PRO E 114 1.09 -15.59 14.83
N PHE E 115 0.14 -15.96 15.69
CA PHE E 115 -1.13 -16.51 15.23
C PHE E 115 -1.89 -15.50 14.37
N HIS E 116 -2.14 -14.32 14.93
CA HIS E 116 -3.04 -13.33 14.32
C HIS E 116 -2.44 -12.68 13.08
N GLU E 117 -1.16 -12.88 12.82
CA GLU E 117 -0.52 -12.32 11.64
C GLU E 117 -0.83 -13.15 10.40
N GLN E 118 -0.85 -12.49 9.25
CA GLN E 118 -1.12 -13.16 7.99
C GLN E 118 0.10 -13.96 7.53
N PHE E 119 -0.12 -15.19 7.11
CA PHE E 119 0.95 -16.05 6.62
C PHE E 119 1.09 -15.85 5.11
N SER E 120 2.22 -15.29 4.68
CA SER E 120 2.47 -15.00 3.28
C SER E 120 3.85 -15.51 2.88
N ASP E 121 4.28 -15.21 1.66
CA ASP E 121 5.64 -15.56 1.27
C ASP E 121 6.66 -14.83 2.14
N TYR E 122 6.35 -13.60 2.57
CA TYR E 122 7.22 -12.88 3.48
C TYR E 122 7.37 -13.62 4.80
N SER E 123 6.31 -14.28 5.26
CA SER E 123 6.41 -15.07 6.48
C SER E 123 7.42 -16.20 6.34
N GLY E 124 7.40 -16.91 5.20
CA GLY E 124 8.32 -18.01 5.01
C GLY E 124 9.76 -17.56 4.91
N SER E 125 10.00 -16.42 4.25
CA SER E 125 11.35 -15.89 4.17
C SER E 125 11.88 -15.50 5.53
N GLN E 126 11.01 -15.01 6.41
CA GLN E 126 11.43 -14.57 7.75
C GLN E 126 11.94 -15.73 8.59
N ILE E 127 11.22 -16.85 8.61
CA ILE E 127 11.69 -17.99 9.38
C ILE E 127 12.91 -18.63 8.72
N LEU E 128 12.96 -18.62 7.38
CA LEU E 128 14.13 -19.18 6.69
C LEU E 128 15.41 -18.47 7.10
N ARG E 129 15.33 -17.13 7.26
CA ARG E 129 16.50 -16.37 7.63
C ARG E 129 16.96 -16.69 9.05
N LEU E 130 16.01 -16.99 9.94
CA LEU E 130 16.31 -17.18 11.36
C LEU E 130 16.55 -18.63 11.74
N CYS E 131 16.33 -19.58 10.84
CA CYS E 131 16.55 -20.99 11.11
C CYS E 131 17.77 -21.47 10.32
N LYS E 132 18.92 -21.50 10.98
CA LYS E 132 20.15 -21.98 10.35
C LYS E 132 20.62 -23.32 10.91
N PHE E 133 19.88 -23.92 11.85
CA PHE E 133 20.17 -25.26 12.36
C PHE E 133 21.58 -25.35 12.93
N GLN E 134 21.93 -24.36 13.76
CA GLN E 134 23.25 -24.29 14.39
C GLN E 134 23.17 -24.33 15.91
N GLN E 135 21.99 -24.57 16.48
CA GLN E 135 21.84 -24.60 17.92
C GLN E 135 22.38 -25.90 18.51
N LYS E 136 22.90 -25.80 19.73
CA LYS E 136 23.70 -26.87 20.33
C LYS E 136 22.90 -27.78 21.25
N LYS E 137 21.61 -27.52 21.44
CA LYS E 137 20.73 -28.34 22.27
C LYS E 137 19.41 -28.61 21.57
N THR E 138 18.73 -29.66 22.04
CA THR E 138 17.38 -30.04 21.60
C THR E 138 16.49 -30.14 22.83
N LYS E 139 16.18 -28.99 23.43
CA LYS E 139 15.42 -28.95 24.67
C LYS E 139 13.93 -29.00 24.35
N ILE E 140 13.41 -30.22 24.23
CA ILE E 140 12.01 -30.40 23.87
C ILE E 140 11.09 -30.13 25.06
N ALA E 141 11.54 -30.42 26.29
CA ALA E 141 10.71 -30.16 27.46
C ALA E 141 10.53 -28.66 27.68
N GLN E 142 11.61 -27.89 27.56
CA GLN E 142 11.50 -26.43 27.64
C GLN E 142 10.52 -25.91 26.60
N PHE E 143 10.57 -26.47 25.39
CA PHE E 143 9.66 -26.01 24.34
C PHE E 143 8.21 -26.29 24.72
N LEU E 144 7.91 -27.54 25.09
CA LEU E 144 6.54 -27.93 25.38
C LEU E 144 5.96 -27.12 26.53
N GLU E 145 6.77 -26.84 27.55
CA GLU E 145 6.30 -26.03 28.66
C GLU E 145 5.96 -24.62 28.22
N SER E 146 6.60 -24.14 27.14
CA SER E 146 6.35 -22.79 26.64
C SER E 146 5.11 -22.70 25.75
N VAL E 147 4.79 -23.75 24.99
CA VAL E 147 3.74 -23.64 23.98
C VAL E 147 2.36 -23.45 24.61
N ALA E 148 2.14 -23.97 25.82
CA ALA E 148 0.84 -23.81 26.47
C ALA E 148 0.51 -22.34 26.72
N ASN E 149 1.50 -21.58 27.20
CA ASN E 149 1.29 -20.15 27.44
C ASN E 149 1.03 -19.39 26.15
N MET E 150 1.70 -19.80 25.07
CA MET E 150 1.55 -19.11 23.79
C MET E 150 0.15 -19.31 23.23
N PHE E 151 -0.40 -20.52 23.35
CA PHE E 151 -1.78 -20.76 22.93
C PHE E 151 -2.77 -19.93 23.74
N ALA E 152 -2.60 -19.93 25.07
CA ALA E 152 -3.53 -19.21 25.93
C ALA E 152 -3.49 -17.69 25.69
N ALA E 153 -2.33 -17.17 25.31
CA ALA E 153 -2.20 -15.74 25.06
C ALA E 153 -2.97 -15.27 23.84
N ALA E 154 -3.22 -16.17 22.88
CA ALA E 154 -3.91 -15.80 21.65
C ALA E 154 -5.42 -15.99 21.71
N GLN E 155 -5.93 -16.69 22.71
CA GLN E 155 -7.37 -16.88 22.85
C GLN E 155 -8.03 -15.72 23.61
N GLU E 164 -15.96 -23.49 21.14
CA GLU E 164 -14.58 -23.40 21.58
C GLU E 164 -13.61 -23.34 20.40
N THR E 165 -12.34 -23.63 20.68
CA THR E 165 -11.31 -23.68 19.67
C THR E 165 -10.55 -25.00 19.80
N ALA E 166 -10.15 -25.56 18.67
CA ALA E 166 -9.33 -26.76 18.63
C ALA E 166 -7.88 -26.36 18.45
N GLN E 167 -7.02 -26.87 19.33
CA GLN E 167 -5.61 -26.49 19.35
C GLN E 167 -4.78 -27.67 18.89
N LEU E 168 -3.87 -27.43 17.95
CA LEU E 168 -3.10 -28.49 17.32
C LEU E 168 -1.65 -28.05 17.22
N LEU E 169 -0.73 -28.92 17.64
CA LEU E 169 0.70 -28.67 17.56
C LEU E 169 1.35 -29.71 16.66
N LEU E 170 2.11 -29.23 15.67
CA LEU E 170 2.85 -30.09 14.76
C LEU E 170 4.34 -29.86 14.95
N VAL E 171 5.04 -30.89 15.40
CA VAL E 171 6.47 -30.82 15.70
C VAL E 171 7.25 -31.43 14.54
N VAL E 172 8.12 -30.64 13.93
CA VAL E 172 8.92 -31.07 12.78
C VAL E 172 10.36 -31.24 13.27
N SER E 173 10.78 -32.50 13.44
CA SER E 173 12.07 -32.78 14.08
C SER E 173 12.55 -34.15 13.64
N ASP E 174 13.87 -34.38 13.80
CA ASP E 174 14.44 -35.70 13.56
C ASP E 174 14.09 -36.69 14.66
N GLY E 175 13.56 -36.23 15.79
CA GLY E 175 13.17 -37.11 16.87
C GLY E 175 14.29 -37.85 17.56
N ARG E 176 15.52 -37.34 17.48
CA ARG E 176 16.69 -37.99 18.07
C ARG E 176 17.39 -37.06 19.03
N GLY E 177 17.92 -37.62 20.12
CA GLY E 177 18.59 -36.84 21.15
C GLY E 177 17.63 -35.99 21.95
N LEU E 178 16.51 -36.57 22.38
CA LEU E 178 15.44 -35.84 23.03
C LEU E 178 15.43 -35.97 24.55
N PHE E 179 16.36 -36.72 25.14
CA PHE E 179 16.29 -37.06 26.55
C PHE E 179 17.41 -36.44 27.38
N LEU E 180 18.13 -35.45 26.84
CA LEU E 180 19.19 -34.81 27.61
C LEU E 180 18.64 -34.08 28.83
N GLU E 181 17.39 -33.64 28.77
CA GLU E 181 16.70 -33.00 29.87
C GLU E 181 16.21 -33.99 30.92
N GLY E 182 16.30 -35.29 30.64
CA GLY E 182 15.73 -36.31 31.50
C GLY E 182 14.48 -36.89 30.89
N LYS E 183 14.36 -38.22 30.89
CA LYS E 183 13.22 -38.87 30.23
C LYS E 183 11.92 -38.60 30.97
N GLU E 184 11.92 -38.74 32.29
CA GLU E 184 10.70 -38.58 33.07
C GLU E 184 10.15 -37.17 32.96
N ARG E 185 11.02 -36.16 32.91
CA ARG E 185 10.57 -34.79 32.77
C ARG E 185 9.94 -34.53 31.41
N VAL E 186 10.54 -35.09 30.35
CA VAL E 186 10.00 -34.92 29.01
C VAL E 186 8.60 -35.50 28.92
N LEU E 187 8.40 -36.67 29.51
CA LEU E 187 7.07 -37.27 29.53
C LEU E 187 6.07 -36.38 30.28
N ALA E 188 6.51 -35.77 31.37
CA ALA E 188 5.63 -34.87 32.12
C ALA E 188 5.24 -33.64 31.31
N ALA E 189 6.16 -33.15 30.46
CA ALA E 189 5.85 -31.97 29.64
C ALA E 189 4.85 -32.33 28.54
N VAL E 190 4.98 -33.53 27.97
CA VAL E 190 3.98 -34.01 27.02
C VAL E 190 2.63 -34.15 27.70
N GLN E 191 2.61 -34.70 28.92
CA GLN E 191 1.36 -34.87 29.65
C GLN E 191 0.72 -33.53 29.99
N ALA E 192 1.53 -32.51 30.27
CA ALA E 192 0.97 -31.19 30.58
C ALA E 192 0.32 -30.56 29.36
N ALA E 193 0.87 -30.80 28.16
CA ALA E 193 0.26 -30.28 26.95
C ALA E 193 -1.10 -30.94 26.69
N ARG E 194 -1.19 -32.25 26.90
CA ARG E 194 -2.47 -32.93 26.74
C ARG E 194 -3.50 -32.43 27.74
N ASN E 195 -3.11 -32.27 29.00
CA ASN E 195 -4.03 -31.79 30.01
C ASN E 195 -4.53 -30.38 29.71
N ALA E 196 -3.75 -29.61 28.96
CA ALA E 196 -4.15 -28.29 28.50
C ALA E 196 -4.99 -28.35 27.22
N ASN E 197 -5.38 -29.54 26.79
CA ASN E 197 -6.20 -29.75 25.59
C ASN E 197 -5.50 -29.34 24.32
N ILE E 198 -4.17 -29.49 24.27
CA ILE E 198 -3.40 -29.30 23.04
C ILE E 198 -3.11 -30.69 22.46
N PHE E 199 -3.55 -30.90 21.22
CA PHE E 199 -3.28 -32.17 20.53
C PHE E 199 -1.95 -32.06 19.80
N VAL E 200 -1.08 -33.04 20.04
CA VAL E 200 0.30 -33.01 19.53
C VAL E 200 0.47 -34.13 18.52
N ILE E 201 1.00 -33.80 17.35
CA ILE E 201 1.42 -34.77 16.35
C ILE E 201 2.87 -34.50 16.01
N PHE E 202 3.72 -35.51 16.22
CA PHE E 202 5.15 -35.39 15.97
C PHE E 202 5.45 -35.87 14.56
N VAL E 203 6.05 -35.01 13.74
CA VAL E 203 6.43 -35.36 12.37
C VAL E 203 7.89 -35.77 12.41
N VAL E 204 8.14 -37.08 12.40
CA VAL E 204 9.50 -37.60 12.50
C VAL E 204 10.15 -37.60 11.12
N LEU E 205 11.21 -36.82 10.96
CA LEU E 205 11.94 -36.75 9.70
C LEU E 205 13.03 -37.81 9.71
N ASP E 206 13.01 -38.69 8.70
CA ASP E 206 13.93 -39.82 8.63
C ASP E 206 14.44 -39.94 7.20
N ASN E 207 15.61 -39.36 6.94
CA ASN E 207 16.15 -39.35 5.58
C ASN E 207 16.67 -40.74 5.22
N PRO E 208 16.26 -41.32 4.10
CA PRO E 208 16.76 -42.65 3.71
C PRO E 208 18.26 -42.68 3.44
N SER E 209 18.86 -41.55 3.06
CA SER E 209 20.29 -41.52 2.79
C SER E 209 21.11 -41.74 4.06
N SER E 210 20.55 -41.40 5.22
CA SER E 210 21.28 -41.51 6.48
C SER E 210 21.68 -42.96 6.75
N ARG E 211 22.76 -43.12 7.52
CA ARG E 211 23.30 -44.45 7.81
C ARG E 211 22.29 -45.33 8.52
N ASP E 212 21.62 -44.80 9.54
CA ASP E 212 20.65 -45.54 10.33
C ASP E 212 19.30 -44.86 10.28
N SER E 213 18.25 -45.66 10.14
CA SER E 213 16.90 -45.15 10.32
C SER E 213 16.61 -45.07 11.81
N ILE E 214 15.69 -44.17 12.17
CA ILE E 214 15.28 -44.06 13.57
C ILE E 214 14.65 -45.35 14.06
N LEU E 215 14.18 -46.20 13.15
CA LEU E 215 13.63 -47.50 13.51
C LEU E 215 14.70 -48.50 13.94
N ASP E 216 15.98 -48.23 13.64
CA ASP E 216 17.05 -49.14 13.98
C ASP E 216 17.73 -48.82 15.31
N ILE E 217 17.50 -47.63 15.87
CA ILE E 217 18.10 -47.27 17.15
C ILE E 217 17.51 -48.16 18.24
N LYS E 218 18.35 -48.57 19.18
CA LYS E 218 17.97 -49.51 20.22
C LYS E 218 18.16 -48.88 21.59
N VAL E 219 17.58 -49.53 22.59
CA VAL E 219 17.70 -49.11 23.99
C VAL E 219 17.81 -50.37 24.85
N PRO E 220 18.81 -50.47 25.73
CA PRO E 220 18.92 -51.66 26.57
C PRO E 220 18.11 -51.52 27.85
N ILE E 221 17.51 -52.63 28.24
CA ILE E 221 16.78 -52.74 29.50
C ILE E 221 17.48 -53.81 30.33
N PHE E 222 17.87 -53.45 31.55
CA PHE E 222 18.64 -54.32 32.40
C PHE E 222 17.74 -55.01 33.41
N LYS E 223 18.17 -56.20 33.84
CA LYS E 223 17.47 -56.97 34.85
C LYS E 223 18.47 -57.90 35.51
N GLY E 224 18.72 -57.69 36.80
CA GLY E 224 19.66 -58.52 37.51
C GLY E 224 21.05 -57.92 37.48
N PRO E 225 21.87 -58.25 38.47
CA PRO E 225 23.22 -57.67 38.52
C PRO E 225 24.14 -58.18 37.44
N GLY E 226 24.05 -59.46 37.07
CA GLY E 226 24.94 -60.02 36.07
C GLY E 226 24.25 -60.61 34.86
N GLU E 227 22.93 -60.46 34.78
CA GLU E 227 22.15 -61.10 33.72
C GLU E 227 22.23 -60.33 32.41
N MET E 228 22.09 -61.07 31.31
CA MET E 228 22.12 -60.47 29.98
C MET E 228 20.98 -59.47 29.83
N PRO E 229 21.22 -58.33 29.19
CA PRO E 229 20.15 -57.34 29.04
C PRO E 229 19.29 -57.61 27.82
N GLU E 230 18.05 -57.12 27.89
CA GLU E 230 17.10 -57.18 26.79
C GLU E 230 17.29 -55.98 25.86
N ILE E 231 17.35 -56.25 24.57
CA ILE E 231 17.58 -55.22 23.55
C ILE E 231 16.25 -54.88 22.89
N ARG E 232 15.71 -53.70 23.21
CA ARG E 232 14.49 -53.19 22.60
C ARG E 232 14.83 -52.06 21.63
N SER E 233 13.84 -51.65 20.85
CA SER E 233 14.00 -50.53 19.92
C SER E 233 13.74 -49.21 20.62
N TYR E 234 14.49 -48.18 20.22
CA TYR E 234 14.37 -46.87 20.82
C TYR E 234 12.97 -46.29 20.66
N MET E 235 12.29 -46.57 19.55
CA MET E 235 10.95 -46.03 19.33
C MET E 235 9.92 -46.54 20.33
N GLU E 236 10.21 -47.62 21.06
CA GLU E 236 9.29 -48.09 22.09
C GLU E 236 9.20 -47.14 23.27
N GLU E 237 10.18 -46.25 23.45
CA GLU E 237 10.13 -45.25 24.51
C GLU E 237 9.95 -43.84 23.94
N PHE E 238 9.47 -43.71 22.71
CA PHE E 238 9.25 -42.40 22.12
C PHE E 238 8.21 -41.65 22.94
N PRO E 239 8.50 -40.44 23.40
CA PRO E 239 7.63 -39.77 24.39
C PRO E 239 6.35 -39.18 23.80
N PHE E 240 6.12 -39.29 22.49
CA PHE E 240 4.91 -38.75 21.88
C PHE E 240 4.04 -39.90 21.37
N PRO E 241 2.81 -40.04 21.85
CA PRO E 241 1.96 -41.16 21.40
C PRO E 241 1.50 -41.04 19.96
N TYR E 242 1.29 -39.82 19.45
CA TYR E 242 0.84 -39.60 18.08
C TYR E 242 1.99 -39.04 17.25
N TYR E 243 2.39 -39.79 16.23
CA TYR E 243 3.47 -39.38 15.35
C TYR E 243 3.26 -40.00 13.98
N ILE E 244 3.92 -39.40 12.98
CA ILE E 244 4.08 -40.00 11.67
C ILE E 244 5.56 -39.96 11.31
N ILE E 245 5.97 -40.87 10.45
CA ILE E 245 7.34 -40.94 9.94
C ILE E 245 7.34 -40.47 8.49
N LEU E 246 8.19 -39.50 8.19
CA LEU E 246 8.28 -38.91 6.86
C LEU E 246 9.68 -39.14 6.31
N ARG E 247 9.78 -40.00 5.29
CA ARG E 247 11.04 -40.22 4.58
C ARG E 247 11.18 -39.32 3.36
N ASP E 248 10.07 -39.05 2.67
CA ASP E 248 10.09 -38.32 1.40
C ASP E 248 8.96 -37.31 1.44
N VAL E 249 9.26 -36.05 1.12
CA VAL E 249 8.27 -34.99 1.20
C VAL E 249 7.12 -35.23 0.23
N ASN E 250 7.35 -35.98 -0.85
CA ASN E 250 6.27 -36.32 -1.77
C ASN E 250 5.17 -37.12 -1.09
N ALA E 251 5.48 -37.81 0.00
CA ALA E 251 4.50 -38.57 0.76
C ALA E 251 3.83 -37.78 1.87
N LEU E 252 4.27 -36.54 2.11
CA LEU E 252 3.71 -35.76 3.20
C LEU E 252 2.21 -35.48 3.06
N PRO E 253 1.67 -35.14 1.88
CA PRO E 253 0.22 -34.89 1.82
C PRO E 253 -0.62 -36.10 2.22
N GLU E 254 -0.28 -37.29 1.71
CA GLU E 254 -1.10 -38.47 2.01
C GLU E 254 -0.92 -38.92 3.46
N THR E 255 0.29 -38.80 4.00
CA THR E 255 0.55 -39.28 5.36
C THR E 255 -0.02 -38.33 6.41
N LEU E 256 0.19 -37.02 6.24
CA LEU E 256 -0.27 -36.06 7.23
C LEU E 256 -1.79 -35.91 7.20
N SER E 257 -2.39 -35.95 6.01
CA SER E 257 -3.84 -35.84 5.91
C SER E 257 -4.54 -37.04 6.55
N ASP E 258 -3.95 -38.23 6.45
CA ASP E 258 -4.50 -39.37 7.16
C ASP E 258 -4.43 -39.16 8.68
N ALA E 259 -3.34 -38.56 9.16
CA ALA E 259 -3.24 -38.32 10.59
C ALA E 259 -4.21 -37.25 11.05
N LEU E 260 -4.43 -36.23 10.21
CA LEU E 260 -5.36 -35.16 10.58
C LEU E 260 -6.81 -35.60 10.48
N ARG E 261 -7.12 -36.63 9.68
CA ARG E 261 -8.47 -37.19 9.69
C ARG E 261 -8.80 -37.78 11.05
N GLN E 262 -7.87 -38.56 11.61
CA GLN E 262 -8.08 -39.17 12.91
C GLN E 262 -8.13 -38.11 14.01
N TRP E 263 -7.31 -37.07 13.88
CA TRP E 263 -7.38 -35.93 14.78
C TRP E 263 -8.76 -35.28 14.75
N PHE E 264 -9.28 -35.05 13.54
CA PHE E 264 -10.57 -34.37 13.41
C PHE E 264 -11.69 -35.20 14.02
N GLU E 265 -11.63 -36.52 13.81
CA GLU E 265 -12.67 -37.41 14.33
C GLU E 265 -12.64 -37.47 15.86
N LEU E 266 -11.44 -37.45 16.45
CA LEU E 266 -11.35 -37.51 17.92
C LEU E 266 -11.84 -36.24 18.58
N VAL E 267 -11.47 -35.07 18.02
CA VAL E 267 -11.83 -33.82 18.65
C VAL E 267 -13.33 -33.52 18.51
N THR E 268 -13.91 -33.90 17.37
CA THR E 268 -15.34 -33.68 17.14
C THR E 268 -16.18 -34.87 17.61
N ARG F 11 16.64 -42.25 38.95
CA ARG F 11 16.48 -40.81 38.88
C ARG F 11 16.29 -40.35 37.43
N ASP F 12 15.90 -39.10 37.26
CA ASP F 12 15.69 -38.50 35.93
C ASP F 12 17.03 -38.07 35.32
N VAL F 13 17.90 -39.07 35.13
CA VAL F 13 19.24 -38.82 34.61
C VAL F 13 19.19 -38.56 33.11
N GLN F 14 20.25 -37.92 32.62
CA GLN F 14 20.38 -37.59 31.21
C GLN F 14 20.55 -38.87 30.40
N ARG F 15 19.92 -38.90 29.23
CA ARG F 15 20.11 -39.97 28.26
C ARG F 15 20.65 -39.40 26.96
N LEU F 16 21.42 -40.21 26.23
CA LEU F 16 22.02 -39.77 24.98
C LEU F 16 22.32 -40.98 24.10
N LEU F 17 22.57 -40.71 22.82
CA LEU F 17 22.85 -41.74 21.84
C LEU F 17 24.36 -42.03 21.76
N VAL F 18 24.69 -43.31 21.65
CA VAL F 18 26.08 -43.79 21.64
C VAL F 18 26.23 -44.81 20.52
N GLN F 19 27.44 -44.88 19.96
CA GLN F 19 27.76 -45.83 18.89
C GLN F 19 29.05 -46.55 19.26
N PHE F 20 28.98 -47.88 19.32
CA PHE F 20 30.16 -48.69 19.62
C PHE F 20 30.98 -48.94 18.36
N GLN F 21 32.30 -49.02 18.53
CA GLN F 21 33.17 -49.27 17.40
C GLN F 21 34.52 -49.82 17.86
N ASP F 22 35.22 -50.45 16.92
CA ASP F 22 36.56 -51.01 17.14
C ASP F 22 37.59 -49.90 17.32
N GLU F 23 38.80 -50.32 17.71
CA GLU F 23 39.95 -49.42 17.61
C GLU F 23 40.26 -49.07 16.16
N GLY F 24 39.97 -49.99 15.23
CA GLY F 24 40.17 -49.74 13.82
C GLY F 24 39.05 -49.03 13.11
N GLY F 25 37.96 -48.72 13.81
CA GLY F 25 36.89 -47.92 13.24
C GLY F 25 35.67 -48.70 12.78
N GLN F 26 35.67 -50.02 12.91
CA GLN F 26 34.53 -50.82 12.48
C GLN F 26 33.39 -50.66 13.48
N LEU F 27 32.25 -50.19 13.00
CA LEU F 27 31.09 -49.96 13.86
C LEU F 27 30.46 -51.29 14.28
N LEU F 28 29.95 -51.32 15.50
CA LEU F 28 29.31 -52.50 16.07
C LEU F 28 27.86 -52.16 16.40
N GLY F 29 26.93 -52.78 15.68
CA GLY F 29 25.52 -52.54 15.89
C GLY F 29 25.08 -51.13 15.50
N SER F 30 23.85 -50.84 15.86
CA SER F 30 23.22 -49.54 15.66
C SER F 30 23.31 -48.70 16.92
N PRO F 31 23.03 -47.39 16.82
CA PRO F 31 23.12 -46.55 18.02
C PRO F 31 22.19 -47.01 19.12
N PHE F 32 22.55 -46.63 20.35
CA PHE F 32 21.83 -47.01 21.55
C PHE F 32 21.47 -45.77 22.35
N ASP F 33 20.25 -45.74 22.89
CA ASP F 33 19.88 -44.72 23.85
C ASP F 33 20.25 -45.23 25.24
N VAL F 34 21.01 -44.44 25.98
CA VAL F 34 21.68 -44.94 27.17
C VAL F 34 21.65 -43.88 28.28
N PRO F 35 21.33 -44.26 29.52
CA PRO F 35 21.44 -43.31 30.63
C PRO F 35 22.90 -42.95 30.87
N VAL F 36 23.12 -41.70 31.28
CA VAL F 36 24.48 -41.18 31.33
C VAL F 36 25.29 -41.77 32.48
N ASP F 37 24.63 -42.39 33.46
CA ASP F 37 25.31 -43.01 34.58
C ASP F 37 25.63 -44.48 34.32
N ILE F 38 25.58 -44.93 33.06
CA ILE F 38 25.88 -46.32 32.76
C ILE F 38 27.32 -46.63 33.11
N THR F 39 27.56 -47.83 33.64
CA THR F 39 28.85 -48.28 34.12
C THR F 39 29.58 -49.06 33.05
N PRO F 40 30.92 -49.20 33.16
CA PRO F 40 31.64 -50.05 32.21
C PRO F 40 31.18 -51.51 32.22
N ASP F 41 30.73 -52.02 33.38
CA ASP F 41 30.23 -53.39 33.42
C ASP F 41 28.96 -53.53 32.59
N ARG F 42 28.06 -52.54 32.66
CA ARG F 42 26.86 -52.59 31.84
C ARG F 42 27.16 -52.36 30.36
N LEU F 43 28.17 -51.54 30.06
CA LEU F 43 28.59 -51.38 28.67
C LEU F 43 29.13 -52.70 28.10
N GLN F 44 29.81 -53.48 28.93
CA GLN F 44 30.31 -54.78 28.49
C GLN F 44 29.17 -55.75 28.21
N LEU F 45 28.11 -55.70 29.03
CA LEU F 45 26.98 -56.59 28.83
C LEU F 45 26.28 -56.31 27.51
N VAL F 46 26.14 -55.03 27.14
CA VAL F 46 25.55 -54.69 25.86
C VAL F 46 26.44 -55.18 24.72
N CYS F 47 27.76 -54.99 24.84
CA CYS F 47 28.66 -55.44 23.79
C CYS F 47 28.67 -56.96 23.68
N ASN F 48 28.54 -57.65 24.81
CA ASN F 48 28.42 -59.11 24.78
C ASN F 48 27.17 -59.54 24.02
N ALA F 49 26.08 -58.80 24.18
CA ALA F 49 24.86 -59.08 23.43
C ALA F 49 25.08 -58.91 21.93
N LEU F 50 25.76 -57.83 21.54
CA LEU F 50 25.94 -57.54 20.12
C LEU F 50 26.92 -58.51 19.48
N LEU F 51 27.92 -58.98 20.22
CA LEU F 51 28.93 -59.87 19.67
C LEU F 51 28.47 -61.33 19.70
N ALA F 52 27.64 -61.70 20.66
CA ALA F 52 27.08 -63.04 20.77
C ALA F 52 28.18 -64.11 20.71
N GLN F 53 29.09 -64.01 21.67
CA GLN F 53 30.21 -64.94 21.81
C GLN F 53 29.95 -65.89 22.97
N GLU F 54 30.65 -67.01 22.97
CA GLU F 54 30.43 -68.02 24.00
C GLU F 54 31.01 -67.57 25.33
N ASP F 55 32.27 -67.13 25.33
CA ASP F 55 32.87 -66.53 26.51
C ASP F 55 33.04 -65.05 26.27
N PRO F 56 32.41 -64.18 27.06
CA PRO F 56 32.61 -62.75 26.87
C PRO F 56 34.05 -62.36 27.19
N LEU F 57 34.69 -61.69 26.26
CA LEU F 57 36.03 -61.20 26.56
C LEU F 57 35.95 -59.95 27.43
N PRO F 58 36.88 -59.77 28.37
CA PRO F 58 36.91 -58.50 29.12
C PRO F 58 37.27 -57.34 28.21
N LEU F 59 36.57 -56.23 28.39
CA LEU F 59 36.68 -55.08 27.51
C LEU F 59 36.89 -53.81 28.32
N ALA F 60 37.60 -52.86 27.70
CA ALA F 60 37.72 -51.50 28.20
C ALA F 60 37.10 -50.55 27.18
N PHE F 61 36.58 -49.43 27.67
CA PHE F 61 35.82 -48.50 26.85
C PHE F 61 36.41 -47.10 26.93
N PHE F 62 36.46 -46.42 25.79
CA PHE F 62 37.12 -45.14 25.65
C PHE F 62 36.21 -44.17 24.90
N VAL F 63 36.12 -42.94 25.40
CA VAL F 63 35.45 -41.85 24.71
C VAL F 63 36.46 -40.71 24.54
N HIS F 64 36.78 -40.39 23.28
CA HIS F 64 37.79 -39.38 22.95
C HIS F 64 39.11 -39.69 23.64
N ASP F 65 39.51 -40.96 23.56
CA ASP F 65 40.77 -41.51 24.05
C ASP F 65 40.88 -41.48 25.57
N ALA F 66 39.79 -41.26 26.29
CA ALA F 66 39.77 -41.31 27.74
C ALA F 66 38.97 -42.52 28.19
N GLU F 67 39.56 -43.34 29.05
CA GLU F 67 38.92 -44.58 29.48
C GLU F 67 37.77 -44.31 30.45
N ILE F 68 36.68 -45.05 30.27
CA ILE F 68 35.55 -45.01 31.17
C ILE F 68 35.82 -45.95 32.34
N VAL F 69 35.94 -45.38 33.54
CA VAL F 69 36.33 -46.12 34.74
C VAL F 69 35.17 -46.37 35.67
N SER F 70 34.42 -45.32 36.02
CA SER F 70 33.27 -45.46 36.90
C SER F 70 31.93 -45.30 36.19
N SER F 71 31.78 -44.26 35.37
CA SER F 71 30.55 -44.07 34.61
C SER F 71 30.83 -43.17 33.42
N LEU F 72 29.97 -43.31 32.40
CA LEU F 72 30.07 -42.45 31.22
C LEU F 72 29.92 -40.98 31.60
N GLY F 73 28.96 -40.65 32.46
CA GLY F 73 28.74 -39.26 32.83
C GLY F 73 29.94 -38.65 33.52
N LYS F 74 30.60 -39.40 34.41
CA LYS F 74 31.77 -38.87 35.09
C LYS F 74 32.88 -38.54 34.10
N THR F 75 33.09 -39.42 33.11
CA THR F 75 34.12 -39.17 32.12
C THR F 75 33.78 -37.95 31.26
N LEU F 76 32.50 -37.78 30.92
CA LEU F 76 32.09 -36.63 30.11
C LEU F 76 32.21 -35.33 30.88
N GLU F 77 32.16 -35.38 32.22
CA GLU F 77 32.26 -34.16 33.02
C GLU F 77 33.58 -33.43 32.80
N SER F 78 34.64 -34.15 32.45
CA SER F 78 35.95 -33.55 32.24
C SER F 78 36.19 -33.17 30.79
N GLN F 79 35.17 -33.23 29.94
CA GLN F 79 35.32 -32.91 28.53
C GLN F 79 34.26 -31.89 28.12
N ALA F 80 34.57 -31.16 27.04
CA ALA F 80 33.61 -30.27 26.39
C ALA F 80 33.17 -30.97 25.11
N VAL F 81 32.11 -31.76 25.22
CA VAL F 81 31.66 -32.63 24.13
C VAL F 81 30.49 -31.97 23.42
N GLU F 82 30.38 -32.20 22.12
CA GLU F 82 29.25 -31.69 21.34
C GLU F 82 28.08 -32.65 21.53
N THR F 83 27.15 -32.25 22.40
CA THR F 83 26.07 -33.14 22.82
C THR F 83 25.11 -33.49 21.70
N GLU F 84 25.07 -32.68 20.64
CA GLU F 84 24.12 -32.94 19.57
C GLU F 84 24.54 -34.14 18.73
N LYS F 85 25.83 -34.44 18.67
CA LYS F 85 26.34 -35.56 17.89
C LYS F 85 26.19 -36.88 18.64
N VAL F 86 26.16 -37.97 17.88
CA VAL F 86 26.18 -39.31 18.47
C VAL F 86 27.56 -39.61 19.02
N LEU F 87 27.63 -40.02 20.27
CA LEU F 87 28.90 -40.23 20.96
C LEU F 87 29.51 -41.58 20.56
N ASP F 88 30.73 -41.54 20.02
CA ASP F 88 31.44 -42.76 19.67
C ASP F 88 32.14 -43.34 20.89
N ILE F 89 31.86 -44.61 21.18
CA ILE F 89 32.52 -45.33 22.27
C ILE F 89 33.35 -46.44 21.67
N ILE F 90 34.66 -46.39 21.92
CA ILE F 90 35.59 -47.39 21.41
C ILE F 90 35.80 -48.47 22.46
N TYR F 91 35.74 -49.73 22.05
CA TYR F 91 35.98 -50.86 22.92
C TYR F 91 37.21 -51.62 22.47
N GLN F 92 37.93 -52.19 23.44
CA GLN F 92 39.13 -52.99 23.14
C GLN F 92 39.30 -54.03 24.24
N PRO F 93 39.85 -55.19 23.92
CA PRO F 93 40.16 -56.17 24.97
C PRO F 93 41.26 -55.64 25.88
N GLN F 94 41.14 -55.94 27.16
CA GLN F 94 42.14 -55.53 28.13
C GLN F 94 43.45 -56.29 27.94
N PRO G 17 -40.29 -11.67 -38.17
CA PRO G 17 -41.61 -11.28 -38.65
C PRO G 17 -42.69 -11.93 -37.82
N GLU G 18 -42.51 -13.20 -37.45
CA GLU G 18 -43.51 -13.78 -36.56
C GLU G 18 -43.31 -13.29 -35.14
N GLU G 19 -42.09 -12.88 -34.81
CA GLU G 19 -41.85 -12.29 -33.50
C GLU G 19 -42.44 -10.89 -33.42
N GLU G 20 -42.48 -10.18 -34.56
CA GLU G 20 -43.10 -8.86 -34.57
C GLU G 20 -44.62 -8.96 -34.49
N LYS G 21 -45.20 -10.00 -35.07
CA LYS G 21 -46.64 -10.20 -34.93
C LYS G 21 -47.02 -10.51 -33.49
N VAL G 22 -46.22 -11.36 -32.82
CA VAL G 22 -46.44 -11.66 -31.41
C VAL G 22 -46.27 -10.41 -30.56
N ALA G 23 -45.24 -9.61 -30.85
CA ALA G 23 -45.01 -8.39 -30.09
C ALA G 23 -46.13 -7.38 -30.27
N ALA G 24 -46.60 -7.22 -31.51
CA ALA G 24 -47.69 -6.28 -31.77
C ALA G 24 -48.97 -6.73 -31.07
N GLU G 25 -49.26 -8.03 -31.10
CA GLU G 25 -50.42 -8.57 -30.41
C GLU G 25 -50.33 -8.35 -28.90
N MET G 26 -49.13 -8.54 -28.35
CA MET G 26 -48.94 -8.37 -26.91
C MET G 26 -49.10 -6.91 -26.49
N TRP G 27 -48.57 -5.98 -27.30
CA TRP G 27 -48.73 -4.56 -27.01
C TRP G 27 -50.20 -4.15 -27.01
N GLN G 28 -51.00 -4.72 -27.92
CA GLN G 28 -52.42 -4.39 -27.99
C GLN G 28 -53.14 -4.78 -26.71
N SER G 29 -52.75 -5.91 -26.10
CA SER G 29 -53.38 -6.31 -24.85
C SER G 29 -53.06 -5.34 -23.72
N TYR G 30 -51.86 -4.73 -23.75
CA TYR G 30 -51.53 -3.71 -22.76
C TYR G 30 -52.32 -2.44 -22.99
N LEU G 31 -52.51 -2.05 -24.25
CA LEU G 31 -53.27 -0.84 -24.55
C LEU G 31 -54.72 -0.97 -24.09
N ILE G 32 -55.29 -2.17 -24.18
CA ILE G 32 -56.66 -2.37 -23.71
C ILE G 32 -56.74 -2.14 -22.21
N LEU G 33 -55.75 -2.61 -21.45
CA LEU G 33 -55.78 -2.43 -20.00
C LEU G 33 -55.47 -1.00 -19.60
N THR G 34 -54.57 -0.33 -20.32
CA THR G 34 -54.04 0.96 -19.90
C THR G 34 -54.67 2.14 -20.62
N ALA G 35 -55.61 1.92 -21.54
CA ALA G 35 -56.22 3.03 -22.25
C ALA G 35 -56.91 4.03 -21.33
N PRO G 36 -57.78 3.63 -20.38
CA PRO G 36 -58.36 4.64 -19.48
C PRO G 36 -57.34 5.33 -18.60
N LEU G 37 -56.31 4.60 -18.16
CA LEU G 37 -55.28 5.20 -17.31
C LEU G 37 -54.52 6.28 -18.07
N SER G 38 -54.20 6.02 -19.34
CA SER G 38 -53.47 7.00 -20.13
C SER G 38 -54.28 8.26 -20.38
N GLN G 39 -55.60 8.13 -20.46
CA GLN G 39 -56.46 9.31 -20.63
C GLN G 39 -56.46 10.19 -19.39
N ARG G 40 -56.59 9.55 -18.22
CA ARG G 40 -56.58 10.30 -16.96
C ARG G 40 -55.26 11.01 -16.72
N LEU G 41 -54.14 10.37 -17.09
CA LEU G 41 -52.84 11.01 -16.93
C LEU G 41 -52.70 12.20 -17.85
N CYS G 42 -53.17 12.09 -19.09
CA CYS G 42 -53.15 13.23 -20.02
C CYS G 42 -53.93 14.42 -19.46
N GLU G 43 -55.14 14.17 -18.97
CA GLU G 43 -55.97 15.26 -18.45
C GLU G 43 -55.34 15.91 -17.22
N GLU G 44 -54.86 15.09 -16.29
CA GLU G 44 -54.30 15.63 -15.05
C GLU G 44 -53.04 16.43 -15.31
N LEU G 45 -52.21 15.98 -16.25
CA LEU G 45 -51.04 16.77 -16.64
C LEU G 45 -51.45 18.06 -17.35
N ARG G 46 -52.51 17.98 -18.16
CA ARG G 46 -53.02 19.17 -18.84
C ARG G 46 -53.48 20.23 -17.84
N LEU G 47 -54.19 19.82 -16.79
CA LEU G 47 -54.65 20.75 -15.77
C LEU G 47 -53.48 21.45 -15.08
N ILE G 48 -52.39 20.72 -14.85
CA ILE G 48 -51.25 21.29 -14.13
C ILE G 48 -50.52 22.31 -15.00
N LEU G 49 -50.45 22.07 -16.31
CA LEU G 49 -49.64 22.93 -17.17
C LEU G 49 -50.28 24.28 -17.43
N GLU G 50 -51.60 24.40 -17.31
CA GLU G 50 -52.27 25.68 -17.50
C GLU G 50 -52.62 26.36 -16.19
N GLY G 51 -52.14 25.82 -15.06
CA GLY G 51 -52.45 26.39 -13.76
C GLY G 51 -51.45 27.44 -13.32
N GLN G 59 -40.17 22.18 -27.15
CA GLN G 59 -39.90 22.76 -25.83
C GLN G 59 -39.44 21.71 -24.82
N TYR G 60 -40.15 20.58 -24.81
CA TYR G 60 -39.91 19.53 -23.83
C TYR G 60 -39.30 18.29 -24.47
N GLN G 61 -38.33 17.70 -23.79
CA GLN G 61 -37.71 16.45 -24.20
C GLN G 61 -37.78 15.48 -23.04
N ILE G 62 -38.49 14.37 -23.21
CA ILE G 62 -38.72 13.40 -22.15
C ILE G 62 -38.14 12.06 -22.60
N CYS G 63 -37.32 11.45 -21.76
CA CYS G 63 -36.75 10.13 -22.00
C CYS G 63 -37.27 9.15 -20.96
N LEU G 64 -37.79 8.02 -21.41
CA LEU G 64 -38.19 6.92 -20.54
C LEU G 64 -37.12 5.84 -20.63
N ALA G 65 -36.54 5.48 -19.48
CA ALA G 65 -35.49 4.48 -19.40
C ALA G 65 -36.03 3.26 -18.67
N ILE G 66 -36.03 2.12 -19.35
CA ILE G 66 -36.56 0.88 -18.79
C ILE G 66 -35.39 0.00 -18.37
N ASP G 67 -35.48 -0.52 -17.15
CA ASP G 67 -34.48 -1.43 -16.61
C ASP G 67 -34.69 -2.81 -17.24
N ASP G 68 -33.72 -3.25 -18.04
CA ASP G 68 -33.81 -4.52 -18.76
C ASP G 68 -33.04 -5.63 -18.07
N SER G 69 -32.74 -5.47 -16.78
CA SER G 69 -31.95 -6.45 -16.06
C SER G 69 -32.84 -7.58 -15.53
N SER G 70 -32.20 -8.72 -15.25
CA SER G 70 -32.94 -9.94 -14.93
C SER G 70 -33.58 -9.89 -13.55
N SER G 71 -33.17 -8.96 -12.67
CA SER G 71 -33.83 -8.82 -11.38
C SER G 71 -35.29 -8.39 -11.53
N MET G 72 -35.64 -7.76 -12.65
CA MET G 72 -37.03 -7.41 -12.91
C MET G 72 -37.92 -8.64 -12.94
N VAL G 73 -37.39 -9.77 -13.44
CA VAL G 73 -38.14 -11.02 -13.43
C VAL G 73 -38.20 -11.59 -12.02
N ASP G 74 -37.08 -11.53 -11.28
CA ASP G 74 -37.06 -12.03 -9.91
C ASP G 74 -38.05 -11.27 -9.02
N ASN G 75 -38.14 -9.96 -9.21
CA ASN G 75 -39.02 -9.13 -8.40
C ASN G 75 -40.42 -8.97 -8.99
N HIS G 76 -40.70 -9.62 -10.12
CA HIS G 76 -42.02 -9.58 -10.75
C HIS G 76 -42.47 -8.15 -11.01
N THR G 77 -41.56 -7.34 -11.56
CA THR G 77 -41.86 -5.97 -11.96
C THR G 77 -41.84 -5.81 -13.48
N LYS G 78 -41.88 -6.92 -14.22
CA LYS G 78 -41.87 -6.88 -15.67
C LYS G 78 -43.17 -6.32 -16.22
N GLN G 79 -44.31 -6.80 -15.70
CA GLN G 79 -45.60 -6.30 -16.17
C GLN G 79 -45.79 -4.83 -15.80
N LEU G 80 -45.42 -4.45 -14.57
CA LEU G 80 -45.51 -3.05 -14.17
C LEU G 80 -44.68 -2.16 -15.10
N ALA G 81 -43.53 -2.66 -15.56
CA ALA G 81 -42.67 -1.85 -16.44
C ALA G 81 -43.35 -1.58 -17.78
N PHE G 82 -43.92 -2.62 -18.38
CA PHE G 82 -44.58 -2.45 -19.68
C PHE G 82 -45.87 -1.66 -19.55
N GLU G 83 -46.65 -1.93 -18.51
CA GLU G 83 -47.86 -1.15 -18.26
C GLU G 83 -47.53 0.32 -18.05
N SER G 84 -46.46 0.61 -17.30
CA SER G 84 -46.06 2.00 -17.08
C SER G 84 -45.63 2.66 -18.39
N LEU G 85 -44.91 1.91 -19.23
CA LEU G 85 -44.49 2.44 -20.52
C LEU G 85 -45.70 2.76 -21.40
N ALA G 86 -46.72 1.89 -21.37
CA ALA G 86 -47.92 2.14 -22.16
C ALA G 86 -48.67 3.36 -21.66
N VAL G 87 -48.83 3.49 -20.34
CA VAL G 87 -49.54 4.63 -19.77
C VAL G 87 -48.81 5.93 -20.08
N ILE G 88 -47.52 5.99 -19.79
CA ILE G 88 -46.78 7.25 -19.89
C ILE G 88 -46.59 7.63 -21.36
N GLY G 89 -46.12 6.68 -22.18
CA GLY G 89 -45.80 7.00 -23.55
C GLY G 89 -47.01 7.49 -24.35
N ASN G 90 -48.18 6.90 -24.09
CA ASN G 90 -49.38 7.31 -24.81
C ASN G 90 -49.99 8.57 -24.23
N ALA G 91 -49.91 8.77 -22.91
CA ALA G 91 -50.43 10.00 -22.32
C ALA G 91 -49.64 11.21 -22.78
N LEU G 92 -48.31 11.08 -22.86
CA LEU G 92 -47.49 12.20 -23.34
C LEU G 92 -47.73 12.47 -24.82
N THR G 93 -48.03 11.42 -25.60
CA THR G 93 -48.34 11.63 -27.01
C THR G 93 -49.68 12.34 -27.18
N LEU G 94 -50.69 11.93 -26.41
CA LEU G 94 -51.97 12.63 -26.43
C LEU G 94 -51.82 14.08 -25.99
N LEU G 95 -50.94 14.35 -25.03
CA LEU G 95 -50.81 15.70 -24.51
C LEU G 95 -50.06 16.65 -25.44
N GLU G 96 -49.32 16.13 -26.42
CA GLU G 96 -48.60 16.97 -27.39
C GLU G 96 -47.65 17.94 -26.69
N VAL G 97 -46.97 17.44 -25.66
CA VAL G 97 -45.98 18.28 -24.98
C VAL G 97 -44.67 18.35 -25.76
N GLY G 98 -44.20 17.23 -26.28
CA GLY G 98 -42.90 17.24 -26.92
C GLY G 98 -42.40 15.91 -27.42
N GLN G 99 -41.08 15.76 -27.41
CA GLN G 99 -40.40 14.60 -27.97
C GLN G 99 -40.21 13.54 -26.91
N ILE G 100 -40.43 12.28 -27.28
CA ILE G 100 -40.32 11.14 -26.38
C ILE G 100 -39.23 10.21 -26.90
N ALA G 101 -38.26 9.90 -26.05
CA ALA G 101 -37.24 8.91 -26.34
C ALA G 101 -37.37 7.75 -25.35
N VAL G 102 -37.11 6.54 -25.83
CA VAL G 102 -37.13 5.35 -24.98
C VAL G 102 -35.75 4.72 -25.01
N CYS G 103 -35.23 4.39 -23.83
CA CYS G 103 -33.91 3.79 -23.69
C CYS G 103 -34.02 2.54 -22.82
N SER G 104 -33.11 1.61 -23.03
CA SER G 104 -32.93 0.47 -22.15
C SER G 104 -31.51 0.46 -21.61
N PHE G 105 -31.36 0.00 -20.37
CA PHE G 105 -30.05 -0.08 -19.75
C PHE G 105 -29.96 -1.36 -18.94
N GLY G 106 -28.72 -1.74 -18.62
CA GLY G 106 -28.44 -2.96 -17.88
C GLY G 106 -26.97 -3.31 -17.97
N GLU G 107 -26.58 -4.05 -19.00
CA GLU G 107 -25.16 -4.24 -19.31
C GLU G 107 -24.64 -3.17 -20.24
N SER G 108 -25.52 -2.54 -21.02
CA SER G 108 -25.17 -1.45 -21.90
C SER G 108 -26.44 -0.65 -22.20
N VAL G 109 -26.27 0.52 -22.79
CA VAL G 109 -27.39 1.42 -23.09
C VAL G 109 -27.80 1.23 -24.54
N LYS G 110 -29.09 1.05 -24.76
CA LYS G 110 -29.67 0.92 -26.09
C LYS G 110 -30.73 1.98 -26.27
N LEU G 111 -30.68 2.70 -27.39
CA LEU G 111 -31.70 3.70 -27.72
C LEU G 111 -32.77 3.01 -28.56
N LEU G 112 -33.92 2.75 -27.95
CA LEU G 112 -34.99 2.01 -28.63
C LEU G 112 -35.94 2.91 -29.41
N HIS G 113 -36.05 4.19 -29.06
CA HIS G 113 -36.93 5.10 -29.80
C HIS G 113 -36.34 6.51 -29.78
N PRO G 114 -36.07 7.10 -30.94
CA PRO G 114 -35.46 8.43 -30.98
C PRO G 114 -36.46 9.55 -30.71
N PHE G 115 -35.90 10.71 -30.38
CA PHE G 115 -36.72 11.89 -30.10
C PHE G 115 -37.54 12.31 -31.31
N HIS G 116 -36.88 12.47 -32.46
CA HIS G 116 -37.54 13.08 -33.63
C HIS G 116 -38.62 12.18 -34.22
N GLU G 117 -38.63 10.90 -33.87
CA GLU G 117 -39.68 10.00 -34.32
C GLU G 117 -40.92 10.16 -33.45
N GLN G 118 -42.09 10.03 -34.06
CA GLN G 118 -43.33 10.07 -33.30
C GLN G 118 -43.57 8.74 -32.62
N PHE G 119 -44.02 8.79 -31.37
CA PHE G 119 -44.27 7.58 -30.59
C PHE G 119 -45.65 7.03 -30.94
N SER G 120 -45.69 5.83 -31.50
CA SER G 120 -46.93 5.21 -31.97
C SER G 120 -47.02 3.80 -31.39
N ASP G 121 -48.07 3.09 -31.81
CA ASP G 121 -48.23 1.70 -31.40
C ASP G 121 -47.10 0.82 -31.92
N TYR G 122 -46.61 1.12 -33.12
CA TYR G 122 -45.46 0.37 -33.66
C TYR G 122 -44.23 0.57 -32.79
N SER G 123 -44.05 1.77 -32.22
CA SER G 123 -42.93 2.01 -31.32
C SER G 123 -43.02 1.12 -30.09
N GLY G 124 -44.23 0.98 -29.52
CA GLY G 124 -44.38 0.16 -28.32
C GLY G 124 -44.14 -1.32 -28.59
N SER G 125 -44.56 -1.80 -29.75
CA SER G 125 -44.33 -3.20 -30.10
C SER G 125 -42.84 -3.50 -30.24
N GLN G 126 -42.07 -2.55 -30.77
CA GLN G 126 -40.63 -2.77 -30.93
C GLN G 126 -39.93 -2.82 -29.58
N ILE G 127 -40.31 -1.96 -28.65
CA ILE G 127 -39.71 -1.98 -27.32
C ILE G 127 -40.05 -3.28 -26.61
N LEU G 128 -41.27 -3.78 -26.81
CA LEU G 128 -41.70 -5.04 -26.21
C LEU G 128 -40.84 -6.19 -26.72
N ARG G 129 -40.53 -6.20 -28.01
CA ARG G 129 -39.77 -7.29 -28.61
C ARG G 129 -38.32 -7.31 -28.12
N LEU G 130 -37.74 -6.14 -27.86
CA LEU G 130 -36.32 -6.04 -27.55
C LEU G 130 -36.02 -6.06 -26.06
N CYS G 131 -37.04 -5.99 -25.21
CA CYS G 131 -36.84 -6.02 -23.76
C CYS G 131 -37.32 -7.36 -23.23
N LYS G 132 -36.39 -8.29 -23.05
CA LYS G 132 -36.70 -9.60 -22.48
C LYS G 132 -36.17 -9.77 -21.06
N PHE G 133 -35.56 -8.73 -20.50
CA PHE G 133 -35.13 -8.71 -19.09
C PHE G 133 -34.19 -9.87 -18.78
N GLN G 134 -33.18 -10.05 -19.63
CA GLN G 134 -32.19 -11.10 -19.46
C GLN G 134 -30.78 -10.58 -19.27
N GLN G 135 -30.61 -9.27 -19.14
CA GLN G 135 -29.27 -8.72 -18.96
C GLN G 135 -28.80 -8.98 -17.53
N LYS G 136 -27.50 -9.23 -17.38
CA LYS G 136 -26.93 -9.76 -16.15
C LYS G 136 -26.40 -8.68 -15.22
N LYS G 137 -26.45 -7.41 -15.61
CA LYS G 137 -25.93 -6.33 -14.79
C LYS G 137 -26.98 -5.22 -14.77
N THR G 138 -26.90 -4.36 -13.76
CA THR G 138 -27.77 -3.19 -13.67
C THR G 138 -26.89 -1.95 -13.49
N LYS G 139 -26.20 -1.57 -14.57
CA LYS G 139 -25.24 -0.47 -14.50
C LYS G 139 -26.00 0.84 -14.67
N ILE G 140 -26.52 1.35 -13.55
CA ILE G 140 -27.27 2.59 -13.58
C ILE G 140 -26.35 3.80 -13.70
N ALA G 141 -25.13 3.70 -13.15
CA ALA G 141 -24.18 4.79 -13.25
C ALA G 141 -23.71 5.00 -14.69
N GLN G 142 -23.41 3.90 -15.39
CA GLN G 142 -23.05 3.99 -16.80
C GLN G 142 -24.15 4.66 -17.61
N PHE G 143 -25.42 4.35 -17.30
CA PHE G 143 -26.53 4.96 -18.04
C PHE G 143 -26.59 6.47 -17.78
N LEU G 144 -26.57 6.87 -16.51
CA LEU G 144 -26.70 8.29 -16.18
C LEU G 144 -25.57 9.12 -16.77
N GLU G 145 -24.34 8.60 -16.74
CA GLU G 145 -23.22 9.34 -17.32
C GLU G 145 -23.38 9.52 -18.82
N SER G 146 -24.05 8.57 -19.49
CA SER G 146 -24.25 8.64 -20.93
C SER G 146 -25.46 9.49 -21.33
N VAL G 147 -26.49 9.53 -20.49
CA VAL G 147 -27.76 10.14 -20.90
C VAL G 147 -27.61 11.63 -21.17
N ALA G 148 -26.65 12.30 -20.53
CA ALA G 148 -26.42 13.71 -20.81
C ALA G 148 -26.03 13.92 -22.26
N ASN G 149 -25.19 13.04 -22.81
CA ASN G 149 -24.79 13.13 -24.21
C ASN G 149 -25.98 12.94 -25.13
N MET G 150 -26.90 12.05 -24.78
CA MET G 150 -28.06 11.80 -25.64
C MET G 150 -28.99 13.01 -25.67
N PHE G 151 -29.24 13.63 -24.51
CA PHE G 151 -30.04 14.85 -24.48
C PHE G 151 -29.34 15.99 -25.22
N ALA G 152 -28.05 16.17 -24.96
CA ALA G 152 -27.31 17.28 -25.57
C ALA G 152 -27.25 17.15 -27.09
N ALA G 153 -27.23 15.92 -27.61
CA ALA G 153 -27.17 15.75 -29.06
C ALA G 153 -28.45 16.20 -29.75
N ALA G 154 -29.58 16.15 -29.05
CA ALA G 154 -30.86 16.53 -29.64
C ALA G 154 -31.19 18.00 -29.36
N THR G 165 -34.72 24.31 -23.89
CA THR G 165 -35.58 23.14 -23.78
C THR G 165 -35.54 22.54 -22.38
N ALA G 166 -36.67 22.01 -21.92
CA ALA G 166 -36.78 21.36 -20.62
C ALA G 166 -36.62 19.86 -20.81
N GLN G 167 -35.71 19.26 -20.04
CA GLN G 167 -35.34 17.86 -20.19
C GLN G 167 -35.75 17.07 -18.96
N LEU G 168 -36.37 15.91 -19.19
CA LEU G 168 -36.91 15.07 -18.13
C LEU G 168 -36.53 13.62 -18.37
N LEU G 169 -36.01 12.96 -17.33
CA LEU G 169 -35.65 11.55 -17.39
C LEU G 169 -36.50 10.79 -16.39
N LEU G 170 -37.19 9.74 -16.86
CA LEU G 170 -38.00 8.88 -16.01
C LEU G 170 -37.40 7.48 -16.05
N VAL G 171 -36.96 6.99 -14.89
CA VAL G 171 -36.32 5.69 -14.77
C VAL G 171 -37.34 4.69 -14.25
N VAL G 172 -37.62 3.66 -15.04
CA VAL G 172 -38.60 2.64 -14.68
C VAL G 172 -37.82 1.38 -14.32
N SER G 173 -37.71 1.10 -13.02
CA SER G 173 -36.82 0.07 -12.53
C SER G 173 -37.31 -0.42 -11.17
N ASP G 174 -36.86 -1.62 -10.79
CA ASP G 174 -37.17 -2.12 -9.46
C ASP G 174 -36.37 -1.41 -8.37
N GLY G 175 -35.37 -0.61 -8.74
CA GLY G 175 -34.60 0.14 -7.77
C GLY G 175 -33.79 -0.69 -6.80
N ARG G 176 -33.46 -1.93 -7.17
CA ARG G 176 -32.74 -2.84 -6.29
C ARG G 176 -31.48 -3.33 -6.97
N GLY G 177 -30.42 -3.50 -6.17
CA GLY G 177 -29.13 -3.93 -6.69
C GLY G 177 -28.44 -2.87 -7.54
N LEU G 178 -28.42 -1.63 -7.06
CA LEU G 178 -27.92 -0.50 -7.81
C LEU G 178 -26.50 -0.09 -7.46
N PHE G 179 -25.84 -0.79 -6.53
CA PHE G 179 -24.58 -0.32 -5.97
C PHE G 179 -23.39 -1.21 -6.35
N LEU G 180 -23.55 -2.09 -7.34
CA LEU G 180 -22.43 -2.94 -7.75
C LEU G 180 -21.31 -2.12 -8.37
N GLU G 181 -21.63 -0.98 -8.98
CA GLU G 181 -20.61 -0.08 -9.52
C GLU G 181 -19.95 0.77 -8.45
N GLY G 182 -20.45 0.74 -7.22
CA GLY G 182 -19.97 1.61 -6.17
C GLY G 182 -20.96 2.72 -5.87
N LYS G 183 -21.20 2.96 -4.57
CA LYS G 183 -22.20 3.96 -4.18
C LYS G 183 -21.76 5.37 -4.56
N GLU G 184 -20.49 5.71 -4.31
CA GLU G 184 -20.01 7.05 -4.61
C GLU G 184 -20.10 7.36 -6.10
N ARG G 185 -19.84 6.37 -6.96
CA ARG G 185 -19.94 6.62 -8.39
C ARG G 185 -21.39 6.85 -8.82
N VAL G 186 -22.33 6.08 -8.26
CA VAL G 186 -23.74 6.27 -8.60
C VAL G 186 -24.22 7.63 -8.16
N LEU G 187 -23.84 8.06 -6.95
CA LEU G 187 -24.25 9.37 -6.46
C LEU G 187 -23.71 10.49 -7.35
N ALA G 188 -22.46 10.38 -7.80
CA ALA G 188 -21.89 11.37 -8.70
C ALA G 188 -22.58 11.39 -10.05
N ALA G 189 -23.05 10.22 -10.52
CA ALA G 189 -23.71 10.17 -11.82
C ALA G 189 -25.07 10.85 -11.77
N VAL G 190 -25.78 10.71 -10.64
CA VAL G 190 -27.01 11.47 -10.46
C VAL G 190 -26.72 12.96 -10.40
N GLN G 191 -25.67 13.34 -9.69
CA GLN G 191 -25.31 14.74 -9.59
C GLN G 191 -24.91 15.32 -10.94
N ALA G 192 -24.24 14.51 -11.78
CA ALA G 192 -23.84 15.00 -13.09
C ALA G 192 -25.05 15.23 -13.99
N ALA G 193 -26.08 14.38 -13.85
CA ALA G 193 -27.31 14.60 -14.62
C ALA G 193 -28.02 15.86 -14.18
N ARG G 194 -28.12 16.10 -12.87
CA ARG G 194 -28.70 17.36 -12.39
C ARG G 194 -27.90 18.56 -12.85
N ASN G 195 -26.57 18.48 -12.76
CA ASN G 195 -25.73 19.60 -13.20
C ASN G 195 -25.89 19.88 -14.68
N ALA G 196 -26.30 18.89 -15.47
CA ALA G 196 -26.59 19.08 -16.88
C ALA G 196 -28.02 19.57 -17.12
N ASN G 197 -28.72 19.95 -16.05
CA ASN G 197 -30.09 20.47 -16.13
C ASN G 197 -31.08 19.42 -16.63
N ILE G 198 -30.83 18.15 -16.29
CA ILE G 198 -31.77 17.07 -16.54
C ILE G 198 -32.49 16.77 -15.23
N PHE G 199 -33.82 16.87 -15.24
CA PHE G 199 -34.62 16.52 -14.08
C PHE G 199 -34.90 15.02 -14.11
N VAL G 200 -34.57 14.34 -13.02
CA VAL G 200 -34.65 12.88 -12.94
C VAL G 200 -35.70 12.51 -11.91
N ILE G 201 -36.63 11.64 -12.30
CA ILE G 201 -37.62 11.05 -11.41
C ILE G 201 -37.51 9.53 -11.54
N PHE G 202 -37.27 8.86 -10.42
CA PHE G 202 -37.14 7.41 -10.40
C PHE G 202 -38.50 6.80 -10.10
N VAL G 203 -38.98 5.95 -11.00
CA VAL G 203 -40.25 5.25 -10.81
C VAL G 203 -39.92 3.88 -10.22
N VAL G 204 -40.08 3.75 -8.91
CA VAL G 204 -39.75 2.51 -8.21
C VAL G 204 -40.92 1.54 -8.34
N LEU G 205 -40.67 0.40 -9.00
CA LEU G 205 -41.68 -0.63 -9.16
C LEU G 205 -41.60 -1.60 -7.99
N ASP G 206 -42.73 -1.78 -7.29
CA ASP G 206 -42.78 -2.57 -6.07
C ASP G 206 -44.03 -3.44 -6.12
N ASN G 207 -43.86 -4.70 -6.53
CA ASN G 207 -45.01 -5.59 -6.65
C ASN G 207 -45.51 -6.00 -5.28
N PRO G 208 -46.80 -5.80 -4.97
CA PRO G 208 -47.30 -6.20 -3.65
C PRO G 208 -47.28 -7.70 -3.40
N SER G 209 -47.33 -8.52 -4.46
CA SER G 209 -47.33 -9.97 -4.28
C SER G 209 -45.99 -10.48 -3.75
N SER G 210 -44.90 -9.75 -4.01
CA SER G 210 -43.58 -10.19 -3.58
C SER G 210 -43.50 -10.32 -2.07
N ARG G 211 -42.60 -11.19 -1.61
CA ARG G 211 -42.47 -11.44 -0.18
C ARG G 211 -42.04 -10.18 0.56
N ASP G 212 -41.08 -9.46 0.02
CA ASP G 212 -40.53 -8.27 0.66
C ASP G 212 -40.74 -7.06 -0.24
N SER G 213 -41.22 -5.97 0.34
CA SER G 213 -41.25 -4.69 -0.34
C SER G 213 -39.88 -4.04 -0.25
N ILE G 214 -39.59 -3.17 -1.23
CA ILE G 214 -38.35 -2.40 -1.19
C ILE G 214 -38.28 -1.52 0.04
N LEU G 215 -39.43 -1.23 0.66
CA LEU G 215 -39.45 -0.48 1.90
C LEU G 215 -38.99 -1.32 3.09
N ASP G 216 -38.96 -2.65 2.95
CA ASP G 216 -38.57 -3.53 4.04
C ASP G 216 -37.09 -3.89 4.02
N ILE G 217 -36.39 -3.62 2.92
CA ILE G 217 -34.96 -3.91 2.85
C ILE G 217 -34.24 -2.99 3.83
N LYS G 218 -33.23 -3.53 4.51
CA LYS G 218 -32.53 -2.82 5.56
C LYS G 218 -31.04 -2.71 5.23
N VAL G 219 -30.36 -1.82 5.95
CA VAL G 219 -28.93 -1.63 5.79
C VAL G 219 -28.32 -1.38 7.17
N PRO G 220 -27.27 -2.12 7.55
CA PRO G 220 -26.65 -1.89 8.86
C PRO G 220 -25.59 -0.80 8.82
N ILE G 221 -25.53 -0.03 9.89
CA ILE G 221 -24.50 0.99 10.09
C ILE G 221 -23.73 0.62 11.35
N PHE G 222 -22.41 0.49 11.22
CA PHE G 222 -21.58 0.05 12.32
C PHE G 222 -20.89 1.23 13.00
N LYS G 223 -20.67 1.08 14.30
CA LYS G 223 -19.94 2.05 15.12
C LYS G 223 -19.41 1.31 16.33
N GLY G 224 -18.10 1.32 16.51
CA GLY G 224 -17.49 0.61 17.61
C GLY G 224 -16.98 -0.75 17.19
N PRO G 225 -15.98 -1.26 17.91
CA PRO G 225 -15.36 -2.53 17.51
C PRO G 225 -16.27 -3.73 17.67
N GLY G 226 -16.96 -3.83 18.80
CA GLY G 226 -17.84 -4.95 19.06
C GLY G 226 -19.27 -4.51 19.30
N GLU G 227 -19.52 -3.22 19.10
CA GLU G 227 -20.80 -2.61 19.43
C GLU G 227 -21.88 -2.95 18.40
N MET G 228 -23.12 -2.98 18.88
CA MET G 228 -24.25 -3.30 18.02
C MET G 228 -24.44 -2.25 16.94
N PRO G 229 -24.81 -2.66 15.73
CA PRO G 229 -25.02 -1.71 14.63
C PRO G 229 -26.43 -1.13 14.62
N GLU G 230 -26.55 0.01 13.95
CA GLU G 230 -27.85 0.62 13.71
C GLU G 230 -28.47 -0.03 12.47
N ILE G 231 -29.73 -0.45 12.58
CA ILE G 231 -30.43 -1.10 11.48
C ILE G 231 -31.38 -0.06 10.90
N ARG G 232 -31.01 0.49 9.74
CA ARG G 232 -31.80 1.48 9.03
C ARG G 232 -32.45 0.85 7.80
N SER G 233 -33.32 1.63 7.17
CA SER G 233 -34.00 1.20 5.96
C SER G 233 -33.12 1.46 4.74
N TYR G 234 -33.20 0.54 3.77
CA TYR G 234 -32.40 0.67 2.55
C TYR G 234 -32.73 1.94 1.80
N MET G 235 -34.00 2.35 1.80
CA MET G 235 -34.40 3.55 1.07
C MET G 235 -33.79 4.82 1.63
N GLU G 236 -33.24 4.78 2.85
CA GLU G 236 -32.58 5.95 3.40
C GLU G 236 -31.30 6.30 2.65
N GLU G 237 -30.73 5.35 1.90
CA GLU G 237 -29.55 5.60 1.08
C GLU G 237 -29.87 5.52 -0.41
N PHE G 238 -31.14 5.64 -0.79
CA PHE G 238 -31.49 5.63 -2.20
C PHE G 238 -30.85 6.82 -2.90
N PRO G 239 -30.08 6.59 -3.97
CA PRO G 239 -29.26 7.68 -4.55
C PRO G 239 -30.04 8.70 -5.36
N PHE G 240 -31.35 8.57 -5.49
CA PHE G 240 -32.15 9.52 -6.27
C PHE G 240 -33.03 10.33 -5.34
N PRO G 241 -32.89 11.66 -5.32
CA PRO G 241 -33.72 12.47 -4.41
C PRO G 241 -35.18 12.53 -4.82
N TYR G 242 -35.49 12.49 -6.12
CA TYR G 242 -36.87 12.58 -6.59
C TYR G 242 -37.30 11.22 -7.11
N TYR G 243 -38.32 10.64 -6.48
CA TYR G 243 -38.79 9.33 -6.85
C TYR G 243 -40.27 9.20 -6.51
N ILE G 244 -40.91 8.21 -7.13
CA ILE G 244 -42.23 7.75 -6.72
C ILE G 244 -42.17 6.24 -6.56
N ILE G 245 -43.08 5.72 -5.73
CA ILE G 245 -43.22 4.28 -5.53
C ILE G 245 -44.52 3.85 -6.19
N LEU G 246 -44.44 2.85 -7.07
CA LEU G 246 -45.59 2.37 -7.82
C LEU G 246 -45.84 0.91 -7.50
N ARG G 247 -46.93 0.64 -6.77
CA ARG G 247 -47.38 -0.73 -6.53
C ARG G 247 -48.43 -1.18 -7.53
N ASP G 248 -49.29 -0.27 -7.98
CA ASP G 248 -50.42 -0.60 -8.83
C ASP G 248 -50.50 0.44 -9.95
N VAL G 249 -50.59 -0.04 -11.19
CA VAL G 249 -50.60 0.87 -12.33
C VAL G 249 -51.83 1.77 -12.32
N ASN G 250 -52.91 1.34 -11.66
CA ASN G 250 -54.09 2.19 -11.49
C ASN G 250 -53.79 3.47 -10.72
N ALA G 251 -52.74 3.47 -9.89
CA ALA G 251 -52.35 4.65 -9.14
C ALA G 251 -51.33 5.51 -9.87
N LEU G 252 -50.84 5.06 -11.02
CA LEU G 252 -49.82 5.82 -11.73
C LEU G 252 -50.26 7.21 -12.20
N PRO G 253 -51.47 7.40 -12.78
CA PRO G 253 -51.83 8.76 -13.23
C PRO G 253 -51.86 9.78 -12.10
N GLU G 254 -52.46 9.44 -10.96
CA GLU G 254 -52.55 10.40 -9.86
C GLU G 254 -51.20 10.65 -9.22
N THR G 255 -50.36 9.61 -9.12
CA THR G 255 -49.07 9.74 -8.44
C THR G 255 -48.03 10.45 -9.31
N LEU G 256 -47.94 10.07 -10.59
CA LEU G 256 -46.90 10.64 -11.45
C LEU G 256 -47.20 12.09 -11.81
N SER G 257 -48.47 12.43 -12.03
CA SER G 257 -48.81 13.81 -12.37
C SER G 257 -48.53 14.75 -11.19
N ASP G 258 -48.77 14.28 -9.97
CA ASP G 258 -48.40 15.07 -8.79
C ASP G 258 -46.89 15.28 -8.71
N ALA G 259 -46.11 14.25 -9.07
CA ALA G 259 -44.65 14.35 -9.02
C ALA G 259 -44.12 15.31 -10.08
N LEU G 260 -44.76 15.36 -11.24
CA LEU G 260 -44.33 16.26 -12.31
C LEU G 260 -44.57 17.72 -12.00
N ARG G 261 -45.37 18.03 -10.97
CA ARG G 261 -45.53 19.42 -10.54
C ARG G 261 -44.17 20.06 -10.26
N GLN G 262 -43.28 19.33 -9.59
CA GLN G 262 -41.99 19.88 -9.24
C GLN G 262 -41.14 20.21 -10.46
N TRP G 263 -41.17 19.36 -11.48
CA TRP G 263 -40.43 19.67 -12.71
C TRP G 263 -41.00 20.90 -13.39
N PHE G 264 -42.34 20.99 -13.49
CA PHE G 264 -42.95 22.12 -14.19
C PHE G 264 -42.66 23.44 -13.48
N GLU G 265 -42.62 23.43 -12.14
CA GLU G 265 -42.34 24.66 -11.40
C GLU G 265 -40.92 25.15 -11.66
N LEU G 266 -39.96 24.24 -11.81
CA LEU G 266 -38.59 24.65 -12.11
C LEU G 266 -38.47 25.22 -13.51
N VAL G 267 -39.25 24.69 -14.46
CA VAL G 267 -39.15 25.11 -15.85
C VAL G 267 -39.59 26.56 -16.01
N THR G 268 -40.52 27.03 -15.18
CA THR G 268 -41.00 28.40 -15.31
C THR G 268 -40.10 29.40 -14.61
N ALA G 269 -39.39 28.98 -13.57
CA ALA G 269 -38.45 29.85 -12.87
C ALA G 269 -37.23 30.15 -13.75
N VAL H 9 -19.10 10.44 2.44
CA VAL H 9 -18.32 9.41 3.13
C VAL H 9 -18.54 8.06 2.43
N ALA H 10 -19.22 8.10 1.28
CA ALA H 10 -19.45 6.89 0.51
C ALA H 10 -18.17 6.42 -0.18
N ARG H 11 -18.03 5.11 -0.30
CA ARG H 11 -16.90 4.49 -0.96
C ARG H 11 -17.35 3.88 -2.28
N ASP H 12 -16.39 3.36 -3.04
CA ASP H 12 -16.68 2.68 -4.30
C ASP H 12 -16.52 1.17 -4.21
N VAL H 13 -16.55 0.59 -3.01
CA VAL H 13 -16.48 -0.86 -2.94
C VAL H 13 -17.88 -1.40 -3.22
N GLN H 14 -17.95 -2.62 -3.70
CA GLN H 14 -19.24 -3.18 -4.11
C GLN H 14 -20.17 -3.41 -2.92
N ARG H 15 -21.44 -3.10 -3.14
CA ARG H 15 -22.53 -3.42 -2.23
C ARG H 15 -23.53 -4.31 -2.97
N LEU H 16 -24.21 -5.16 -2.23
CA LEU H 16 -25.19 -6.07 -2.83
C LEU H 16 -26.20 -6.47 -1.78
N LEU H 17 -27.31 -7.05 -2.25
CA LEU H 17 -28.39 -7.49 -1.39
C LEU H 17 -28.12 -8.89 -0.88
N VAL H 18 -28.43 -9.12 0.40
CA VAL H 18 -28.12 -10.37 1.07
C VAL H 18 -29.34 -10.82 1.88
N GLN H 19 -29.52 -12.14 1.96
CA GLN H 19 -30.62 -12.74 2.73
C GLN H 19 -30.09 -13.86 3.61
N PHE H 20 -30.34 -13.76 4.91
CA PHE H 20 -29.92 -14.78 5.86
C PHE H 20 -30.95 -15.91 5.91
N GLN H 21 -30.46 -17.14 6.13
CA GLN H 21 -31.38 -18.27 6.23
C GLN H 21 -30.70 -19.42 6.99
N ASP H 22 -31.55 -20.35 7.43
CA ASP H 22 -31.14 -21.54 8.15
C ASP H 22 -30.37 -22.49 7.24
N GLU H 23 -29.78 -23.53 7.87
CA GLU H 23 -29.30 -24.68 7.11
C GLU H 23 -30.45 -25.40 6.43
N GLY H 24 -31.63 -25.40 7.06
CA GLY H 24 -32.84 -25.99 6.53
C GLY H 24 -33.64 -25.12 5.59
N GLY H 25 -33.22 -23.87 5.37
CA GLY H 25 -33.85 -23.01 4.39
C GLY H 25 -34.79 -21.97 4.94
N GLN H 26 -34.96 -21.89 6.26
CA GLN H 26 -35.88 -20.92 6.85
C GLN H 26 -35.25 -19.53 6.81
N LEU H 27 -35.91 -18.60 6.13
CA LEU H 27 -35.40 -17.25 5.99
C LEU H 27 -35.50 -16.49 7.31
N LEU H 28 -34.51 -15.64 7.55
CA LEU H 28 -34.46 -14.83 8.77
C LEU H 28 -34.47 -13.36 8.38
N GLY H 29 -35.53 -12.66 8.73
CA GLY H 29 -35.65 -11.26 8.39
C GLY H 29 -35.79 -11.01 6.91
N SER H 30 -35.69 -9.74 6.55
CA SER H 30 -35.76 -9.26 5.18
C SER H 30 -34.36 -9.04 4.63
N PRO H 31 -34.23 -8.85 3.31
CA PRO H 31 -32.88 -8.65 2.73
C PRO H 31 -32.17 -7.44 3.31
N PHE H 32 -30.84 -7.49 3.20
CA PHE H 32 -29.95 -6.46 3.72
C PHE H 32 -29.02 -5.98 2.62
N ASP H 33 -28.78 -4.67 2.56
CA ASP H 33 -27.74 -4.11 1.71
C ASP H 33 -26.44 -4.06 2.49
N VAL H 34 -25.38 -4.62 1.92
CA VAL H 34 -24.17 -4.89 2.69
C VAL H 34 -22.93 -4.64 1.83
N PRO H 35 -21.91 -3.97 2.36
CA PRO H 35 -20.64 -3.85 1.63
C PRO H 35 -19.95 -5.20 1.50
N VAL H 36 -19.23 -5.39 0.39
CA VAL H 36 -18.71 -6.70 0.06
C VAL H 36 -17.53 -7.08 0.95
N ASP H 37 -16.91 -6.11 1.64
CA ASP H 37 -15.82 -6.40 2.56
C ASP H 37 -16.32 -6.66 3.98
N ILE H 38 -17.61 -6.93 4.17
CA ILE H 38 -18.13 -7.22 5.49
C ILE H 38 -17.50 -8.51 6.02
N THR H 39 -17.20 -8.51 7.31
CA THR H 39 -16.53 -9.61 7.99
C THR H 39 -17.52 -10.56 8.63
N PRO H 40 -17.10 -11.80 8.95
CA PRO H 40 -17.98 -12.69 9.72
C PRO H 40 -18.36 -12.13 11.08
N ASP H 41 -17.49 -11.34 11.70
CA ASP H 41 -17.83 -10.72 12.98
C ASP H 41 -18.98 -9.74 12.82
N ARG H 42 -18.97 -8.95 11.74
CA ARG H 42 -20.07 -8.02 11.51
C ARG H 42 -21.34 -8.72 11.09
N LEU H 43 -21.22 -9.84 10.35
CA LEU H 43 -22.39 -10.65 10.03
C LEU H 43 -23.01 -11.22 11.30
N GLN H 44 -22.20 -11.54 12.29
CA GLN H 44 -22.71 -12.02 13.57
C GLN H 44 -23.52 -10.95 14.29
N LEU H 45 -23.05 -9.69 14.24
CA LEU H 45 -23.75 -8.61 14.92
C LEU H 45 -25.10 -8.33 14.30
N VAL H 46 -25.19 -8.37 12.97
CA VAL H 46 -26.49 -8.24 12.30
C VAL H 46 -27.37 -9.42 12.66
N CYS H 47 -26.82 -10.61 12.72
CA CYS H 47 -27.62 -11.80 13.03
C CYS H 47 -28.12 -11.76 14.47
N ASN H 48 -27.31 -11.22 15.39
CA ASN H 48 -27.76 -11.11 16.77
C ASN H 48 -28.96 -10.19 16.88
N ALA H 49 -28.98 -9.12 16.10
CA ALA H 49 -30.13 -8.22 16.08
C ALA H 49 -31.37 -8.93 15.58
N LEU H 50 -31.24 -9.73 14.52
CA LEU H 50 -32.41 -10.39 13.94
C LEU H 50 -32.95 -11.50 14.83
N LEU H 51 -32.08 -12.20 15.55
CA LEU H 51 -32.54 -13.30 16.38
C LEU H 51 -33.04 -12.82 17.75
N ALA H 52 -32.46 -11.74 18.26
CA ALA H 52 -32.89 -11.11 19.52
C ALA H 52 -33.01 -12.12 20.66
N GLN H 53 -31.89 -12.79 20.95
CA GLN H 53 -31.80 -13.73 22.05
C GLN H 53 -30.98 -13.11 23.17
N GLU H 54 -31.33 -13.49 24.41
CA GLU H 54 -30.66 -12.91 25.58
C GLU H 54 -29.15 -13.16 25.52
N ASP H 55 -28.74 -14.33 25.05
CA ASP H 55 -27.31 -14.64 24.85
C ASP H 55 -27.12 -15.24 23.47
N PRO H 56 -26.44 -14.56 22.56
CA PRO H 56 -26.31 -15.02 21.18
C PRO H 56 -25.30 -16.16 21.02
N LEU H 57 -25.70 -17.18 20.28
CA LEU H 57 -24.78 -18.28 19.98
C LEU H 57 -23.73 -17.84 18.95
N PRO H 58 -22.50 -18.34 19.08
CA PRO H 58 -21.51 -18.09 18.01
C PRO H 58 -21.94 -18.77 16.73
N LEU H 59 -21.72 -18.08 15.61
CA LEU H 59 -22.29 -18.50 14.34
C LEU H 59 -21.21 -18.56 13.26
N ALA H 60 -21.42 -19.45 12.29
CA ALA H 60 -20.61 -19.53 11.08
C ALA H 60 -21.48 -19.21 9.87
N PHE H 61 -20.87 -18.66 8.83
CA PHE H 61 -21.60 -18.14 7.68
C PHE H 61 -21.08 -18.75 6.39
N PHE H 62 -22.00 -19.12 5.49
CA PHE H 62 -21.67 -19.81 4.26
C PHE H 62 -22.46 -19.22 3.10
N VAL H 63 -21.79 -19.01 1.97
CA VAL H 63 -22.45 -18.64 0.72
C VAL H 63 -22.08 -19.68 -0.34
N HIS H 64 -23.09 -20.39 -0.84
CA HIS H 64 -22.89 -21.46 -1.82
C HIS H 64 -21.90 -22.51 -1.32
N ASP H 65 -22.10 -22.94 -0.07
CA ASP H 65 -21.35 -24.00 0.58
C ASP H 65 -19.88 -23.67 0.82
N ALA H 66 -19.49 -22.40 0.65
CA ALA H 66 -18.15 -21.94 0.97
C ALA H 66 -18.22 -20.99 2.17
N GLU H 67 -17.40 -21.26 3.19
CA GLU H 67 -17.46 -20.45 4.40
C GLU H 67 -16.85 -19.07 4.17
N ILE H 68 -17.49 -18.05 4.75
CA ILE H 68 -16.98 -16.70 4.76
C ILE H 68 -16.02 -16.59 5.95
N VAL H 69 -14.74 -16.42 5.68
CA VAL H 69 -13.70 -16.45 6.70
C VAL H 69 -13.13 -15.07 6.99
N SER H 70 -12.73 -14.34 5.96
CA SER H 70 -12.18 -13.00 6.11
C SER H 70 -13.15 -11.91 5.65
N SER H 71 -13.74 -12.08 4.47
CA SER H 71 -14.72 -11.11 3.98
C SER H 71 -15.61 -11.81 2.95
N LEU H 72 -16.81 -11.26 2.78
CA LEU H 72 -17.74 -11.79 1.78
C LEU H 72 -17.14 -11.74 0.38
N GLY H 73 -16.50 -10.63 0.03
CA GLY H 73 -15.93 -10.50 -1.31
C GLY H 73 -14.86 -11.52 -1.60
N LYS H 74 -14.01 -11.82 -0.61
CA LYS H 74 -12.93 -12.77 -0.82
C LYS H 74 -13.44 -14.15 -1.22
N THR H 75 -14.48 -14.64 -0.52
CA THR H 75 -15.04 -15.94 -0.88
C THR H 75 -15.74 -15.90 -2.24
N LEU H 76 -16.42 -14.78 -2.54
CA LEU H 76 -17.08 -14.67 -3.84
C LEU H 76 -16.09 -14.64 -4.99
N GLU H 77 -14.84 -14.25 -4.72
CA GLU H 77 -13.82 -14.24 -5.78
C GLU H 77 -13.60 -15.63 -6.36
N SER H 78 -13.85 -16.68 -5.57
CA SER H 78 -13.67 -18.06 -6.00
C SER H 78 -14.93 -18.67 -6.59
N GLN H 79 -15.97 -17.88 -6.86
CA GLN H 79 -17.23 -18.38 -7.38
C GLN H 79 -17.65 -17.61 -8.62
N ALA H 80 -18.47 -18.27 -9.44
CA ALA H 80 -19.11 -17.64 -10.60
C ALA H 80 -20.56 -17.36 -10.22
N VAL H 81 -20.79 -16.17 -9.69
CA VAL H 81 -22.09 -15.81 -9.10
C VAL H 81 -22.88 -14.97 -10.09
N GLU H 82 -24.20 -15.17 -10.08
CA GLU H 82 -25.13 -14.33 -10.85
C GLU H 82 -25.43 -13.12 -9.97
N THR H 83 -24.80 -11.99 -10.29
CA THR H 83 -24.84 -10.82 -9.42
C THR H 83 -26.23 -10.20 -9.31
N GLU H 84 -27.12 -10.49 -10.26
CA GLU H 84 -28.43 -9.87 -10.25
C GLU H 84 -29.32 -10.42 -9.14
N LYS H 85 -29.08 -11.66 -8.70
CA LYS H 85 -29.90 -12.29 -7.68
C LYS H 85 -29.50 -11.84 -6.27
N VAL H 86 -30.45 -11.97 -5.34
CA VAL H 86 -30.16 -11.74 -3.93
C VAL H 86 -29.35 -12.91 -3.40
N LEU H 87 -28.21 -12.59 -2.78
CA LEU H 87 -27.28 -13.62 -2.31
C LEU H 87 -27.77 -14.21 -1.00
N ASP H 88 -27.98 -15.52 -0.97
CA ASP H 88 -28.38 -16.20 0.25
C ASP H 88 -27.15 -16.51 1.10
N ILE H 89 -27.19 -16.12 2.36
CA ILE H 89 -26.13 -16.41 3.32
C ILE H 89 -26.69 -17.38 4.35
N ILE H 90 -26.09 -18.56 4.41
CA ILE H 90 -26.51 -19.59 5.34
C ILE H 90 -25.70 -19.48 6.62
N TYR H 91 -26.38 -19.50 7.76
CA TYR H 91 -25.72 -19.44 9.06
C TYR H 91 -25.96 -20.74 9.80
N GLN H 92 -24.98 -21.13 10.61
CA GLN H 92 -25.08 -22.33 11.43
C GLN H 92 -24.26 -22.12 12.69
N PRO H 93 -24.67 -22.72 13.80
CA PRO H 93 -23.89 -22.56 15.04
C PRO H 93 -22.52 -23.23 14.92
N GLN H 94 -21.54 -22.59 15.55
CA GLN H 94 -20.20 -23.15 15.56
C GLN H 94 -20.17 -24.41 16.41
N ALA H 95 -19.15 -25.23 16.20
CA ALA H 95 -19.06 -26.51 16.87
C ALA H 95 -18.65 -26.34 18.33
N ILE H 96 -19.00 -27.34 19.14
CA ILE H 96 -18.52 -27.49 20.51
C ILE H 96 -17.67 -28.73 20.56
N PHE H 97 -16.41 -28.59 20.99
CA PHE H 97 -15.44 -29.67 20.86
C PHE H 97 -15.48 -30.64 22.05
N ARG H 98 -14.32 -31.20 22.38
CA ARG H 98 -14.18 -32.27 23.37
C ARG H 98 -14.93 -33.51 22.91
MG MG I . -2.48 8.67 -21.16
MG MG J . 28.91 25.41 10.06
MG MG K . 18.69 -32.23 17.70
MG MG L . -31.53 -5.10 -11.74
#